data_1Z10
#
_entry.id   1Z10
#
_cell.length_a   70.615
_cell.length_b   157.591
_cell.length_c   103.541
_cell.angle_alpha   90.00
_cell.angle_beta   92.25
_cell.angle_gamma   90.00
#
_symmetry.space_group_name_H-M   'P 1 21 1'
#
loop_
_entity.id
_entity.type
_entity.pdbx_description
1 polymer 'cytochrome P450, family 2, subfamily A, polypeptide 6'
2 non-polymer 'PROTOPORPHYRIN IX CONTAINING FE'
3 non-polymer COUMARIN
4 non-polymer GLYCEROL
5 water water
#
_entity_poly.entity_id   1
_entity_poly.type   'polypeptide(L)'
_entity_poly.pdbx_seq_one_letter_code
;MAKKTSSKGKLPPGPTPLPFIGNYLQLNTEQMYNSLMKISERYGPVFTIHLGPRRVVVLCGHDAVREALVDQAEEFSGRG
EQATFDWVFKGYGVVFSNGERAKQLRRFSIATLRDFGVGKRGIEERIQEEAGFLIDALRGTGGANIDPTFFLSRTVSNVI
SSIVFGDRFDYKDKEFLSLLRMMLGIFQFTSTSTGQLYEMFSSVMKHLPGPQQQAFQLLQGLEDFIAKKVEHNQRTLDPN
SPRDFIDSFLIRMQEEEKNPNTEFYLKNLVMTTLNLFIGGTETVSTTLRYGFLLLMKHPEVEAKVHEEIDRVIGKNRQPK
FEDRAKMPYMEAVIHEIQRFGDVIPMSLARRVKKDTKFRDFFLPKGTEVYPMLGSVLRDPSFFSNPQDFNPQHFLNEKGQ
FKKSDAFVPFSIGKRNCFGEGLARMELFLFFTTVMQNFRLKSSQSPKDIDVSPKHVGFATIPRNYTMSFLPRHHHH
;
_entity_poly.pdbx_strand_id   A,B,C,D
#
# COMPACT_ATOMS: atom_id res chain seq x y z
N LYS A 8 -9.89 27.74 -23.34
CA LYS A 8 -9.04 26.51 -23.51
C LYS A 8 -9.89 25.24 -23.67
N GLY A 9 -10.86 25.06 -22.76
CA GLY A 9 -11.72 23.87 -22.81
C GLY A 9 -11.03 22.65 -22.24
N LYS A 10 -10.22 22.88 -21.20
CA LYS A 10 -9.51 21.83 -20.52
C LYS A 10 -9.84 21.92 -19.02
N LEU A 11 -9.55 20.85 -18.32
CA LEU A 11 -9.75 20.76 -16.89
C LEU A 11 -8.75 21.73 -16.27
N PRO A 12 -9.01 22.22 -15.05
CA PRO A 12 -8.04 23.14 -14.42
C PRO A 12 -6.66 22.47 -14.36
N PRO A 13 -5.57 23.27 -14.42
CA PRO A 13 -4.25 22.64 -14.37
C PRO A 13 -3.93 22.07 -12.99
N GLY A 14 -2.99 21.14 -12.92
CA GLY A 14 -2.64 20.59 -11.62
C GLY A 14 -1.48 19.63 -11.71
N PRO A 15 -0.95 19.18 -10.58
CA PRO A 15 0.18 18.25 -10.65
C PRO A 15 -0.24 16.93 -11.30
N THR A 16 0.73 16.32 -11.97
CA THR A 16 0.51 15.10 -12.71
C THR A 16 0.33 13.92 -11.75
N PRO A 17 -0.82 13.24 -11.86
CA PRO A 17 -1.22 12.10 -11.05
C PRO A 17 -0.62 10.81 -11.53
N LEU A 18 -0.37 9.91 -10.60
CA LEU A 18 0.14 8.56 -10.87
C LEU A 18 -1.13 7.62 -10.86
N PRO A 19 -1.06 6.48 -11.53
CA PRO A 19 -2.24 5.58 -11.54
C PRO A 19 -2.70 5.15 -10.15
N PHE A 20 -4.01 5.29 -9.91
CA PHE A 20 -4.65 4.92 -8.66
C PHE A 20 -4.31 5.80 -7.48
N ILE A 21 -3.02 5.98 -7.15
CA ILE A 21 -2.70 6.85 -6.03
C ILE A 21 -2.93 8.35 -6.31
N GLY A 22 -3.17 8.74 -7.55
CA GLY A 22 -3.44 10.14 -7.80
C GLY A 22 -2.25 11.03 -7.45
N ASN A 23 -2.48 12.04 -6.62
CA ASN A 23 -1.42 12.99 -6.22
C ASN A 23 -1.01 12.74 -4.80
N TYR A 24 -1.31 11.54 -4.34
CA TYR A 24 -0.96 11.18 -3.00
C TYR A 24 0.49 11.54 -2.55
N LEU A 25 1.45 11.39 -3.46
CA LEU A 25 2.85 11.63 -3.09
C LEU A 25 3.13 13.14 -2.91
N GLN A 26 2.26 13.98 -3.45
CA GLN A 26 2.39 15.46 -3.33
C GLN A 26 1.46 16.02 -2.23
N LEU A 27 0.96 15.14 -1.35
CA LEU A 27 0.04 15.57 -0.31
C LEU A 27 0.44 15.00 1.03
N ASN A 28 0.05 15.67 2.11
CA ASN A 28 0.31 15.20 3.47
C ASN A 28 -1.10 14.97 4.07
N THR A 29 -1.48 13.72 4.31
CA THR A 29 -2.82 13.42 4.85
C THR A 29 -3.10 14.08 6.19
N GLU A 30 -2.05 14.39 6.96
CA GLU A 30 -2.25 15.07 8.25
C GLU A 30 -2.58 16.56 8.10
N GLN A 31 -2.32 17.12 6.91
CA GLN A 31 -2.56 18.54 6.65
C GLN A 31 -3.01 18.72 5.24
N MET A 32 -4.21 18.20 4.95
CA MET A 32 -4.76 18.31 3.61
C MET A 32 -4.95 19.76 3.19
N TYR A 33 -5.48 20.60 4.06
CA TYR A 33 -5.71 22.00 3.70
C TYR A 33 -4.40 22.69 3.29
N ASN A 34 -3.34 22.54 4.10
CA ASN A 34 -2.03 23.15 3.80
C ASN A 34 -1.39 22.57 2.54
N SER A 35 -1.60 21.27 2.29
CA SER A 35 -1.03 20.61 1.12
C SER A 35 -1.69 21.19 -0.15
N LEU A 36 -3.00 21.38 -0.12
CA LEU A 36 -3.69 21.91 -1.28
C LEU A 36 -3.39 23.41 -1.51
N MET A 37 -3.31 24.20 -0.44
CA MET A 37 -2.99 25.63 -0.56
C MET A 37 -1.58 25.77 -1.13
N LYS A 38 -0.65 24.92 -0.70
CA LYS A 38 0.71 25.00 -1.22
C LYS A 38 0.68 24.72 -2.75
N ILE A 39 -0.03 23.67 -3.16
CA ILE A 39 -0.16 23.34 -4.57
C ILE A 39 -0.85 24.51 -5.31
N SER A 40 -1.78 25.18 -4.64
CA SER A 40 -2.50 26.31 -5.22
C SER A 40 -1.58 27.49 -5.56
N GLU A 41 -0.55 27.67 -4.75
CA GLU A 41 0.38 28.73 -4.96
C GLU A 41 0.97 28.52 -6.36
N ARG A 42 1.21 27.27 -6.72
CA ARG A 42 1.79 26.98 -8.02
C ARG A 42 0.88 26.95 -9.22
N TYR A 43 -0.35 26.47 -9.07
CA TYR A 43 -1.26 26.36 -10.21
C TYR A 43 -2.34 27.38 -10.26
N GLY A 44 -2.56 28.09 -9.16
CA GLY A 44 -3.63 29.08 -9.18
C GLY A 44 -4.77 28.72 -8.23
N PRO A 45 -5.77 29.61 -8.06
CA PRO A 45 -6.91 29.38 -7.16
C PRO A 45 -7.85 28.26 -7.57
N VAL A 46 -7.80 27.86 -8.84
CA VAL A 46 -8.68 26.81 -9.31
C VAL A 46 -7.76 25.80 -9.93
N PHE A 47 -7.73 24.61 -9.33
CA PHE A 47 -6.86 23.60 -9.84
C PHE A 47 -7.46 22.19 -9.67
N THR A 48 -6.81 21.21 -10.29
CA THR A 48 -7.31 19.83 -10.24
C THR A 48 -6.32 19.02 -9.42
N ILE A 49 -6.86 18.20 -8.52
CA ILE A 49 -6.03 17.34 -7.70
C ILE A 49 -6.65 15.95 -7.84
N HIS A 50 -5.88 14.90 -7.62
CA HIS A 50 -6.43 13.55 -7.71
C HIS A 50 -6.27 12.94 -6.35
N LEU A 51 -7.37 12.82 -5.62
CA LEU A 51 -7.29 12.27 -4.29
C LEU A 51 -7.43 10.76 -4.47
N GLY A 52 -6.29 10.07 -4.62
CA GLY A 52 -6.36 8.66 -4.96
C GLY A 52 -7.00 8.73 -6.33
N PRO A 53 -7.98 7.85 -6.65
CA PRO A 53 -8.62 7.89 -7.97
C PRO A 53 -9.66 9.02 -8.18
N ARG A 54 -9.98 9.80 -7.14
CA ARG A 54 -10.99 10.86 -7.26
C ARG A 54 -10.39 12.14 -7.82
N ARG A 55 -10.90 12.53 -8.98
CA ARG A 55 -10.50 13.75 -9.63
C ARG A 55 -11.38 14.84 -9.06
N VAL A 56 -10.74 15.85 -8.50
CA VAL A 56 -11.40 16.94 -7.82
C VAL A 56 -10.85 18.33 -8.23
N VAL A 57 -11.74 19.24 -8.53
CA VAL A 57 -11.38 20.61 -8.85
C VAL A 57 -11.48 21.33 -7.51
N VAL A 58 -10.37 21.94 -7.09
CA VAL A 58 -10.24 22.69 -5.84
C VAL A 58 -10.41 24.21 -6.13
N LEU A 59 -11.27 24.85 -5.34
CA LEU A 59 -11.62 26.26 -5.48
C LEU A 59 -11.07 26.96 -4.24
N CYS A 60 -10.11 27.89 -4.43
CA CYS A 60 -9.52 28.61 -3.29
C CYS A 60 -9.84 30.10 -3.34
N GLY A 61 -10.15 30.70 -2.19
CA GLY A 61 -10.42 32.14 -2.14
C GLY A 61 -11.88 32.44 -2.39
N HIS A 62 -12.31 33.59 -1.92
CA HIS A 62 -13.68 34.01 -2.05
C HIS A 62 -14.25 34.01 -3.48
N ASP A 63 -13.57 34.74 -4.36
CA ASP A 63 -13.99 34.88 -5.73
C ASP A 63 -14.23 33.54 -6.44
N ALA A 64 -13.26 32.62 -6.41
CA ALA A 64 -13.45 31.33 -7.08
C ALA A 64 -14.65 30.61 -6.47
N VAL A 65 -14.69 30.58 -5.14
CA VAL A 65 -15.77 29.90 -4.45
C VAL A 65 -17.13 30.49 -4.78
N ARG A 66 -17.26 31.82 -4.68
CA ARG A 66 -18.58 32.41 -4.96
C ARG A 66 -19.02 32.31 -6.44
N GLU A 67 -18.05 32.50 -7.35
CA GLU A 67 -18.32 32.42 -8.78
C GLU A 67 -18.90 31.06 -9.13
N ALA A 68 -18.35 30.02 -8.47
CA ALA A 68 -18.85 28.67 -8.75
C ALA A 68 -20.15 28.37 -8.05
N LEU A 69 -20.10 28.35 -6.71
CA LEU A 69 -21.28 27.98 -5.96
C LEU A 69 -22.49 28.93 -6.03
N VAL A 70 -22.26 30.21 -6.31
CA VAL A 70 -23.39 31.12 -6.41
C VAL A 70 -23.65 31.56 -7.88
N ASP A 71 -22.62 32.08 -8.56
CA ASP A 71 -22.83 32.52 -9.95
C ASP A 71 -23.19 31.35 -10.88
N GLN A 72 -22.69 30.15 -10.59
CA GLN A 72 -23.10 28.97 -11.37
C GLN A 72 -23.70 27.95 -10.40
N ALA A 73 -24.54 28.44 -9.49
CA ALA A 73 -25.19 27.63 -8.44
C ALA A 73 -25.78 26.30 -8.89
N GLU A 74 -26.56 26.31 -9.98
CA GLU A 74 -27.16 25.06 -10.43
C GLU A 74 -26.08 24.10 -10.99
N GLU A 75 -25.11 24.63 -11.72
CA GLU A 75 -24.06 23.78 -12.29
C GLU A 75 -23.25 23.10 -11.16
N PHE A 76 -23.01 23.82 -10.06
CA PHE A 76 -22.25 23.28 -8.92
C PHE A 76 -23.11 22.72 -7.78
N SER A 77 -24.38 22.47 -8.06
CA SER A 77 -25.31 22.00 -7.04
C SER A 77 -25.33 20.50 -6.78
N GLY A 78 -24.46 19.73 -7.44
CA GLY A 78 -24.43 18.30 -7.15
C GLY A 78 -23.68 18.03 -5.85
N ARG A 79 -23.84 16.84 -5.26
CA ARG A 79 -23.17 16.46 -3.99
C ARG A 79 -22.04 15.51 -4.30
N GLY A 80 -20.85 15.85 -3.82
CA GLY A 80 -19.69 14.99 -4.02
C GLY A 80 -19.62 13.96 -2.91
N GLU A 81 -18.45 13.37 -2.68
CA GLU A 81 -18.44 12.37 -1.60
C GLU A 81 -17.58 12.69 -0.37
N GLN A 82 -17.89 11.99 0.71
CA GLN A 82 -17.11 12.07 1.94
C GLN A 82 -17.15 10.56 2.27
N ALA A 83 -16.00 9.89 2.05
CA ALA A 83 -16.01 8.44 2.14
C ALA A 83 -16.35 7.82 3.45
N THR A 84 -15.91 8.42 4.54
CA THR A 84 -16.18 7.88 5.86
C THR A 84 -17.71 7.92 6.11
N PHE A 85 -18.31 9.05 5.79
CA PHE A 85 -19.76 9.14 5.99
C PHE A 85 -20.53 8.29 5.00
N ASP A 86 -20.04 8.17 3.75
CA ASP A 86 -20.75 7.39 2.75
C ASP A 86 -20.75 5.92 3.14
N TRP A 87 -19.81 5.51 4.00
CA TRP A 87 -19.80 4.13 4.47
C TRP A 87 -21.18 3.75 5.09
N VAL A 88 -21.75 4.63 5.93
CA VAL A 88 -23.05 4.33 6.52
C VAL A 88 -24.21 4.88 5.63
N PHE A 89 -24.04 6.06 5.02
CA PHE A 89 -25.16 6.59 4.24
C PHE A 89 -25.41 5.97 2.90
N LYS A 90 -24.35 5.53 2.23
CA LYS A 90 -24.52 4.91 0.94
C LYS A 90 -25.41 5.70 -0.03
N GLY A 91 -25.33 7.02 0.01
CA GLY A 91 -26.13 7.81 -0.94
C GLY A 91 -27.61 8.03 -0.55
N TYR A 92 -28.04 7.54 0.61
CA TYR A 92 -29.42 7.80 1.05
C TYR A 92 -29.43 8.97 2.05
N GLY A 93 -30.60 9.51 2.39
CA GLY A 93 -30.62 10.54 3.39
C GLY A 93 -30.39 11.88 2.68
N VAL A 94 -30.67 12.97 3.34
CA VAL A 94 -30.58 14.28 2.70
C VAL A 94 -29.22 14.88 2.38
N VAL A 95 -28.23 14.65 3.24
CA VAL A 95 -26.92 15.26 3.00
C VAL A 95 -26.11 14.66 1.85
N PHE A 96 -25.97 13.34 1.84
CA PHE A 96 -25.20 12.72 0.82
C PHE A 96 -25.92 12.24 -0.41
N SER A 97 -27.16 12.67 -0.59
CA SER A 97 -27.89 12.23 -1.75
C SER A 97 -27.74 13.23 -2.90
N ASN A 98 -28.23 12.81 -4.05
CA ASN A 98 -28.18 13.65 -5.23
C ASN A 98 -29.49 13.65 -5.95
N GLY A 99 -29.60 14.48 -6.98
CA GLY A 99 -30.78 14.54 -7.81
C GLY A 99 -32.15 14.65 -7.14
N GLU A 100 -33.12 13.92 -7.67
CA GLU A 100 -34.48 13.92 -7.15
C GLU A 100 -34.53 13.54 -5.67
N ARG A 101 -33.73 12.55 -5.30
CA ARG A 101 -33.72 12.12 -3.91
C ARG A 101 -33.35 13.30 -2.99
N ALA A 102 -32.27 14.00 -3.32
CA ALA A 102 -31.82 15.12 -2.50
C ALA A 102 -32.91 16.21 -2.51
N LYS A 103 -33.39 16.53 -3.70
CA LYS A 103 -34.40 17.57 -3.87
C LYS A 103 -35.65 17.36 -2.94
N GLN A 104 -36.14 16.13 -2.94
CA GLN A 104 -37.31 15.72 -2.17
C GLN A 104 -37.08 15.78 -0.67
N LEU A 105 -36.00 15.12 -0.24
CA LEU A 105 -35.64 15.05 1.16
C LEU A 105 -35.26 16.43 1.64
N ARG A 106 -34.66 17.25 0.82
CA ARG A 106 -34.31 18.57 1.37
C ARG A 106 -35.57 19.46 1.57
N ARG A 107 -36.45 19.43 0.58
CA ARG A 107 -37.67 20.26 0.68
C ARG A 107 -38.50 19.80 1.88
N PHE A 108 -38.62 18.50 2.05
CA PHE A 108 -39.36 17.98 3.17
C PHE A 108 -38.71 18.33 4.52
N SER A 109 -37.38 18.23 4.59
CA SER A 109 -36.69 18.51 5.83
C SER A 109 -36.78 19.95 6.24
N ILE A 110 -36.66 20.85 5.31
CA ILE A 110 -36.76 22.23 5.69
C ILE A 110 -38.20 22.53 6.18
N ALA A 111 -39.18 21.99 5.47
CA ALA A 111 -40.57 22.26 5.86
C ALA A 111 -40.83 21.69 7.22
N THR A 112 -40.43 20.44 7.42
CA THR A 112 -40.68 19.83 8.70
C THR A 112 -39.94 20.53 9.85
N LEU A 113 -38.68 20.92 9.67
CA LEU A 113 -38.01 21.65 10.75
C LEU A 113 -38.85 22.94 11.08
N ARG A 114 -39.35 23.67 10.06
CA ARG A 114 -40.18 24.85 10.36
C ARG A 114 -41.45 24.52 11.14
N ASP A 115 -42.13 23.46 10.74
CA ASP A 115 -43.33 23.05 11.46
C ASP A 115 -43.04 22.75 12.93
N PHE A 116 -41.79 22.41 13.22
CA PHE A 116 -41.45 22.11 14.62
C PHE A 116 -40.81 23.30 15.32
N GLY A 117 -41.01 24.49 14.75
CA GLY A 117 -40.52 25.72 15.38
C GLY A 117 -39.20 26.34 14.97
N VAL A 118 -38.45 25.73 14.06
CA VAL A 118 -37.16 26.32 13.67
C VAL A 118 -37.50 27.64 12.98
N GLY A 119 -36.76 28.69 13.35
CA GLY A 119 -36.99 30.03 12.84
C GLY A 119 -38.17 30.72 13.52
N LYS A 120 -38.71 30.11 14.59
CA LYS A 120 -39.86 30.70 15.28
C LYS A 120 -39.71 30.70 16.81
N ARG A 121 -40.71 31.26 17.49
CA ARG A 121 -40.69 31.38 18.94
C ARG A 121 -40.59 29.99 19.56
N GLY A 122 -41.20 28.99 18.94
CA GLY A 122 -41.19 27.61 19.44
C GLY A 122 -39.77 27.10 19.71
N ILE A 123 -38.91 27.13 18.71
CA ILE A 123 -37.56 26.64 18.95
C ILE A 123 -36.76 27.62 19.82
N GLU A 124 -37.05 28.92 19.73
CA GLU A 124 -36.33 29.87 20.59
C GLU A 124 -36.59 29.53 22.07
N GLU A 125 -37.83 29.21 22.44
CA GLU A 125 -38.11 28.90 23.83
C GLU A 125 -37.42 27.59 24.20
N ARG A 126 -37.38 26.63 23.27
CA ARG A 126 -36.69 25.33 23.50
C ARG A 126 -35.18 25.59 23.77
N ILE A 127 -34.54 26.41 22.94
CA ILE A 127 -33.12 26.72 23.15
C ILE A 127 -32.92 27.48 24.50
N GLN A 128 -33.77 28.45 24.81
CA GLN A 128 -33.62 29.17 26.10
C GLN A 128 -33.77 28.21 27.25
N GLU A 129 -34.74 27.31 27.15
CA GLU A 129 -34.92 26.34 28.22
C GLU A 129 -33.65 25.45 28.38
N GLU A 130 -33.07 24.99 27.28
CA GLU A 130 -31.93 24.12 27.34
C GLU A 130 -30.72 24.89 27.81
N ALA A 131 -30.65 26.17 27.43
CA ALA A 131 -29.56 27.03 27.90
C ALA A 131 -29.62 27.16 29.43
N GLY A 132 -30.83 27.18 29.97
CA GLY A 132 -31.00 27.25 31.40
C GLY A 132 -30.48 25.95 32.04
N PHE A 133 -30.70 24.82 31.36
CA PHE A 133 -30.21 23.53 31.88
C PHE A 133 -28.67 23.53 31.80
N LEU A 134 -28.10 24.17 30.78
CA LEU A 134 -26.64 24.24 30.69
C LEU A 134 -26.11 25.09 31.89
N ILE A 135 -26.80 26.19 32.18
CA ILE A 135 -26.38 27.04 33.28
C ILE A 135 -26.42 26.26 34.60
N ASP A 136 -27.50 25.51 34.83
CA ASP A 136 -27.64 24.70 36.06
C ASP A 136 -26.41 23.75 36.13
N ALA A 137 -26.14 23.04 35.01
CA ALA A 137 -25.04 22.06 34.93
C ALA A 137 -23.72 22.71 35.23
N LEU A 138 -23.48 23.90 34.68
CA LEU A 138 -22.25 24.60 34.96
C LEU A 138 -22.11 25.07 36.42
N ARG A 139 -23.24 25.44 37.05
CA ARG A 139 -23.20 25.88 38.45
C ARG A 139 -22.93 24.62 39.27
N GLY A 140 -23.43 23.49 38.78
CA GLY A 140 -23.22 22.20 39.43
C GLY A 140 -21.74 21.82 39.59
N THR A 141 -20.87 22.36 38.74
CA THR A 141 -19.43 22.07 38.84
C THR A 141 -18.73 22.84 39.98
N GLY A 142 -19.44 23.79 40.58
CA GLY A 142 -18.90 24.59 41.67
C GLY A 142 -17.63 25.37 41.33
N GLY A 143 -17.46 25.76 40.06
CA GLY A 143 -16.26 26.50 39.75
C GLY A 143 -15.04 25.63 39.60
N ALA A 144 -15.22 24.31 39.64
CA ALA A 144 -14.11 23.34 39.50
C ALA A 144 -13.57 23.30 38.06
N ASN A 145 -12.27 23.07 37.90
CA ASN A 145 -11.75 22.96 36.56
C ASN A 145 -12.33 21.71 35.90
N ILE A 146 -12.97 21.87 34.72
CA ILE A 146 -13.61 20.75 34.02
C ILE A 146 -13.29 20.71 32.52
N ASP A 147 -13.61 19.58 31.88
CA ASP A 147 -13.45 19.46 30.44
C ASP A 147 -14.88 19.90 29.97
N PRO A 148 -14.99 21.02 29.28
CA PRO A 148 -16.34 21.44 28.84
C PRO A 148 -17.03 20.66 27.75
N THR A 149 -16.27 19.80 27.07
CA THR A 149 -16.74 19.06 25.90
C THR A 149 -18.17 18.51 25.90
N PHE A 150 -18.48 17.64 26.84
CA PHE A 150 -19.80 17.04 26.89
C PHE A 150 -20.88 17.87 27.55
N PHE A 151 -20.46 18.89 28.31
CA PHE A 151 -21.43 19.81 28.92
C PHE A 151 -22.08 20.54 27.74
N LEU A 152 -21.22 20.99 26.83
CA LEU A 152 -21.68 21.72 25.63
C LEU A 152 -22.45 20.84 24.65
N SER A 153 -21.89 19.65 24.34
CA SER A 153 -22.56 18.81 23.35
C SER A 153 -23.90 18.26 23.83
N ARG A 154 -24.03 17.99 25.13
CA ARG A 154 -25.29 17.48 25.67
C ARG A 154 -26.38 18.56 25.46
N THR A 155 -26.02 19.81 25.76
CA THR A 155 -26.95 20.95 25.63
C THR A 155 -27.36 21.20 24.15
N VAL A 156 -26.38 21.27 23.28
CA VAL A 156 -26.62 21.47 21.85
C VAL A 156 -27.45 20.31 21.28
N SER A 157 -27.00 19.08 21.56
CA SER A 157 -27.71 17.93 21.00
C SER A 157 -29.18 17.87 21.37
N ASN A 158 -29.47 18.29 22.59
CA ASN A 158 -30.84 18.26 23.07
C ASN A 158 -31.79 19.19 22.26
N VAL A 159 -31.25 20.17 21.57
CA VAL A 159 -32.11 21.06 20.77
C VAL A 159 -32.58 20.26 19.55
N ILE A 160 -31.66 19.79 18.70
CA ILE A 160 -32.10 19.02 17.52
C ILE A 160 -32.75 17.71 17.97
N SER A 161 -32.32 17.15 19.10
CA SER A 161 -32.92 15.90 19.55
C SER A 161 -34.44 16.13 19.84
N SER A 162 -34.74 17.27 20.41
CA SER A 162 -36.16 17.64 20.71
C SER A 162 -36.99 17.58 19.46
N ILE A 163 -36.44 18.08 18.36
CA ILE A 163 -37.16 18.09 17.10
C ILE A 163 -37.32 16.71 16.45
N VAL A 164 -36.23 15.97 16.29
CA VAL A 164 -36.32 14.69 15.64
C VAL A 164 -36.84 13.55 16.50
N PHE A 165 -36.58 13.56 17.80
CA PHE A 165 -37.06 12.46 18.65
C PHE A 165 -38.23 12.79 19.51
N GLY A 166 -38.64 14.06 19.48
CA GLY A 166 -39.78 14.50 20.25
C GLY A 166 -39.52 15.04 21.63
N ASP A 167 -38.35 14.75 22.22
CA ASP A 167 -38.02 15.27 23.55
C ASP A 167 -36.53 15.17 23.82
N ARG A 168 -36.10 15.85 24.88
CA ARG A 168 -34.70 15.86 25.23
C ARG A 168 -34.24 14.62 25.95
N PHE A 169 -32.91 14.42 25.96
CA PHE A 169 -32.32 13.32 26.73
C PHE A 169 -31.99 13.90 28.11
N ASP A 170 -32.01 13.04 29.14
CA ASP A 170 -31.63 13.43 30.49
C ASP A 170 -30.10 13.57 30.43
N TYR A 171 -29.52 14.54 31.11
CA TYR A 171 -28.05 14.74 31.07
C TYR A 171 -27.25 13.58 31.69
N LYS A 172 -27.95 12.79 32.50
CA LYS A 172 -27.40 11.64 33.16
C LYS A 172 -27.59 10.37 32.33
N ASP A 173 -28.33 10.46 31.22
CA ASP A 173 -28.58 9.28 30.38
C ASP A 173 -27.22 8.76 29.81
N LYS A 174 -26.80 7.55 30.22
CA LYS A 174 -25.53 6.98 29.73
C LYS A 174 -25.50 6.65 28.25
N GLU A 175 -26.64 6.24 27.67
CA GLU A 175 -26.68 5.95 26.24
C GLU A 175 -26.48 7.29 25.50
N PHE A 176 -27.09 8.37 26.01
CA PHE A 176 -26.94 9.71 25.42
C PHE A 176 -25.41 10.06 25.36
N LEU A 177 -24.70 9.90 26.47
CA LEU A 177 -23.26 10.22 26.44
C LEU A 177 -22.55 9.32 25.42
N SER A 178 -23.00 8.08 25.29
CA SER A 178 -22.43 7.16 24.35
C SER A 178 -22.58 7.69 22.91
N LEU A 179 -23.78 8.16 22.56
CA LEU A 179 -24.02 8.69 21.23
C LEU A 179 -23.11 9.92 21.00
N LEU A 180 -23.01 10.79 22.02
CA LEU A 180 -22.17 11.98 21.88
C LEU A 180 -20.71 11.54 21.62
N ARG A 181 -20.24 10.52 22.34
CA ARG A 181 -18.89 10.03 22.08
C ARG A 181 -18.76 9.50 20.66
N MET A 182 -19.82 8.89 20.11
CA MET A 182 -19.66 8.42 18.75
C MET A 182 -19.47 9.61 17.78
N MET A 183 -20.30 10.65 17.93
CA MET A 183 -20.18 11.82 17.09
C MET A 183 -18.85 12.52 17.19
N LEU A 184 -18.36 12.76 18.39
CA LEU A 184 -17.07 13.41 18.60
C LEU A 184 -16.01 12.53 17.97
N GLY A 185 -16.14 11.22 18.17
CA GLY A 185 -15.17 10.30 17.62
C GLY A 185 -15.13 10.30 16.11
N ILE A 186 -16.30 10.36 15.45
CA ILE A 186 -16.27 10.35 13.99
C ILE A 186 -15.71 11.68 13.42
N PHE A 187 -16.07 12.82 14.02
CA PHE A 187 -15.53 14.11 13.52
C PHE A 187 -14.01 14.09 13.77
N GLN A 188 -13.57 13.54 14.88
CA GLN A 188 -12.14 13.51 15.07
C GLN A 188 -11.47 12.62 14.00
N PHE A 189 -11.95 11.37 13.81
CA PHE A 189 -11.36 10.48 12.83
C PHE A 189 -11.27 11.12 11.42
N THR A 190 -12.36 11.77 10.97
CA THR A 190 -12.33 12.29 9.61
C THR A 190 -11.39 13.47 9.47
N SER A 191 -10.87 13.93 10.58
CA SER A 191 -9.95 15.08 10.59
C SER A 191 -8.48 14.65 10.83
N THR A 192 -8.27 13.35 11.03
CA THR A 192 -6.93 12.82 11.28
C THR A 192 -6.28 12.41 9.95
N SER A 193 -4.98 12.09 9.98
CA SER A 193 -4.35 11.67 8.74
C SER A 193 -4.99 10.38 8.19
N THR A 194 -5.30 9.39 9.02
CA THR A 194 -5.95 8.16 8.51
C THR A 194 -7.33 8.48 7.85
N GLY A 195 -8.09 9.34 8.49
CA GLY A 195 -9.36 9.74 7.92
C GLY A 195 -9.22 10.36 6.55
N GLN A 196 -8.18 11.20 6.34
CA GLN A 196 -8.01 11.80 5.04
C GLN A 196 -7.38 10.83 4.08
N LEU A 197 -6.65 9.86 4.60
CA LEU A 197 -6.08 8.82 3.75
C LEU A 197 -7.27 7.95 3.21
N TYR A 198 -8.22 7.73 4.10
CA TYR A 198 -9.40 6.99 3.75
C TYR A 198 -10.17 7.69 2.59
N GLU A 199 -10.19 9.04 2.57
CA GLU A 199 -10.88 9.76 1.48
C GLU A 199 -10.29 9.37 0.12
N MET A 200 -9.03 8.98 0.12
CA MET A 200 -8.36 8.55 -1.13
C MET A 200 -8.41 7.05 -1.36
N PHE A 201 -8.28 6.25 -0.32
CA PHE A 201 -8.18 4.81 -0.55
C PHE A 201 -9.21 3.90 0.06
N SER A 202 -10.40 4.45 0.23
CA SER A 202 -11.52 3.73 0.84
C SER A 202 -11.77 2.40 0.13
N SER A 203 -11.50 2.35 -1.17
CA SER A 203 -11.72 1.13 -1.97
C SER A 203 -10.93 -0.06 -1.38
N VAL A 204 -9.80 0.20 -0.75
CA VAL A 204 -9.06 -0.88 -0.14
C VAL A 204 -9.25 -0.87 1.36
N MET A 205 -9.12 0.31 1.94
CA MET A 205 -9.21 0.50 3.39
C MET A 205 -10.53 0.10 4.06
N LYS A 206 -11.64 0.22 3.34
CA LYS A 206 -12.90 -0.16 3.99
C LYS A 206 -12.88 -1.66 4.36
N HIS A 207 -12.03 -2.43 3.70
CA HIS A 207 -11.90 -3.87 3.92
C HIS A 207 -10.69 -4.29 4.79
N LEU A 208 -9.85 -3.33 5.18
CA LEU A 208 -8.67 -3.58 6.05
C LEU A 208 -8.81 -3.25 7.50
N PRO A 209 -8.02 -3.90 8.36
CA PRO A 209 -8.13 -3.54 9.76
C PRO A 209 -7.53 -2.14 9.94
N GLY A 210 -7.85 -1.51 11.06
CA GLY A 210 -7.32 -0.18 11.34
C GLY A 210 -8.32 0.77 11.94
N PRO A 211 -7.87 2.00 12.27
CA PRO A 211 -8.69 3.05 12.87
C PRO A 211 -10.03 3.25 12.15
N GLN A 212 -10.03 3.13 10.82
CA GLN A 212 -11.24 3.34 10.04
C GLN A 212 -12.33 2.35 10.47
N GLN A 213 -11.96 1.14 10.92
CA GLN A 213 -12.99 0.14 11.31
C GLN A 213 -13.72 0.55 12.61
N GLN A 214 -12.97 1.14 13.54
CA GLN A 214 -13.58 1.65 14.74
C GLN A 214 -14.48 2.86 14.40
N ALA A 215 -14.09 3.65 13.40
CA ALA A 215 -14.92 4.78 13.04
C ALA A 215 -16.25 4.20 12.50
N PHE A 216 -16.18 3.14 11.68
CA PHE A 216 -17.39 2.56 11.11
C PHE A 216 -18.33 2.08 12.21
N GLN A 217 -17.74 1.52 13.27
CA GLN A 217 -18.55 1.05 14.37
C GLN A 217 -19.24 2.23 15.07
N LEU A 218 -18.62 3.41 15.11
CA LEU A 218 -19.30 4.55 15.75
C LEU A 218 -20.51 4.95 14.89
N LEU A 219 -20.34 4.93 13.56
CA LEU A 219 -21.44 5.23 12.66
C LEU A 219 -22.57 4.20 12.77
N GLN A 220 -22.18 2.95 12.85
CA GLN A 220 -23.12 1.82 12.97
C GLN A 220 -23.90 1.97 14.29
N GLY A 221 -23.19 2.42 15.31
CA GLY A 221 -23.80 2.67 16.63
C GLY A 221 -24.88 3.72 16.53
N LEU A 222 -24.60 4.77 15.78
CA LEU A 222 -25.58 5.84 15.66
C LEU A 222 -26.76 5.38 14.80
N GLU A 223 -26.48 4.65 13.71
CA GLU A 223 -27.57 4.18 12.86
C GLU A 223 -28.51 3.25 13.64
N ASP A 224 -27.94 2.34 14.42
CA ASP A 224 -28.74 1.41 15.21
C ASP A 224 -29.63 2.16 16.16
N PHE A 225 -29.08 3.19 16.80
CA PHE A 225 -29.88 3.97 17.71
C PHE A 225 -31.07 4.61 17.00
N ILE A 226 -30.83 5.21 15.85
CA ILE A 226 -31.91 5.83 15.09
C ILE A 226 -32.93 4.75 14.65
N ALA A 227 -32.44 3.61 14.15
CA ALA A 227 -33.37 2.56 13.69
C ALA A 227 -34.27 2.04 14.81
N LYS A 228 -33.73 2.05 16.02
CA LYS A 228 -34.45 1.64 17.20
C LYS A 228 -35.51 2.71 17.53
N LYS A 229 -35.15 4.00 17.50
CA LYS A 229 -36.12 5.07 17.80
C LYS A 229 -37.25 5.12 16.79
N VAL A 230 -36.92 4.82 15.54
CA VAL A 230 -37.89 4.83 14.47
C VAL A 230 -38.91 3.70 14.69
N GLU A 231 -38.44 2.50 15.07
CA GLU A 231 -39.31 1.35 15.33
C GLU A 231 -40.29 1.70 16.43
N HIS A 232 -39.80 2.28 17.51
CA HIS A 232 -40.66 2.67 18.62
C HIS A 232 -41.73 3.69 18.19
N ASN A 233 -41.33 4.74 17.47
CA ASN A 233 -42.29 5.71 17.00
C ASN A 233 -43.33 5.02 16.11
N GLN A 234 -42.88 4.10 15.28
CA GLN A 234 -43.75 3.35 14.37
C GLN A 234 -44.89 2.60 15.04
N ARG A 235 -44.58 1.87 16.12
CA ARG A 235 -45.62 1.11 16.77
C ARG A 235 -46.39 1.92 17.81
N THR A 236 -46.30 3.24 17.72
CA THR A 236 -47.01 4.10 18.66
C THR A 236 -47.49 5.34 17.93
N LEU A 237 -47.37 5.33 16.60
CA LEU A 237 -47.73 6.48 15.79
C LEU A 237 -49.22 6.85 15.67
N ASP A 238 -49.47 8.16 15.67
CA ASP A 238 -50.80 8.75 15.48
C ASP A 238 -50.63 9.55 14.20
N PRO A 239 -51.15 9.03 13.08
CA PRO A 239 -51.04 9.68 11.77
C PRO A 239 -51.57 11.09 11.67
N ASN A 240 -52.34 11.52 12.67
CA ASN A 240 -52.91 12.87 12.61
C ASN A 240 -52.27 13.75 13.65
N SER A 241 -51.34 13.19 14.40
CA SER A 241 -50.73 13.97 15.44
C SER A 241 -49.24 13.65 15.63
N PRO A 242 -48.42 13.99 14.62
CA PRO A 242 -46.98 13.74 14.70
C PRO A 242 -46.34 14.39 15.93
N ARG A 243 -45.46 13.65 16.59
CA ARG A 243 -44.73 14.11 17.78
C ARG A 243 -43.41 14.76 17.44
N ASP A 244 -42.85 14.43 16.29
CA ASP A 244 -41.52 14.88 15.93
C ASP A 244 -41.21 14.64 14.46
N PHE A 245 -40.00 15.00 14.05
CA PHE A 245 -39.58 14.81 12.68
C PHE A 245 -39.83 13.36 12.20
N ILE A 246 -39.46 12.37 13.03
CA ILE A 246 -39.66 10.99 12.62
C ILE A 246 -41.13 10.65 12.28
N ASP A 247 -42.06 11.06 13.16
CA ASP A 247 -43.48 10.78 12.92
C ASP A 247 -43.92 11.42 11.60
N SER A 248 -43.54 12.68 11.36
CA SER A 248 -43.91 13.38 10.14
C SER A 248 -43.46 12.59 8.91
N PHE A 249 -42.21 12.11 8.94
CA PHE A 249 -41.67 11.34 7.83
C PHE A 249 -42.45 10.01 7.68
N LEU A 250 -42.80 9.34 8.78
CA LEU A 250 -43.55 8.09 8.73
C LEU A 250 -44.93 8.35 8.06
N ILE A 251 -45.55 9.47 8.42
CA ILE A 251 -46.84 9.86 7.82
C ILE A 251 -46.65 10.05 6.31
N ARG A 252 -45.64 10.82 5.88
CA ARG A 252 -45.38 10.95 4.47
C ARG A 252 -45.15 9.58 3.82
N MET A 253 -44.42 8.70 4.49
CA MET A 253 -44.19 7.36 3.96
C MET A 253 -45.53 6.62 3.78
N GLN A 254 -46.47 6.81 4.70
CA GLN A 254 -47.78 6.14 4.53
C GLN A 254 -48.49 6.70 3.30
N GLU A 255 -48.56 8.00 3.18
CA GLU A 255 -49.19 8.60 2.03
C GLU A 255 -48.54 8.17 0.70
N GLU A 256 -47.25 7.87 0.74
CA GLU A 256 -46.51 7.48 -0.47
C GLU A 256 -46.40 5.98 -0.72
N GLU A 257 -47.06 5.16 0.09
CA GLU A 257 -46.95 3.72 -0.10
C GLU A 257 -47.39 3.23 -1.49
N LYS A 258 -48.19 4.04 -2.20
CA LYS A 258 -48.68 3.68 -3.53
C LYS A 258 -47.85 4.20 -4.71
N ASN A 259 -46.77 4.91 -4.40
CA ASN A 259 -45.86 5.47 -5.39
C ASN A 259 -44.59 4.58 -5.34
N PRO A 260 -44.36 3.75 -6.38
CA PRO A 260 -43.19 2.86 -6.43
C PRO A 260 -41.89 3.65 -6.53
N ASN A 261 -41.98 4.90 -6.99
CA ASN A 261 -40.82 5.77 -7.13
C ASN A 261 -40.66 6.83 -6.02
N THR A 262 -41.38 6.68 -4.91
CA THR A 262 -41.27 7.66 -3.84
C THR A 262 -39.85 7.61 -3.22
N GLU A 263 -39.42 8.73 -2.65
CA GLU A 263 -38.14 8.83 -1.96
C GLU A 263 -38.44 8.66 -0.48
N PHE A 264 -39.74 8.56 -0.14
CA PHE A 264 -40.15 8.41 1.26
C PHE A 264 -40.34 6.97 1.67
N TYR A 265 -39.25 6.36 2.12
CA TYR A 265 -39.26 4.99 2.61
C TYR A 265 -38.27 4.94 3.74
N LEU A 266 -38.26 3.82 4.45
CA LEU A 266 -37.47 3.67 5.65
C LEU A 266 -35.99 4.08 5.62
N LYS A 267 -35.24 3.66 4.60
CA LYS A 267 -33.82 3.97 4.62
C LYS A 267 -33.59 5.47 4.56
N ASN A 268 -34.38 6.19 3.76
CA ASN A 268 -34.18 7.64 3.68
C ASN A 268 -34.59 8.30 4.97
N LEU A 269 -35.57 7.72 5.67
CA LEU A 269 -35.98 8.28 6.94
C LEU A 269 -34.83 8.07 7.95
N VAL A 270 -34.35 6.85 8.07
CA VAL A 270 -33.24 6.62 9.01
C VAL A 270 -32.02 7.49 8.70
N MET A 271 -31.57 7.53 7.44
CA MET A 271 -30.38 8.33 7.09
C MET A 271 -30.60 9.83 7.23
N THR A 272 -31.76 10.33 6.84
CA THR A 272 -32.00 11.75 7.00
C THR A 272 -31.98 12.17 8.48
N THR A 273 -32.63 11.37 9.31
CA THR A 273 -32.71 11.64 10.74
C THR A 273 -31.30 11.61 11.35
N LEU A 274 -30.49 10.65 10.91
CA LEU A 274 -29.12 10.54 11.43
C LEU A 274 -28.34 11.81 10.96
N ASN A 275 -28.49 12.19 9.70
CA ASN A 275 -27.82 13.41 9.22
C ASN A 275 -28.15 14.62 10.15
N LEU A 276 -29.44 14.81 10.45
CA LEU A 276 -29.82 15.95 11.27
C LEU A 276 -29.28 15.84 12.70
N PHE A 277 -29.31 14.62 13.26
CA PHE A 277 -28.80 14.39 14.62
C PHE A 277 -27.30 14.72 14.66
N ILE A 278 -26.50 14.19 13.73
CA ILE A 278 -25.06 14.50 13.71
C ILE A 278 -24.82 15.96 13.28
N GLY A 279 -25.42 16.37 12.18
CA GLY A 279 -25.20 17.75 11.73
C GLY A 279 -25.61 18.84 12.70
N GLY A 280 -26.67 18.59 13.43
CA GLY A 280 -27.14 19.57 14.37
C GLY A 280 -26.49 19.50 15.71
N THR A 281 -25.59 18.53 15.88
CA THR A 281 -24.91 18.41 17.17
C THR A 281 -23.45 18.81 17.15
N GLU A 282 -22.67 18.06 16.39
CA GLU A 282 -21.20 18.21 16.42
C GLU A 282 -20.65 19.55 15.89
N THR A 283 -21.32 20.09 14.86
CA THR A 283 -20.86 21.35 14.29
C THR A 283 -21.02 22.46 15.33
N VAL A 284 -22.24 22.65 15.86
CA VAL A 284 -22.43 23.68 16.88
C VAL A 284 -21.55 23.40 18.13
N SER A 285 -21.46 22.15 18.52
CA SER A 285 -20.68 21.83 19.71
C SER A 285 -19.20 22.24 19.57
N THR A 286 -18.65 21.91 18.40
CA THR A 286 -17.25 22.20 18.15
C THR A 286 -17.05 23.68 18.14
N THR A 287 -18.02 24.42 17.59
CA THR A 287 -17.87 25.88 17.54
C THR A 287 -17.90 26.48 18.97
N LEU A 288 -18.83 26.03 19.80
CA LEU A 288 -18.89 26.55 21.13
C LEU A 288 -17.58 26.24 21.86
N ARG A 289 -17.12 24.98 21.77
CA ARG A 289 -15.90 24.59 22.44
C ARG A 289 -14.72 25.47 22.05
N TYR A 290 -14.59 25.71 20.74
CA TYR A 290 -13.50 26.53 20.22
C TYR A 290 -13.62 27.96 20.70
N GLY A 291 -14.86 28.49 20.68
CA GLY A 291 -15.09 29.86 21.11
C GLY A 291 -14.75 30.14 22.55
N PHE A 292 -15.00 29.20 23.46
CA PHE A 292 -14.68 29.48 24.82
C PHE A 292 -13.17 29.54 24.96
N LEU A 293 -12.47 28.69 24.22
CA LEU A 293 -11.02 28.68 24.29
C LEU A 293 -10.47 30.00 23.74
N LEU A 294 -11.04 30.44 22.63
CA LEU A 294 -10.65 31.70 22.03
C LEU A 294 -10.89 32.89 23.03
N LEU A 295 -12.05 32.90 23.72
CA LEU A 295 -12.36 33.98 24.66
C LEU A 295 -11.36 34.01 25.83
N MET A 296 -10.88 32.84 26.27
CA MET A 296 -9.91 32.77 27.37
C MET A 296 -8.54 33.26 26.94
N LYS A 297 -8.21 33.04 25.68
CA LYS A 297 -6.97 33.51 25.09
C LYS A 297 -7.05 35.04 24.93
N HIS A 298 -8.27 35.57 24.83
CA HIS A 298 -8.45 37.00 24.63
C HIS A 298 -9.39 37.63 25.65
N PRO A 299 -8.95 37.77 26.91
CA PRO A 299 -9.69 38.35 28.05
C PRO A 299 -10.31 39.74 27.80
N GLU A 300 -9.59 40.56 27.03
CA GLU A 300 -10.10 41.90 26.71
C GLU A 300 -11.38 41.82 25.86
N VAL A 301 -11.51 40.75 25.07
CA VAL A 301 -12.71 40.53 24.24
C VAL A 301 -13.83 40.06 25.17
N GLU A 302 -13.48 39.23 26.13
CA GLU A 302 -14.51 38.74 27.05
C GLU A 302 -15.06 39.91 27.87
N ALA A 303 -14.17 40.80 28.30
CA ALA A 303 -14.58 41.96 29.07
C ALA A 303 -15.58 42.79 28.24
N LYS A 304 -15.26 43.00 26.97
CA LYS A 304 -16.15 43.81 26.12
C LYS A 304 -17.52 43.15 25.94
N VAL A 305 -17.52 41.81 25.87
CA VAL A 305 -18.78 41.04 25.75
C VAL A 305 -19.59 41.26 27.00
N HIS A 306 -18.92 41.14 28.16
CA HIS A 306 -19.59 41.35 29.44
C HIS A 306 -20.24 42.76 29.53
N GLU A 307 -19.51 43.80 29.10
CA GLU A 307 -20.07 45.17 29.17
C GLU A 307 -21.35 45.25 28.36
N GLU A 308 -21.30 44.68 27.15
CA GLU A 308 -22.45 44.70 26.27
C GLU A 308 -23.62 43.93 26.84
N ILE A 309 -23.34 42.74 27.35
CA ILE A 309 -24.40 41.95 27.93
C ILE A 309 -25.03 42.66 29.15
N ASP A 310 -24.21 43.19 30.05
CA ASP A 310 -24.80 43.85 31.23
C ASP A 310 -25.62 45.11 30.87
N ARG A 311 -25.19 45.82 29.86
CA ARG A 311 -25.89 47.02 29.44
C ARG A 311 -27.21 46.69 28.74
N VAL A 312 -27.15 45.84 27.71
CA VAL A 312 -28.34 45.50 26.93
C VAL A 312 -29.31 44.54 27.61
N ILE A 313 -28.78 43.49 28.22
CA ILE A 313 -29.63 42.47 28.84
C ILE A 313 -29.74 42.58 30.35
N GLY A 314 -28.64 42.89 31.01
CA GLY A 314 -28.64 42.98 32.45
C GLY A 314 -28.43 41.60 33.07
N LYS A 315 -28.58 41.52 34.39
CA LYS A 315 -28.35 40.27 35.09
C LYS A 315 -29.53 39.36 35.36
N ASN A 316 -30.75 39.84 35.18
CA ASN A 316 -31.87 38.98 35.52
C ASN A 316 -32.58 38.16 34.45
N ARG A 317 -33.02 38.79 33.37
CA ARG A 317 -33.73 38.03 32.34
C ARG A 317 -32.86 37.21 31.40
N GLN A 318 -33.48 36.23 30.76
CA GLN A 318 -32.75 35.40 29.84
C GLN A 318 -32.53 36.08 28.54
N PRO A 319 -31.35 35.86 27.94
CA PRO A 319 -31.13 36.50 26.65
C PRO A 319 -32.21 35.95 25.71
N LYS A 320 -32.59 36.73 24.71
CA LYS A 320 -33.55 36.28 23.73
C LYS A 320 -32.89 36.54 22.36
N PHE A 321 -33.35 35.89 21.31
CA PHE A 321 -32.70 36.08 20.04
C PHE A 321 -32.72 37.54 19.51
N GLU A 322 -33.79 38.26 19.78
CA GLU A 322 -33.87 39.66 19.30
C GLU A 322 -32.80 40.53 19.97
N ASP A 323 -32.24 40.08 21.09
CA ASP A 323 -31.20 40.87 21.74
C ASP A 323 -30.04 41.07 20.82
N ARG A 324 -29.83 40.16 19.86
CA ARG A 324 -28.68 40.27 18.97
C ARG A 324 -28.65 41.60 18.16
N ALA A 325 -29.83 42.09 17.79
CA ALA A 325 -29.93 43.37 17.04
C ALA A 325 -29.27 44.53 17.83
N LYS A 326 -29.35 44.47 19.17
CA LYS A 326 -28.76 45.47 20.07
C LYS A 326 -27.34 45.16 20.55
N MET A 327 -26.74 44.10 20.04
CA MET A 327 -25.41 43.69 20.53
C MET A 327 -24.49 43.44 19.35
N PRO A 328 -24.05 44.52 18.71
CA PRO A 328 -23.17 44.29 17.58
C PRO A 328 -21.85 43.67 17.96
N TYR A 329 -21.37 43.95 19.16
CA TYR A 329 -20.09 43.38 19.54
C TYR A 329 -20.17 41.85 19.69
N MET A 330 -21.19 41.38 20.40
CA MET A 330 -21.36 39.93 20.57
C MET A 330 -21.53 39.31 19.16
N GLU A 331 -22.30 39.95 18.28
CA GLU A 331 -22.46 39.40 16.94
C GLU A 331 -21.14 39.32 16.17
N ALA A 332 -20.26 40.31 16.35
CA ALA A 332 -18.95 40.29 15.67
C ALA A 332 -18.07 39.15 16.25
N VAL A 333 -18.14 38.99 17.55
CA VAL A 333 -17.40 37.94 18.25
C VAL A 333 -17.81 36.53 17.77
N ILE A 334 -19.12 36.29 17.70
CA ILE A 334 -19.55 34.99 17.25
C ILE A 334 -19.15 34.79 15.80
N HIS A 335 -19.24 35.83 14.96
CA HIS A 335 -18.80 35.69 13.56
C HIS A 335 -17.31 35.37 13.51
N GLU A 336 -16.54 36.05 14.34
CA GLU A 336 -15.09 35.86 14.37
C GLU A 336 -14.74 34.44 14.92
N ILE A 337 -15.54 33.91 15.83
CA ILE A 337 -15.29 32.57 16.32
C ILE A 337 -15.50 31.57 15.17
N GLN A 338 -16.60 31.73 14.43
CA GLN A 338 -16.85 30.80 13.33
C GLN A 338 -15.86 31.03 12.22
N ARG A 339 -15.38 32.28 12.07
CA ARG A 339 -14.43 32.51 10.99
C ARG A 339 -13.08 31.90 11.37
N PHE A 340 -12.68 32.08 12.61
CA PHE A 340 -11.37 31.59 13.08
C PHE A 340 -11.39 30.08 13.22
N GLY A 341 -12.47 29.57 13.82
CA GLY A 341 -12.64 28.14 14.03
C GLY A 341 -12.63 27.31 12.76
N ASP A 342 -13.19 27.87 11.68
CA ASP A 342 -13.19 27.22 10.37
C ASP A 342 -13.57 25.75 10.54
N VAL A 343 -14.71 25.51 11.17
CA VAL A 343 -15.09 24.15 11.55
C VAL A 343 -15.18 23.07 10.46
N ILE A 344 -15.66 23.44 9.27
CA ILE A 344 -15.76 22.48 8.14
C ILE A 344 -14.89 23.19 7.13
N PRO A 345 -13.56 23.00 7.21
CA PRO A 345 -12.71 23.72 6.26
C PRO A 345 -12.76 23.53 4.77
N MET A 346 -13.20 22.37 4.30
CA MET A 346 -13.25 22.16 2.86
C MET A 346 -14.70 21.86 2.51
N SER A 347 -15.61 22.31 3.36
CA SER A 347 -17.05 22.12 3.17
C SER A 347 -17.31 20.66 3.01
N LEU A 348 -18.46 20.38 2.39
N LEU A 348 -18.47 20.36 2.41
CA LEU A 348 -18.85 19.03 2.04
CA LEU A 348 -18.87 18.99 2.04
C LEU A 348 -18.63 19.14 0.52
C LEU A 348 -18.78 19.05 0.50
N ALA A 349 -17.96 18.17 -0.07
CA ALA A 349 -17.73 18.17 -1.52
C ALA A 349 -18.97 18.42 -2.42
N ARG A 350 -18.81 19.20 -3.48
CA ARG A 350 -19.95 19.40 -4.39
C ARG A 350 -19.56 18.56 -5.62
N ARG A 351 -20.37 18.63 -6.66
CA ARG A 351 -20.07 17.92 -7.90
C ARG A 351 -20.83 18.65 -9.03
N VAL A 352 -20.22 18.81 -10.21
CA VAL A 352 -20.92 19.51 -11.27
C VAL A 352 -22.02 18.62 -11.83
N LYS A 353 -23.21 19.19 -11.89
CA LYS A 353 -24.42 18.49 -12.35
C LYS A 353 -24.43 18.18 -13.85
N LYS A 354 -23.76 19.02 -14.64
CA LYS A 354 -23.68 18.81 -16.08
C LYS A 354 -22.36 19.37 -16.62
N ASP A 355 -22.05 19.13 -17.90
CA ASP A 355 -20.80 19.63 -18.47
C ASP A 355 -20.78 21.13 -18.22
N THR A 356 -19.65 21.61 -17.73
CA THR A 356 -19.56 23.00 -17.32
C THR A 356 -18.36 23.79 -17.79
N LYS A 357 -18.63 25.05 -18.17
CA LYS A 357 -17.56 25.96 -18.53
C LYS A 357 -17.41 26.89 -17.30
N PHE A 358 -16.22 26.92 -16.70
CA PHE A 358 -15.97 27.76 -15.55
C PHE A 358 -14.61 28.48 -15.73
N ARG A 359 -14.66 29.80 -15.81
CA ARG A 359 -13.45 30.60 -16.00
C ARG A 359 -12.60 30.05 -17.13
N ASP A 360 -13.21 29.71 -18.24
CA ASP A 360 -12.40 29.17 -19.32
C ASP A 360 -11.67 27.86 -18.89
N PHE A 361 -12.41 26.95 -18.27
CA PHE A 361 -11.89 25.64 -17.90
C PHE A 361 -13.03 24.73 -18.29
N PHE A 362 -12.75 23.44 -18.47
CA PHE A 362 -13.85 22.56 -18.81
C PHE A 362 -13.98 21.53 -17.68
N LEU A 363 -15.17 21.48 -17.10
CA LEU A 363 -15.49 20.56 -16.01
C LEU A 363 -16.55 19.57 -16.47
N PRO A 364 -16.12 18.35 -16.83
CA PRO A 364 -17.11 17.37 -17.28
C PRO A 364 -18.11 17.02 -16.20
N LYS A 365 -19.33 16.73 -16.62
CA LYS A 365 -20.39 16.32 -15.70
C LYS A 365 -19.84 15.27 -14.75
N GLY A 366 -20.26 15.37 -13.49
CA GLY A 366 -19.83 14.40 -12.48
C GLY A 366 -18.54 14.77 -11.75
N THR A 367 -17.84 15.79 -12.22
CA THR A 367 -16.58 16.17 -11.57
C THR A 367 -16.84 16.66 -10.12
N GLU A 368 -16.05 16.14 -9.17
CA GLU A 368 -16.18 16.54 -7.79
C GLU A 368 -15.47 17.90 -7.59
N VAL A 369 -15.99 18.67 -6.65
CA VAL A 369 -15.48 20.00 -6.36
C VAL A 369 -15.25 20.19 -4.86
N TYR A 370 -14.10 20.76 -4.50
CA TYR A 370 -13.79 21.02 -3.10
C TYR A 370 -13.78 22.55 -2.88
N PRO A 371 -14.90 23.14 -2.38
CA PRO A 371 -14.99 24.58 -2.11
C PRO A 371 -14.12 24.77 -0.85
N MET A 372 -12.93 25.42 -0.94
CA MET A 372 -12.11 25.56 0.26
C MET A 372 -12.60 26.70 1.14
N LEU A 373 -13.62 26.42 1.96
CA LEU A 373 -14.22 27.41 2.83
C LEU A 373 -13.22 28.13 3.71
N GLY A 374 -12.26 27.40 4.27
CA GLY A 374 -11.26 28.04 5.12
C GLY A 374 -10.44 29.10 4.38
N SER A 375 -10.20 28.90 3.08
CA SER A 375 -9.44 29.85 2.26
C SER A 375 -10.29 31.11 2.00
N VAL A 376 -11.61 31.00 2.09
CA VAL A 376 -12.51 32.17 1.98
C VAL A 376 -12.54 32.88 3.34
N LEU A 377 -12.76 32.10 4.39
CA LEU A 377 -12.78 32.69 5.75
C LEU A 377 -11.46 33.41 6.09
N ARG A 378 -10.37 33.04 5.42
CA ARG A 378 -9.07 33.68 5.70
C ARG A 378 -8.56 34.45 4.48
N ASP A 379 -9.46 34.79 3.57
CA ASP A 379 -9.02 35.51 2.35
C ASP A 379 -8.47 36.90 2.78
N PRO A 380 -7.16 37.16 2.50
CA PRO A 380 -6.48 38.43 2.85
C PRO A 380 -7.06 39.65 2.16
N SER A 381 -7.90 39.39 1.17
CA SER A 381 -8.55 40.44 0.43
C SER A 381 -9.81 40.90 1.19
N PHE A 382 -10.23 40.11 2.19
CA PHE A 382 -11.43 40.44 2.97
C PHE A 382 -11.24 40.63 4.46
N PHE A 383 -10.13 40.16 5.01
CA PHE A 383 -9.89 40.34 6.43
C PHE A 383 -8.46 40.81 6.57
N SER A 384 -8.27 41.90 7.33
CA SER A 384 -6.94 42.51 7.48
C SER A 384 -5.91 41.59 8.13
N ASN A 385 -6.33 40.83 9.14
CA ASN A 385 -5.40 39.91 9.76
C ASN A 385 -6.06 38.55 9.86
N PRO A 386 -6.18 37.85 8.72
CA PRO A 386 -6.83 36.53 8.70
C PRO A 386 -6.37 35.49 9.70
N GLN A 387 -5.08 35.49 10.04
CA GLN A 387 -4.56 34.51 10.98
C GLN A 387 -4.75 34.82 12.47
N ASP A 388 -5.28 36.00 12.80
CA ASP A 388 -5.51 36.36 14.19
C ASP A 388 -6.99 36.29 14.57
N PHE A 389 -7.26 36.19 15.86
CA PHE A 389 -8.63 36.22 16.33
C PHE A 389 -8.93 37.68 16.62
N ASN A 390 -9.78 38.32 15.83
CA ASN A 390 -10.04 39.73 16.07
C ASN A 390 -11.45 40.12 15.68
N PRO A 391 -12.32 40.34 16.67
CA PRO A 391 -13.71 40.73 16.38
C PRO A 391 -13.86 41.98 15.49
N GLN A 392 -12.82 42.82 15.42
CA GLN A 392 -12.89 44.02 14.58
C GLN A 392 -13.11 43.63 13.13
N HIS A 393 -12.73 42.40 12.75
CA HIS A 393 -12.94 41.94 11.38
C HIS A 393 -14.43 42.08 10.99
N PHE A 394 -15.30 42.16 12.00
CA PHE A 394 -16.76 42.27 11.80
C PHE A 394 -17.43 43.53 12.40
N LEU A 395 -16.64 44.60 12.46
CA LEU A 395 -17.11 45.87 13.01
C LEU A 395 -16.53 47.01 12.17
N ASN A 396 -17.32 48.06 11.96
CA ASN A 396 -16.79 49.22 11.23
C ASN A 396 -16.19 50.12 12.31
N GLU A 397 -15.97 51.36 11.93
CA GLU A 397 -15.40 52.33 12.86
C GLU A 397 -16.22 52.73 14.08
N LYS A 398 -17.55 52.80 13.98
CA LYS A 398 -18.31 53.15 15.18
C LYS A 398 -18.64 51.91 16.04
N GLY A 399 -18.01 50.76 15.73
CA GLY A 399 -18.29 49.53 16.48
C GLY A 399 -19.62 48.90 16.13
N GLN A 400 -20.12 49.20 14.93
CA GLN A 400 -21.39 48.64 14.46
C GLN A 400 -21.05 47.37 13.68
N PHE A 401 -21.96 46.41 13.68
CA PHE A 401 -21.72 45.14 13.00
C PHE A 401 -21.61 45.30 11.50
N LYS A 402 -20.56 44.68 10.95
CA LYS A 402 -20.32 44.74 9.53
C LYS A 402 -20.18 43.35 8.87
N LYS A 403 -21.13 43.03 7.98
CA LYS A 403 -21.11 41.77 7.26
C LYS A 403 -19.97 41.66 6.25
N SER A 404 -19.59 40.43 5.94
CA SER A 404 -18.52 40.18 4.98
C SER A 404 -19.00 39.12 4.03
N ASP A 405 -18.74 39.35 2.74
CA ASP A 405 -19.12 38.40 1.71
C ASP A 405 -18.21 37.17 1.85
N ALA A 406 -17.13 37.28 2.62
CA ALA A 406 -16.23 36.13 2.79
C ALA A 406 -16.61 35.33 4.03
N PHE A 407 -17.75 35.66 4.65
CA PHE A 407 -18.21 34.91 5.83
C PHE A 407 -19.01 33.77 5.28
N VAL A 408 -18.38 32.63 5.07
CA VAL A 408 -19.08 31.46 4.49
C VAL A 408 -18.91 30.11 5.28
N PRO A 409 -19.07 30.10 6.63
CA PRO A 409 -18.88 28.82 7.33
C PRO A 409 -20.00 27.79 7.11
N PHE A 410 -21.17 28.25 6.61
CA PHE A 410 -22.32 27.42 6.29
C PHE A 410 -22.39 27.16 4.79
N SER A 411 -21.29 27.52 4.11
CA SER A 411 -21.13 27.41 2.68
C SER A 411 -22.18 28.33 2.01
N ILE A 412 -22.34 28.22 0.69
CA ILE A 412 -23.29 29.10 -0.02
C ILE A 412 -23.82 28.31 -1.21
N GLY A 413 -24.89 28.78 -1.86
CA GLY A 413 -25.38 28.04 -3.00
C GLY A 413 -26.58 27.16 -2.72
N LYS A 414 -26.94 26.34 -3.70
CA LYS A 414 -28.11 25.47 -3.67
C LYS A 414 -28.09 24.32 -2.68
N ARG A 415 -26.91 23.87 -2.28
CA ARG A 415 -26.89 22.78 -1.29
C ARG A 415 -26.22 23.30 -0.01
N ASN A 416 -26.39 24.60 0.28
CA ASN A 416 -25.80 25.20 1.49
C ASN A 416 -26.52 24.64 2.73
N CYS A 417 -25.93 24.90 3.89
CA CYS A 417 -26.49 24.42 5.15
C CYS A 417 -27.93 24.90 5.42
N PHE A 418 -28.92 24.02 5.52
CA PHE A 418 -30.22 24.57 5.85
C PHE A 418 -30.48 24.55 7.38
N GLY A 419 -29.45 24.15 8.14
CA GLY A 419 -29.56 24.19 9.60
C GLY A 419 -28.97 25.54 10.07
N GLU A 420 -28.53 26.36 9.13
CA GLU A 420 -27.92 27.67 9.48
C GLU A 420 -28.72 28.58 10.43
N GLY A 421 -30.03 28.72 10.21
CA GLY A 421 -30.78 29.57 11.12
C GLY A 421 -30.80 29.00 12.55
N LEU A 422 -31.01 27.70 12.69
CA LEU A 422 -31.04 27.04 14.00
C LEU A 422 -29.67 27.23 14.67
N ALA A 423 -28.59 26.93 13.95
CA ALA A 423 -27.24 27.09 14.47
C ALA A 423 -26.95 28.50 14.97
N ARG A 424 -27.37 29.50 14.22
CA ARG A 424 -27.07 30.88 14.61
C ARG A 424 -27.85 31.23 15.84
N MET A 425 -29.08 30.76 15.94
CA MET A 425 -29.84 31.03 17.12
C MET A 425 -29.16 30.30 18.33
N GLU A 426 -28.75 29.04 18.13
CA GLU A 426 -28.10 28.33 19.24
C GLU A 426 -26.80 29.02 19.67
N LEU A 427 -25.99 29.38 18.71
CA LEU A 427 -24.72 30.05 18.99
C LEU A 427 -24.93 31.33 19.78
N PHE A 428 -25.86 32.17 19.29
CA PHE A 428 -26.13 33.39 20.03
C PHE A 428 -26.71 33.19 21.42
N LEU A 429 -27.72 32.32 21.58
CA LEU A 429 -28.33 32.11 22.89
C LEU A 429 -27.43 31.35 23.89
N PHE A 430 -26.64 30.39 23.43
CA PHE A 430 -25.74 29.63 24.33
C PHE A 430 -24.52 30.50 24.72
N PHE A 431 -23.84 31.12 23.75
CA PHE A 431 -22.69 31.97 24.10
C PHE A 431 -23.14 33.10 25.04
N THR A 432 -24.24 33.79 24.70
CA THR A 432 -24.66 34.89 25.52
C THR A 432 -25.16 34.50 26.91
N THR A 433 -25.95 33.42 27.01
CA THR A 433 -26.46 33.04 28.29
C THR A 433 -25.33 32.55 29.23
N VAL A 434 -24.34 31.87 28.67
CA VAL A 434 -23.22 31.40 29.49
C VAL A 434 -22.38 32.62 29.97
N MET A 435 -22.01 33.49 29.04
CA MET A 435 -21.17 34.66 29.39
C MET A 435 -21.90 35.62 30.35
N GLN A 436 -23.23 35.67 30.24
CA GLN A 436 -24.00 36.53 31.13
C GLN A 436 -23.85 36.02 32.57
N ASN A 437 -23.78 34.70 32.71
CA ASN A 437 -23.71 34.08 34.05
C ASN A 437 -22.33 33.72 34.59
N PHE A 438 -21.33 33.63 33.73
CA PHE A 438 -20.04 33.20 34.22
C PHE A 438 -18.88 33.92 33.55
N ARG A 439 -17.72 33.96 34.25
CA ARG A 439 -16.51 34.50 33.64
C ARG A 439 -15.64 33.26 33.48
N LEU A 440 -14.77 33.25 32.49
CA LEU A 440 -13.98 32.06 32.22
C LEU A 440 -12.60 32.14 32.83
N LYS A 441 -12.18 31.03 33.41
CA LYS A 441 -10.87 30.95 34.03
C LYS A 441 -10.16 29.73 33.44
N SER A 442 -9.07 30.01 32.77
CA SER A 442 -8.32 28.97 32.12
C SER A 442 -7.36 28.35 33.09
N SER A 443 -6.94 27.14 32.77
CA SER A 443 -6.00 26.45 33.61
C SER A 443 -4.56 26.93 33.30
N GLN A 444 -4.41 27.88 32.36
CA GLN A 444 -3.09 28.40 32.01
C GLN A 444 -3.10 29.87 31.61
N SER A 445 -1.96 30.53 31.75
CA SER A 445 -1.90 31.94 31.40
C SER A 445 -2.30 32.11 29.94
N PRO A 446 -3.14 33.12 29.65
CA PRO A 446 -3.62 33.44 28.28
C PRO A 446 -2.50 33.44 27.23
N LYS A 447 -1.30 33.83 27.63
CA LYS A 447 -0.18 33.83 26.67
C LYS A 447 0.19 32.40 26.30
N ASP A 448 -0.04 31.45 27.19
CA ASP A 448 0.30 30.06 26.91
C ASP A 448 -0.85 29.20 26.33
N ILE A 449 -2.00 29.83 26.07
CA ILE A 449 -3.11 29.05 25.54
C ILE A 449 -2.86 28.82 24.07
N ASP A 450 -2.87 27.55 23.64
CA ASP A 450 -2.67 27.27 22.24
C ASP A 450 -4.01 27.13 21.49
N VAL A 451 -4.34 28.11 20.67
CA VAL A 451 -5.57 28.04 19.89
C VAL A 451 -5.40 27.46 18.48
N SER A 452 -4.22 26.92 18.11
CA SER A 452 -4.06 26.31 16.81
C SER A 452 -4.85 24.99 16.95
N PRO A 453 -5.32 24.44 15.82
CA PRO A 453 -6.08 23.19 15.96
C PRO A 453 -5.31 21.93 16.24
N LYS A 454 -6.00 21.00 16.89
CA LYS A 454 -5.44 19.68 17.19
C LYS A 454 -5.41 18.83 15.91
N HIS A 455 -6.48 18.92 15.08
CA HIS A 455 -6.59 18.18 13.82
C HIS A 455 -7.35 19.05 12.82
N VAL A 456 -7.04 18.88 11.55
CA VAL A 456 -7.73 19.56 10.47
C VAL A 456 -7.78 18.57 9.34
N GLY A 457 -8.99 18.30 8.86
CA GLY A 457 -9.17 17.41 7.75
C GLY A 457 -10.59 17.76 7.35
N PHE A 458 -11.50 16.84 7.58
CA PHE A 458 -12.92 17.14 7.28
C PHE A 458 -13.44 18.30 8.18
N ALA A 459 -13.03 18.28 9.44
CA ALA A 459 -13.42 19.31 10.38
C ALA A 459 -12.13 19.90 10.94
N THR A 460 -12.28 21.01 11.69
CA THR A 460 -11.18 21.67 12.39
C THR A 460 -11.50 21.40 13.86
N ILE A 461 -10.62 20.66 14.53
CA ILE A 461 -10.83 20.24 15.92
C ILE A 461 -9.89 21.03 16.84
N PRO A 462 -10.44 21.70 17.87
CA PRO A 462 -9.47 22.44 18.69
C PRO A 462 -8.79 21.48 19.70
N ARG A 463 -7.69 21.93 20.29
CA ARG A 463 -6.97 21.13 21.30
C ARG A 463 -7.80 20.84 22.56
N ASN A 464 -7.53 19.72 23.24
CA ASN A 464 -8.26 19.40 24.45
C ASN A 464 -7.82 20.39 25.51
N TYR A 465 -8.78 20.79 26.38
CA TYR A 465 -8.50 21.72 27.47
C TYR A 465 -9.54 21.62 28.57
N THR A 466 -9.21 22.20 29.74
CA THR A 466 -10.11 22.26 30.88
C THR A 466 -10.19 23.74 31.25
N MET A 467 -11.26 24.10 31.94
CA MET A 467 -11.44 25.48 32.30
C MET A 467 -12.46 25.47 33.45
N SER A 468 -12.65 26.62 34.08
CA SER A 468 -13.66 26.71 35.12
C SER A 468 -14.62 27.89 34.82
N PHE A 469 -15.88 27.69 35.17
CA PHE A 469 -16.92 28.69 35.01
C PHE A 469 -17.19 29.29 36.39
N LEU A 470 -16.75 30.54 36.57
CA LEU A 470 -16.91 31.23 37.85
C LEU A 470 -18.11 32.13 37.76
N PRO A 471 -19.04 31.98 38.69
CA PRO A 471 -20.26 32.80 38.71
C PRO A 471 -19.87 34.29 38.71
N ARG A 472 -20.72 35.12 38.11
CA ARG A 472 -20.47 36.56 38.03
C ARG A 472 -21.19 37.24 39.20
N LYS B 10 10.86 -26.00 11.23
CA LYS B 10 11.87 -25.99 12.33
C LYS B 10 11.76 -24.61 12.99
N LEU B 11 11.40 -23.59 12.23
CA LEU B 11 11.21 -22.28 12.81
C LEU B 11 9.85 -22.40 13.54
N PRO B 12 9.60 -21.65 14.63
CA PRO B 12 8.32 -21.75 15.33
C PRO B 12 7.17 -21.64 14.34
N PRO B 13 6.04 -22.31 14.62
CA PRO B 13 4.93 -22.20 13.65
C PRO B 13 4.27 -20.84 13.72
N GLY B 14 3.40 -20.53 12.74
CA GLY B 14 2.69 -19.27 12.73
C GLY B 14 1.78 -19.09 11.52
N PRO B 15 1.00 -18.00 11.48
CA PRO B 15 0.12 -17.78 10.33
C PRO B 15 0.88 -17.52 9.01
N THR B 16 0.29 -18.01 7.92
CA THR B 16 0.87 -17.86 6.60
C THR B 16 0.93 -16.38 6.16
N PRO B 17 2.15 -15.90 5.87
CA PRO B 17 2.29 -14.50 5.46
C PRO B 17 2.14 -14.29 3.96
N LEU B 18 1.87 -13.06 3.57
CA LEU B 18 1.82 -12.69 2.17
C LEU B 18 3.19 -11.99 1.87
N PRO B 19 3.61 -12.01 0.62
CA PRO B 19 4.90 -11.33 0.37
C PRO B 19 4.94 -9.82 0.73
N PHE B 20 6.04 -9.43 1.39
CA PHE B 20 6.34 -8.06 1.87
C PHE B 20 5.40 -7.60 2.99
N ILE B 21 4.06 -7.70 2.81
CA ILE B 21 3.18 -7.29 3.87
C ILE B 21 3.19 -8.29 5.06
N GLY B 22 3.77 -9.46 4.87
CA GLY B 22 3.85 -10.44 5.96
C GLY B 22 2.45 -10.85 6.47
N ASN B 23 2.22 -10.75 7.78
CA ASN B 23 0.93 -11.05 8.42
C ASN B 23 0.13 -9.81 8.74
N TYR B 24 0.38 -8.72 8.04
CA TYR B 24 -0.31 -7.48 8.26
C TYR B 24 -1.87 -7.61 8.28
N LEU B 25 -2.39 -8.41 7.36
CA LEU B 25 -3.84 -8.57 7.20
C LEU B 25 -4.46 -9.28 8.41
N GLN B 26 -3.64 -10.05 9.13
CA GLN B 26 -4.06 -10.77 10.34
C GLN B 26 -3.73 -10.01 11.65
N LEU B 27 -3.18 -8.82 11.54
CA LEU B 27 -2.83 -8.07 12.75
C LEU B 27 -3.67 -6.82 12.79
N ASN B 28 -3.86 -6.21 13.95
CA ASN B 28 -4.60 -4.96 14.05
C ASN B 28 -3.60 -3.89 14.60
N THR B 29 -3.24 -2.90 13.80
CA THR B 29 -2.24 -1.94 14.27
C THR B 29 -2.60 -1.21 15.56
N GLU B 30 -3.89 -1.07 15.82
CA GLU B 30 -4.37 -0.40 17.01
C GLU B 30 -4.14 -1.17 18.31
N GLN B 31 -3.96 -2.49 18.22
CA GLN B 31 -3.69 -3.28 19.40
C GLN B 31 -2.85 -4.49 19.01
N MET B 32 -1.59 -4.21 18.71
CA MET B 32 -0.68 -5.25 18.32
C MET B 32 -0.60 -6.29 19.38
N TYR B 33 -0.53 -5.86 20.65
CA TYR B 33 -0.42 -6.82 21.76
C TYR B 33 -1.55 -7.87 21.72
N ASN B 34 -2.79 -7.39 21.66
CA ASN B 34 -3.96 -8.28 21.63
C ASN B 34 -3.95 -9.12 20.34
N SER B 35 -3.60 -8.51 19.20
CA SER B 35 -3.53 -9.27 17.94
C SER B 35 -2.59 -10.45 18.12
N LEU B 36 -1.40 -10.19 18.66
CA LEU B 36 -0.41 -11.24 18.85
C LEU B 36 -0.82 -12.34 19.86
N MET B 37 -1.37 -11.94 21.00
CA MET B 37 -1.77 -12.91 22.04
C MET B 37 -2.87 -13.84 21.47
N LYS B 38 -3.77 -13.24 20.69
CA LYS B 38 -4.85 -13.96 20.04
C LYS B 38 -4.24 -15.00 19.13
N ILE B 39 -3.23 -14.62 18.35
CA ILE B 39 -2.72 -15.67 17.51
C ILE B 39 -1.95 -16.72 18.33
N SER B 40 -1.32 -16.38 19.46
CA SER B 40 -0.62 -17.44 20.20
C SER B 40 -1.62 -18.48 20.74
N GLU B 41 -2.90 -18.10 20.78
CA GLU B 41 -3.95 -19.01 21.24
C GLU B 41 -4.03 -20.16 20.24
N ARG B 42 -3.80 -19.84 18.97
CA ARG B 42 -3.86 -20.81 17.92
C ARG B 42 -2.51 -21.50 17.74
N TYR B 43 -1.39 -20.78 17.82
CA TYR B 43 -0.09 -21.44 17.60
C TYR B 43 0.77 -21.79 18.82
N GLY B 44 0.40 -21.33 20.02
CA GLY B 44 1.21 -21.63 21.19
C GLY B 44 2.02 -20.45 21.71
N PRO B 45 2.72 -20.61 22.84
CA PRO B 45 3.55 -19.56 23.47
C PRO B 45 4.75 -19.07 22.67
N VAL B 46 5.19 -19.86 21.71
CA VAL B 46 6.32 -19.49 20.88
C VAL B 46 5.90 -19.66 19.42
N PHE B 47 5.75 -18.53 18.72
CA PHE B 47 5.30 -18.61 17.34
C PHE B 47 5.98 -17.58 16.44
N THR B 48 5.83 -17.74 15.12
CA THR B 48 6.45 -16.79 14.20
C THR B 48 5.41 -15.85 13.61
N ILE B 49 5.76 -14.56 13.47
CA ILE B 49 4.82 -13.61 12.88
C ILE B 49 5.69 -12.76 11.95
N HIS B 50 5.09 -12.15 10.94
CA HIS B 50 5.85 -11.35 10.01
C HIS B 50 5.29 -9.94 10.09
N LEU B 51 6.06 -9.02 10.71
CA LEU B 51 5.60 -7.62 10.83
C LEU B 51 6.11 -6.99 9.56
N GLY B 52 5.28 -7.04 8.53
CA GLY B 52 5.74 -6.56 7.23
C GLY B 52 6.76 -7.65 6.86
N PRO B 53 7.92 -7.26 6.34
CA PRO B 53 8.99 -8.16 5.95
C PRO B 53 9.84 -8.64 7.13
N ARG B 54 9.59 -8.14 8.34
CA ARG B 54 10.36 -8.55 9.51
C ARG B 54 9.85 -9.84 10.10
N ARG B 55 10.68 -10.87 10.06
CA ARG B 55 10.31 -12.18 10.60
C ARG B 55 10.66 -12.11 12.09
N VAL B 56 9.65 -12.30 12.91
CA VAL B 56 9.80 -12.17 14.35
C VAL B 56 9.27 -13.39 15.12
N VAL B 57 10.08 -13.88 16.07
CA VAL B 57 9.62 -14.96 16.94
C VAL B 57 9.13 -14.28 18.22
N VAL B 58 7.85 -14.50 18.49
CA VAL B 58 7.14 -13.94 19.62
C VAL B 58 7.18 -14.91 20.82
N LEU B 59 7.51 -14.39 21.99
CA LEU B 59 7.56 -15.22 23.20
C LEU B 59 6.43 -14.79 24.12
N CYS B 60 5.55 -15.72 24.51
CA CYS B 60 4.43 -15.38 25.39
C CYS B 60 4.47 -16.13 26.72
N GLY B 61 4.11 -15.45 27.80
CA GLY B 61 4.12 -16.08 29.13
C GLY B 61 5.50 -16.18 29.80
N HIS B 62 5.50 -16.25 31.13
CA HIS B 62 6.74 -16.33 31.87
C HIS B 62 7.73 -17.38 31.44
N ASP B 63 7.30 -18.63 31.30
CA ASP B 63 8.27 -19.68 30.95
C ASP B 63 9.01 -19.45 29.64
N ALA B 64 8.29 -19.07 28.59
CA ALA B 64 8.93 -18.86 27.29
C ALA B 64 9.95 -17.71 27.38
N VAL B 65 9.57 -16.58 28.00
CA VAL B 65 10.47 -15.42 28.08
C VAL B 65 11.73 -15.66 28.91
N ARG B 66 11.57 -16.23 30.10
CA ARG B 66 12.73 -16.52 30.94
C ARG B 66 13.60 -17.58 30.28
N GLU B 67 12.99 -18.61 29.74
CA GLU B 67 13.77 -19.65 29.04
C GLU B 67 14.69 -19.08 27.96
N ALA B 68 14.17 -18.14 27.18
CA ALA B 68 14.96 -17.52 26.11
C ALA B 68 15.92 -16.46 26.61
N LEU B 69 15.37 -15.45 27.28
CA LEU B 69 16.14 -14.31 27.75
C LEU B 69 17.10 -14.58 28.89
N VAL B 70 16.79 -15.54 29.75
CA VAL B 70 17.72 -15.84 30.83
C VAL B 70 18.47 -17.18 30.66
N ASP B 71 17.77 -18.30 30.46
CA ASP B 71 18.51 -19.56 30.29
C ASP B 71 19.36 -19.64 29.01
N GLN B 72 18.98 -18.86 27.99
CA GLN B 72 19.79 -18.85 26.77
C GLN B 72 20.18 -17.37 26.51
N ALA B 73 20.41 -16.67 27.62
CA ALA B 73 20.77 -15.25 27.67
C ALA B 73 21.70 -14.74 26.59
N GLU B 74 22.83 -15.41 26.39
CA GLU B 74 23.79 -14.95 25.39
C GLU B 74 23.27 -15.00 23.97
N GLU B 75 22.63 -16.11 23.62
CA GLU B 75 22.11 -16.26 22.27
C GLU B 75 20.95 -15.29 21.98
N PHE B 76 20.19 -14.91 23.00
CA PHE B 76 19.08 -13.99 22.81
C PHE B 76 19.45 -12.55 23.17
N SER B 77 20.75 -12.24 23.20
CA SER B 77 21.25 -10.92 23.59
C SER B 77 21.37 -9.86 22.48
N GLY B 78 21.02 -10.19 21.24
CA GLY B 78 21.14 -9.15 20.21
C GLY B 78 19.99 -8.14 20.35
N ARG B 79 20.11 -6.98 19.70
CA ARG B 79 19.06 -5.97 19.76
C ARG B 79 18.27 -5.98 18.44
N GLY B 80 16.94 -6.07 18.51
CA GLY B 80 16.10 -6.08 17.34
C GLY B 80 15.84 -4.64 16.93
N GLU B 81 14.84 -4.40 16.08
CA GLU B 81 14.66 -3.00 15.70
C GLU B 81 13.40 -2.32 16.29
N GLN B 82 13.41 -0.99 16.34
CA GLN B 82 12.22 -0.22 16.71
C GLN B 82 12.37 0.87 15.64
N ALA B 83 11.59 0.72 14.57
CA ALA B 83 11.80 1.59 13.44
C ALA B 83 11.66 3.08 13.68
N THR B 84 10.75 3.48 14.54
CA THR B 84 10.59 4.89 14.79
C THR B 84 11.88 5.47 15.41
N PHE B 85 12.37 4.82 16.44
CA PHE B 85 13.59 5.33 17.07
C PHE B 85 14.79 5.07 16.15
N ASP B 86 14.80 3.95 15.42
CA ASP B 86 15.91 3.67 14.52
C ASP B 86 16.06 4.82 13.52
N TRP B 87 14.96 5.53 13.23
CA TRP B 87 15.04 6.65 12.29
C TRP B 87 16.10 7.69 12.74
N VAL B 88 16.15 8.02 14.03
CA VAL B 88 17.11 8.98 14.54
C VAL B 88 18.41 8.34 15.03
N PHE B 89 18.34 7.17 15.68
CA PHE B 89 19.54 6.55 16.24
C PHE B 89 20.47 5.89 15.24
N LYS B 90 19.86 5.33 14.20
CA LYS B 90 20.53 4.66 13.09
C LYS B 90 21.63 3.68 13.53
N GLY B 91 21.40 2.99 14.63
CA GLY B 91 22.37 2.00 15.07
C GLY B 91 23.43 2.48 16.07
N TYR B 92 23.44 3.79 16.30
CA TYR B 92 24.37 4.41 17.25
C TYR B 92 23.67 4.58 18.62
N GLY B 93 24.45 4.87 19.66
CA GLY B 93 23.92 5.03 21.00
C GLY B 93 23.91 3.67 21.65
N VAL B 94 23.57 3.64 22.92
CA VAL B 94 23.67 2.41 23.70
C VAL B 94 22.46 1.48 23.62
N VAL B 95 21.30 2.04 23.32
CA VAL B 95 20.09 1.23 23.31
C VAL B 95 19.86 0.46 22.02
N PHE B 96 19.73 1.22 20.94
CA PHE B 96 19.39 0.62 19.66
C PHE B 96 20.60 0.32 18.84
N SER B 97 21.53 -0.41 19.45
CA SER B 97 22.81 -0.78 18.86
C SER B 97 23.17 -2.22 19.26
N ASN B 98 24.20 -2.76 18.65
CA ASN B 98 24.55 -4.13 18.93
C ASN B 98 26.05 -4.39 18.89
N GLY B 99 26.43 -5.64 19.10
CA GLY B 99 27.84 -5.98 19.06
C GLY B 99 28.74 -5.25 20.04
N GLU B 100 29.97 -5.00 19.62
CA GLU B 100 30.98 -4.31 20.43
C GLU B 100 30.58 -2.91 20.81
N ARG B 101 29.89 -2.21 19.90
CA ARG B 101 29.45 -0.84 20.16
C ARG B 101 28.50 -0.81 21.34
N ALA B 102 27.54 -1.71 21.34
CA ALA B 102 26.60 -1.71 22.44
C ALA B 102 27.30 -2.12 23.74
N LYS B 103 28.21 -3.09 23.64
CA LYS B 103 28.94 -3.57 24.83
C LYS B 103 29.76 -2.42 25.48
N GLN B 104 30.53 -1.74 24.63
CA GLN B 104 31.36 -0.62 25.03
C GLN B 104 30.52 0.45 25.73
N LEU B 105 29.55 0.99 24.96
CA LEU B 105 28.68 2.04 25.45
C LEU B 105 27.89 1.62 26.70
N ARG B 106 27.49 0.36 26.81
CA ARG B 106 26.74 -0.01 28.01
C ARG B 106 27.68 -0.06 29.23
N ARG B 107 28.87 -0.62 29.05
CA ARG B 107 29.80 -0.67 30.17
C ARG B 107 30.13 0.76 30.66
N PHE B 108 30.47 1.64 29.74
CA PHE B 108 30.78 3.00 30.10
C PHE B 108 29.58 3.68 30.73
N SER B 109 28.38 3.47 30.21
CA SER B 109 27.21 4.14 30.78
C SER B 109 26.87 3.72 32.19
N ILE B 110 26.91 2.42 32.45
CA ILE B 110 26.62 1.88 33.78
C ILE B 110 27.65 2.44 34.76
N ALA B 111 28.91 2.47 34.34
CA ALA B 111 29.98 2.96 35.20
C ALA B 111 29.85 4.44 35.45
N THR B 112 29.61 5.21 34.39
CA THR B 112 29.49 6.67 34.52
C THR B 112 28.29 7.11 35.32
N LEU B 113 27.19 6.37 35.23
CA LEU B 113 25.98 6.69 36.00
C LEU B 113 26.33 6.53 37.48
N ARG B 114 27.03 5.47 37.87
CA ARG B 114 27.40 5.28 39.29
C ARG B 114 28.33 6.42 39.77
N ASP B 115 29.28 6.79 38.95
CA ASP B 115 30.23 7.86 39.31
C ASP B 115 29.53 9.17 39.57
N PHE B 116 28.33 9.35 39.01
CA PHE B 116 27.57 10.57 39.22
C PHE B 116 26.44 10.35 40.22
N GLY B 117 26.64 9.36 41.10
CA GLY B 117 25.68 9.08 42.17
C GLY B 117 24.62 8.00 42.08
N VAL B 118 24.40 7.40 40.92
CA VAL B 118 23.35 6.38 40.85
C VAL B 118 23.56 5.23 41.84
N GLY B 119 22.49 4.85 42.55
CA GLY B 119 22.59 3.77 43.51
C GLY B 119 23.40 4.17 44.74
N LYS B 120 23.55 5.47 44.94
CA LYS B 120 24.31 6.01 46.06
C LYS B 120 23.50 7.17 46.65
N ARG B 121 23.92 7.62 47.83
CA ARG B 121 23.28 8.75 48.55
C ARG B 121 23.24 10.04 47.67
N GLY B 122 24.27 10.24 46.85
CA GLY B 122 24.32 11.39 45.96
C GLY B 122 23.09 11.56 45.06
N ILE B 123 22.67 10.50 44.33
CA ILE B 123 21.51 10.63 43.47
C ILE B 123 20.25 10.59 44.35
N GLU B 124 20.30 9.86 45.47
CA GLU B 124 19.15 9.83 46.37
C GLU B 124 18.86 11.29 46.81
N GLU B 125 19.90 12.03 47.17
CA GLU B 125 19.71 13.42 47.58
C GLU B 125 19.06 14.26 46.47
N ARG B 126 19.49 14.01 45.23
CA ARG B 126 18.94 14.74 44.10
C ARG B 126 17.46 14.43 43.94
N ILE B 127 17.08 13.15 44.07
CA ILE B 127 15.71 12.78 43.91
C ILE B 127 14.89 13.38 45.05
N GLN B 128 15.38 13.31 46.27
CA GLN B 128 14.67 13.90 47.39
C GLN B 128 14.38 15.39 47.20
N GLU B 129 15.38 16.12 46.72
CA GLU B 129 15.20 17.56 46.53
C GLU B 129 14.24 17.85 45.39
N GLU B 130 14.34 17.03 44.32
CA GLU B 130 13.46 17.25 43.19
C GLU B 130 12.03 16.87 43.62
N ALA B 131 11.90 15.87 44.51
CA ALA B 131 10.57 15.49 45.01
C ALA B 131 9.98 16.70 45.80
N GLY B 132 10.84 17.38 46.59
CA GLY B 132 10.41 18.53 47.37
C GLY B 132 9.83 19.60 46.40
N PHE B 133 10.49 19.81 45.27
CA PHE B 133 10.01 20.80 44.28
C PHE B 133 8.66 20.41 43.72
N LEU B 134 8.45 19.11 43.51
CA LEU B 134 7.13 18.65 43.04
C LEU B 134 6.03 18.95 44.09
N ILE B 135 6.33 18.67 45.36
CA ILE B 135 5.39 18.95 46.42
C ILE B 135 5.04 20.44 46.38
N ASP B 136 6.04 21.31 46.25
CA ASP B 136 5.77 22.75 46.21
C ASP B 136 4.82 23.06 45.05
N ALA B 137 5.23 22.63 43.86
CA ALA B 137 4.38 22.84 42.69
C ALA B 137 2.96 22.29 42.93
N LEU B 138 2.84 21.09 43.47
CA LEU B 138 1.51 20.55 43.73
C LEU B 138 0.74 21.37 44.77
N ARG B 139 1.47 21.86 45.77
CA ARG B 139 0.87 22.67 46.82
C ARG B 139 0.33 23.95 46.18
N GLY B 140 1.12 24.47 45.24
CA GLY B 140 0.78 25.69 44.54
C GLY B 140 -0.54 25.60 43.78
N THR B 141 -1.02 24.39 43.50
CA THR B 141 -2.27 24.29 42.76
C THR B 141 -3.46 24.60 43.61
N GLY B 142 -3.23 24.74 44.92
CA GLY B 142 -4.32 25.05 45.81
C GLY B 142 -5.47 24.06 45.77
N GLY B 143 -5.16 22.78 45.55
CA GLY B 143 -6.21 21.78 45.54
C GLY B 143 -7.08 21.79 44.29
N ALA B 144 -6.74 22.62 43.31
CA ALA B 144 -7.52 22.67 42.07
C ALA B 144 -7.38 21.37 41.22
N ASN B 145 -8.37 21.11 40.35
CA ASN B 145 -8.38 19.99 39.44
C ASN B 145 -7.31 20.21 38.40
N ILE B 146 -6.36 19.27 38.31
CA ILE B 146 -5.28 19.46 37.34
C ILE B 146 -4.85 18.26 36.50
N ASP B 147 -4.12 18.57 35.42
CA ASP B 147 -3.58 17.52 34.57
C ASP B 147 -2.20 17.33 35.14
N PRO B 148 -2.00 16.20 35.78
CA PRO B 148 -0.68 15.91 36.38
C PRO B 148 0.44 15.64 35.42
N THR B 149 0.09 15.38 34.16
CA THR B 149 1.08 14.99 33.18
C THR B 149 2.42 15.68 33.23
N PHE B 150 2.45 17.01 33.05
CA PHE B 150 3.74 17.71 33.06
C PHE B 150 4.34 18.01 34.41
N PHE B 151 3.50 18.01 35.44
CA PHE B 151 4.04 18.22 36.77
C PHE B 151 4.95 17.01 36.99
N LEU B 152 4.42 15.82 36.72
CA LEU B 152 5.16 14.57 36.89
C LEU B 152 6.38 14.47 35.96
N SER B 153 6.18 14.74 34.68
CA SER B 153 7.34 14.62 33.77
C SER B 153 8.44 15.66 34.02
N ARG B 154 8.07 16.87 34.44
CA ARG B 154 9.14 17.85 34.70
C ARG B 154 10.00 17.29 35.85
N THR B 155 9.34 16.83 36.91
CA THR B 155 10.04 16.32 38.07
C THR B 155 10.92 15.10 37.72
N VAL B 156 10.35 14.13 37.02
CA VAL B 156 11.12 12.95 36.63
C VAL B 156 12.35 13.33 35.77
N SER B 157 12.11 14.09 34.70
CA SER B 157 13.16 14.47 33.80
C SER B 157 14.35 15.22 34.44
N ASN B 158 14.08 15.99 35.50
CA ASN B 158 15.18 16.71 36.11
C ASN B 158 16.20 15.79 36.80
N VAL B 159 15.83 14.56 37.12
CA VAL B 159 16.79 13.65 37.76
C VAL B 159 17.85 13.23 36.72
N ILE B 160 17.41 12.60 35.64
CA ILE B 160 18.39 12.18 34.64
C ILE B 160 19.02 13.42 34.02
N SER B 161 18.25 14.52 33.89
CA SER B 161 18.83 15.77 33.37
C SER B 161 20.04 16.23 34.23
N SER B 162 19.86 16.20 35.55
CA SER B 162 20.94 16.55 36.49
C SER B 162 22.22 15.78 36.19
N ILE B 163 22.05 14.47 36.01
CA ILE B 163 23.15 13.55 35.72
C ILE B 163 23.81 13.77 34.35
N VAL B 164 23.03 13.95 33.29
CA VAL B 164 23.64 14.09 31.97
C VAL B 164 24.02 15.52 31.54
N PHE B 165 23.26 16.51 31.99
CA PHE B 165 23.50 17.91 31.63
C PHE B 165 24.21 18.70 32.72
N GLY B 166 24.34 18.07 33.89
CA GLY B 166 25.00 18.70 35.01
C GLY B 166 24.05 19.39 35.94
N ASP B 167 22.91 19.82 35.42
CA ASP B 167 21.97 20.55 36.25
C ASP B 167 20.51 20.34 35.83
N ARG B 168 19.61 20.58 36.78
CA ARG B 168 18.19 20.47 36.55
C ARG B 168 17.71 21.68 35.75
N PHE B 169 16.46 21.63 35.29
CA PHE B 169 15.88 22.74 34.55
C PHE B 169 14.93 23.42 35.50
N ASP B 170 14.72 24.71 35.25
CA ASP B 170 13.79 25.51 35.99
C ASP B 170 12.40 25.07 35.51
N TYR B 171 11.46 24.86 36.41
CA TYR B 171 10.15 24.41 35.96
C TYR B 171 9.49 25.40 34.98
N LYS B 172 10.02 26.61 34.87
CA LYS B 172 9.50 27.64 33.98
C LYS B 172 10.25 27.75 32.65
N ASP B 173 11.31 26.97 32.44
CA ASP B 173 12.05 27.04 31.18
C ASP B 173 11.16 26.55 30.05
N LYS B 174 10.77 27.45 29.13
CA LYS B 174 9.84 27.06 28.04
C LYS B 174 10.39 25.99 27.08
N GLU B 175 11.72 25.96 26.92
CA GLU B 175 12.36 24.96 26.06
C GLU B 175 12.23 23.55 26.73
N PHE B 176 12.41 23.51 28.05
CA PHE B 176 12.32 22.29 28.85
C PHE B 176 10.95 21.72 28.53
N LEU B 177 9.91 22.54 28.60
CA LEU B 177 8.57 22.02 28.30
C LEU B 177 8.43 21.51 26.85
N SER B 178 9.04 22.20 25.89
CA SER B 178 8.96 21.71 24.51
C SER B 178 9.65 20.32 24.44
N LEU B 179 10.78 20.16 25.15
CA LEU B 179 11.50 18.89 25.14
C LEU B 179 10.60 17.83 25.69
N LEU B 180 9.92 18.14 26.80
CA LEU B 180 9.00 17.19 27.45
C LEU B 180 7.84 16.79 26.53
N ARG B 181 7.33 17.75 25.75
CA ARG B 181 6.25 17.47 24.80
C ARG B 181 6.70 16.53 23.66
N MET B 182 7.93 16.75 23.19
CA MET B 182 8.48 15.90 22.14
C MET B 182 8.57 14.46 22.63
N MET B 183 9.03 14.27 23.86
CA MET B 183 9.14 12.91 24.35
C MET B 183 7.74 12.29 24.50
N LEU B 184 6.80 13.08 25.02
CA LEU B 184 5.45 12.53 25.21
C LEU B 184 4.87 12.16 23.85
N GLY B 185 4.99 13.08 22.89
CA GLY B 185 4.49 12.81 21.57
C GLY B 185 5.06 11.54 20.92
N ILE B 186 6.36 11.26 21.15
CA ILE B 186 6.95 10.09 20.49
C ILE B 186 6.48 8.80 21.14
N PHE B 187 6.38 8.78 22.48
CA PHE B 187 5.90 7.55 23.14
C PHE B 187 4.45 7.33 22.66
N GLN B 188 3.74 8.44 22.45
CA GLN B 188 2.35 8.34 22.00
C GLN B 188 2.34 7.76 20.55
N PHE B 189 3.07 8.44 19.66
CA PHE B 189 3.10 8.01 18.25
C PHE B 189 3.41 6.53 18.09
N THR B 190 4.43 6.03 18.78
CA THR B 190 4.84 4.65 18.61
C THR B 190 3.89 3.69 19.26
N SER B 191 2.87 4.21 19.92
CA SER B 191 1.91 3.37 20.60
C SER B 191 0.53 3.38 19.88
N THR B 192 0.45 4.14 18.80
CA THR B 192 -0.78 4.27 18.01
C THR B 192 -0.69 3.35 16.78
N SER B 193 -1.82 3.27 16.03
CA SER B 193 -1.86 2.44 14.83
C SER B 193 -0.84 2.93 13.78
N THR B 194 -0.72 4.24 13.52
CA THR B 194 0.25 4.69 12.53
C THR B 194 1.71 4.32 12.95
N GLY B 195 2.02 4.49 14.22
CA GLY B 195 3.35 4.14 14.72
C GLY B 195 3.54 2.67 14.55
N GLN B 196 2.50 1.85 14.79
CA GLN B 196 2.68 0.44 14.63
C GLN B 196 2.68 0.03 13.14
N LEU B 197 1.97 0.77 12.28
CA LEU B 197 2.03 0.48 10.82
C LEU B 197 3.53 0.73 10.38
N TYR B 198 4.08 1.82 10.88
CA TYR B 198 5.48 2.19 10.59
C TYR B 198 6.45 1.06 10.99
N GLU B 199 6.23 0.35 12.09
CA GLU B 199 7.15 -0.78 12.45
C GLU B 199 7.18 -1.80 11.34
N MET B 200 6.09 -1.90 10.57
CA MET B 200 6.05 -2.87 9.50
C MET B 200 6.48 -2.32 8.15
N PHE B 201 6.09 -1.08 7.84
CA PHE B 201 6.33 -0.51 6.54
C PHE B 201 7.24 0.70 6.45
N SER B 202 8.12 0.82 7.44
CA SER B 202 9.08 1.92 7.45
C SER B 202 9.92 1.99 6.16
N SER B 203 10.19 0.85 5.51
CA SER B 203 11.02 0.81 4.27
C SER B 203 10.42 1.74 3.19
N VAL B 204 9.11 1.94 3.23
CA VAL B 204 8.43 2.83 2.29
C VAL B 204 8.03 4.11 2.99
N MET B 205 7.37 3.98 4.13
CA MET B 205 6.89 5.14 4.87
C MET B 205 7.93 6.19 5.26
N LYS B 206 9.18 5.80 5.50
CA LYS B 206 10.12 6.83 5.89
C LYS B 206 10.33 7.82 4.76
N HIS B 207 10.01 7.44 3.52
CA HIS B 207 10.21 8.35 2.38
C HIS B 207 8.96 9.07 1.96
N LEU B 208 7.86 8.84 2.66
CA LEU B 208 6.58 9.50 2.27
C LEU B 208 6.12 10.59 3.19
N PRO B 209 5.42 11.63 2.65
CA PRO B 209 4.96 12.68 3.57
C PRO B 209 3.86 12.02 4.39
N GLY B 210 3.61 12.52 5.58
CA GLY B 210 2.58 11.91 6.42
C GLY B 210 2.87 12.12 7.89
N PRO B 211 2.02 11.58 8.76
CA PRO B 211 2.19 11.73 10.21
C PRO B 211 3.56 11.28 10.70
N GLN B 212 4.12 10.23 10.10
CA GLN B 212 5.46 9.77 10.54
C GLN B 212 6.45 10.93 10.52
N GLN B 213 6.39 11.75 9.48
CA GLN B 213 7.35 12.85 9.36
C GLN B 213 7.29 13.79 10.57
N GLN B 214 6.09 14.07 11.10
CA GLN B 214 5.99 14.93 12.28
C GLN B 214 6.63 14.19 13.47
N ALA B 215 6.45 12.88 13.54
CA ALA B 215 7.04 12.11 14.62
C ALA B 215 8.57 12.22 14.52
N PHE B 216 9.12 12.07 13.32
CA PHE B 216 10.56 12.16 13.13
C PHE B 216 11.08 13.49 13.57
N GLN B 217 10.31 14.56 13.32
CA GLN B 217 10.77 15.89 13.71
C GLN B 217 10.80 16.03 15.22
N LEU B 218 9.99 15.30 15.97
CA LEU B 218 10.06 15.38 17.43
C LEU B 218 11.43 14.77 17.84
N LEU B 219 11.88 13.72 17.16
CA LEU B 219 13.20 13.10 17.48
C LEU B 219 14.32 14.04 17.06
N GLN B 220 14.19 14.65 15.90
CA GLN B 220 15.19 15.61 15.41
C GLN B 220 15.30 16.80 16.40
N GLY B 221 14.18 17.24 16.93
CA GLY B 221 14.20 18.35 17.89
C GLY B 221 15.03 17.96 19.11
N LEU B 222 14.72 16.78 19.64
CA LEU B 222 15.45 16.23 20.78
C LEU B 222 16.93 16.11 20.44
N GLU B 223 17.26 15.48 19.32
CA GLU B 223 18.66 15.34 18.97
C GLU B 223 19.37 16.72 18.91
N ASP B 224 18.75 17.71 18.25
CA ASP B 224 19.34 19.05 18.10
C ASP B 224 19.64 19.68 19.46
N PHE B 225 18.75 19.49 20.43
CA PHE B 225 18.96 20.00 21.75
C PHE B 225 20.22 19.33 22.41
N ILE B 226 20.32 18.00 22.34
CA ILE B 226 21.46 17.30 22.90
C ILE B 226 22.77 17.79 22.24
N ALA B 227 22.74 17.92 20.92
CA ALA B 227 23.91 18.39 20.15
C ALA B 227 24.35 19.76 20.65
N LYS B 228 23.39 20.63 20.91
CA LYS B 228 23.67 21.96 21.42
C LYS B 228 24.30 21.90 22.81
N LYS B 229 23.79 21.06 23.70
CA LYS B 229 24.38 20.96 25.01
C LYS B 229 25.78 20.36 24.92
N VAL B 230 25.98 19.40 24.04
CA VAL B 230 27.31 18.81 23.91
C VAL B 230 28.32 19.85 23.38
N GLU B 231 27.94 20.65 22.39
CA GLU B 231 28.83 21.65 21.82
C GLU B 231 29.16 22.68 22.89
N HIS B 232 28.25 22.88 23.82
CA HIS B 232 28.48 23.83 24.90
C HIS B 232 29.48 23.25 25.89
N ASN B 233 29.30 21.99 26.26
CA ASN B 233 30.21 21.33 27.20
C ASN B 233 31.63 21.23 26.61
N GLN B 234 31.72 20.98 25.31
CA GLN B 234 33.03 20.86 24.68
C GLN B 234 33.74 22.22 24.69
N ARG B 235 32.93 23.27 24.50
CA ARG B 235 33.38 24.66 24.48
C ARG B 235 34.00 25.06 25.82
N THR B 236 33.61 24.35 26.89
CA THR B 236 34.11 24.64 28.23
C THR B 236 34.57 23.39 29.02
N LEU B 237 35.03 22.36 28.31
CA LEU B 237 35.45 21.15 29.00
C LEU B 237 36.62 21.33 29.98
N ASP B 238 36.45 20.70 31.14
CA ASP B 238 37.38 20.74 32.25
C ASP B 238 37.97 19.33 32.42
N PRO B 239 38.87 18.92 31.50
CA PRO B 239 39.52 17.60 31.47
C PRO B 239 39.65 16.83 32.77
N ASN B 240 40.15 17.44 33.83
CA ASN B 240 40.27 16.71 35.09
C ASN B 240 39.09 16.87 36.03
N SER B 241 38.05 17.54 35.54
CA SER B 241 36.86 17.73 36.35
C SER B 241 35.53 17.63 35.56
N PRO B 242 35.02 16.40 35.38
CA PRO B 242 33.78 16.10 34.67
C PRO B 242 32.54 16.63 35.43
N ARG B 243 31.74 17.46 34.77
CA ARG B 243 30.54 18.02 35.39
C ARG B 243 29.37 17.05 35.32
N ASP B 244 29.33 16.28 34.24
CA ASP B 244 28.23 15.35 34.01
C ASP B 244 28.62 14.22 33.06
N PHE B 245 27.61 13.44 32.69
CA PHE B 245 27.77 12.30 31.80
C PHE B 245 28.47 12.73 30.54
N ILE B 246 27.97 13.81 29.95
CA ILE B 246 28.53 14.32 28.73
C ILE B 246 30.06 14.59 28.82
N ASP B 247 30.51 15.24 29.89
CA ASP B 247 31.94 15.55 30.09
C ASP B 247 32.77 14.27 30.14
N SER B 248 32.30 13.30 30.93
CA SER B 248 32.99 12.00 31.07
C SER B 248 33.19 11.39 29.70
N PHE B 249 32.13 11.38 28.90
CA PHE B 249 32.20 10.81 27.57
C PHE B 249 33.16 11.61 26.68
N LEU B 250 33.09 12.94 26.76
CA LEU B 250 33.94 13.80 25.94
C LEU B 250 35.40 13.59 26.30
N ILE B 251 35.66 13.30 27.57
CA ILE B 251 37.03 13.07 27.97
C ILE B 251 37.55 11.79 27.30
N ARG B 252 36.75 10.73 27.34
CA ARG B 252 37.17 9.50 26.71
C ARG B 252 37.34 9.78 25.22
N MET B 253 36.46 10.62 24.66
CA MET B 253 36.59 10.95 23.26
C MET B 253 37.94 11.57 22.98
N GLN B 254 38.37 12.51 23.82
CA GLN B 254 39.69 13.15 23.63
C GLN B 254 40.78 12.10 23.66
N GLU B 255 40.77 11.26 24.68
CA GLU B 255 41.77 10.20 24.79
C GLU B 255 41.86 9.28 23.57
N GLU B 256 40.70 8.90 23.03
CA GLU B 256 40.62 7.95 21.92
C GLU B 256 40.64 8.54 20.53
N GLU B 257 40.74 9.86 20.44
CA GLU B 257 40.71 10.53 19.13
C GLU B 257 41.43 9.92 17.93
N LYS B 258 42.64 9.41 18.12
CA LYS B 258 43.34 8.81 16.98
C LYS B 258 43.21 7.29 16.86
N ASN B 259 42.30 6.70 17.64
CA ASN B 259 42.07 5.27 17.58
C ASN B 259 40.95 5.12 16.52
N PRO B 260 41.26 4.55 15.35
CA PRO B 260 40.24 4.42 14.32
C PRO B 260 39.11 3.47 14.63
N ASN B 261 39.33 2.61 15.63
CA ASN B 261 38.37 1.60 16.05
C ASN B 261 37.64 1.97 17.32
N THR B 262 37.73 3.20 17.76
CA THR B 262 37.04 3.57 19.00
C THR B 262 35.50 3.75 18.79
N GLU B 263 34.73 3.62 19.87
CA GLU B 263 33.28 3.78 19.82
C GLU B 263 32.97 5.12 20.43
N PHE B 264 33.99 5.73 21.05
CA PHE B 264 33.80 7.02 21.69
C PHE B 264 34.06 8.13 20.70
N TYR B 265 32.98 8.56 20.06
CA TYR B 265 33.07 9.66 19.13
C TYR B 265 31.74 10.39 19.21
N LEU B 266 31.68 11.54 18.58
CA LEU B 266 30.50 12.38 18.72
C LEU B 266 29.11 11.75 18.52
N LYS B 267 28.90 11.02 17.41
CA LYS B 267 27.56 10.44 17.18
C LYS B 267 27.15 9.51 18.35
N ASN B 268 28.07 8.69 18.88
CA ASN B 268 27.68 7.86 20.01
C ASN B 268 27.40 8.62 21.29
N LEU B 269 28.00 9.79 21.43
CA LEU B 269 27.76 10.56 22.62
C LEU B 269 26.35 11.19 22.51
N VAL B 270 26.03 11.74 21.34
CA VAL B 270 24.73 12.38 21.19
C VAL B 270 23.60 11.34 21.36
N MET B 271 23.72 10.23 20.66
CA MET B 271 22.70 9.18 20.72
C MET B 271 22.58 8.50 22.06
N THR B 272 23.70 8.24 22.74
CA THR B 272 23.61 7.64 24.07
C THR B 272 22.96 8.63 25.07
N THR B 273 23.28 9.91 24.93
CA THR B 273 22.74 10.92 25.84
C THR B 273 21.25 11.07 25.58
N LEU B 274 20.88 11.04 24.30
CA LEU B 274 19.45 11.10 23.94
C LEU B 274 18.74 9.84 24.48
N ASN B 275 19.38 8.67 24.37
CA ASN B 275 18.80 7.39 24.89
C ASN B 275 18.50 7.52 26.39
N LEU B 276 19.46 8.12 27.13
CA LEU B 276 19.32 8.27 28.56
C LEU B 276 18.27 9.33 28.89
N PHE B 277 18.32 10.44 28.16
CA PHE B 277 17.39 11.51 28.42
C PHE B 277 15.94 11.02 28.19
N ILE B 278 15.70 10.25 27.13
CA ILE B 278 14.36 9.72 26.84
C ILE B 278 13.98 8.60 27.77
N GLY B 279 14.76 7.50 27.71
CA GLY B 279 14.46 6.33 28.52
C GLY B 279 14.35 6.67 29.98
N GLY B 280 15.16 7.64 30.41
CA GLY B 280 15.14 8.05 31.81
C GLY B 280 14.04 9.01 32.23
N THR B 281 13.24 9.48 31.26
CA THR B 281 12.15 10.39 31.54
C THR B 281 10.75 9.76 31.29
N GLU B 282 10.48 9.38 30.05
CA GLU B 282 9.12 8.95 29.72
C GLU B 282 8.56 7.67 30.35
N THR B 283 9.42 6.69 30.60
CA THR B 283 8.96 5.47 31.22
C THR B 283 8.51 5.70 32.69
N VAL B 284 9.34 6.40 33.45
CA VAL B 284 9.04 6.66 34.87
C VAL B 284 7.86 7.61 34.94
N SER B 285 7.86 8.64 34.08
CA SER B 285 6.75 9.59 34.13
C SER B 285 5.43 8.86 33.83
N THR B 286 5.42 7.99 32.83
CA THR B 286 4.18 7.27 32.49
C THR B 286 3.69 6.39 33.65
N THR B 287 4.64 5.68 34.26
CA THR B 287 4.32 4.84 35.40
C THR B 287 3.69 5.63 36.56
N LEU B 288 4.29 6.78 36.92
CA LEU B 288 3.78 7.59 38.01
C LEU B 288 2.39 8.05 37.61
N ARG B 289 2.26 8.57 36.38
CA ARG B 289 0.93 9.05 35.94
C ARG B 289 -0.10 7.94 36.06
N TYR B 290 0.22 6.74 35.59
CA TYR B 290 -0.73 5.62 35.71
C TYR B 290 -0.98 5.28 37.18
N GLY B 291 0.08 5.33 38.00
CA GLY B 291 -0.02 4.99 39.41
C GLY B 291 -1.07 5.76 40.19
N PHE B 292 -1.03 7.09 40.10
CA PHE B 292 -2.03 7.92 40.80
C PHE B 292 -3.44 7.64 40.29
N LEU B 293 -3.61 7.36 38.99
CA LEU B 293 -4.96 7.08 38.50
C LEU B 293 -5.46 5.80 39.20
N LEU B 294 -4.57 4.80 39.28
CA LEU B 294 -4.90 3.54 39.92
C LEU B 294 -5.27 3.74 41.38
N LEU B 295 -4.54 4.60 42.06
CA LEU B 295 -4.79 4.84 43.47
C LEU B 295 -6.16 5.54 43.68
N MET B 296 -6.55 6.44 42.77
CA MET B 296 -7.86 7.08 42.94
C MET B 296 -8.94 6.04 42.72
N LYS B 297 -8.74 5.19 41.70
CA LYS B 297 -9.67 4.13 41.40
C LYS B 297 -9.78 3.12 42.59
N HIS B 298 -8.78 3.06 43.46
CA HIS B 298 -8.77 2.13 44.62
C HIS B 298 -8.47 2.80 45.94
N PRO B 299 -9.37 3.66 46.40
CA PRO B 299 -9.30 4.43 47.65
C PRO B 299 -8.82 3.63 48.87
N GLU B 300 -9.25 2.37 48.96
CA GLU B 300 -8.85 1.51 50.08
C GLU B 300 -7.33 1.25 50.06
N VAL B 301 -6.74 1.15 48.88
CA VAL B 301 -5.30 0.95 48.76
C VAL B 301 -4.60 2.23 49.24
N GLU B 302 -5.12 3.39 48.79
CA GLU B 302 -4.54 4.66 49.20
C GLU B 302 -4.53 4.78 50.71
N ALA B 303 -5.63 4.39 51.33
CA ALA B 303 -5.73 4.47 52.79
C ALA B 303 -4.63 3.62 53.48
N LYS B 304 -4.43 2.39 53.05
CA LYS B 304 -3.39 1.55 53.68
C LYS B 304 -2.00 2.13 53.51
N VAL B 305 -1.78 2.79 52.36
CA VAL B 305 -0.48 3.42 52.07
C VAL B 305 -0.29 4.57 53.06
N HIS B 306 -1.35 5.32 53.28
CA HIS B 306 -1.26 6.44 54.21
C HIS B 306 -0.92 5.89 55.62
N GLU B 307 -1.60 4.82 56.04
CA GLU B 307 -1.33 4.25 57.37
C GLU B 307 0.16 3.84 57.46
N GLU B 308 0.66 3.14 56.46
CA GLU B 308 2.05 2.72 56.53
C GLU B 308 3.05 3.89 56.51
N ILE B 309 2.81 4.89 55.68
CA ILE B 309 3.72 6.04 55.63
C ILE B 309 3.77 6.77 56.97
N ASP B 310 2.60 7.07 57.51
CA ASP B 310 2.48 7.81 58.76
C ASP B 310 3.19 7.08 59.90
N ARG B 311 3.02 5.77 59.97
CA ARG B 311 3.65 4.97 61.02
C ARG B 311 5.16 4.75 60.84
N VAL B 312 5.63 4.50 59.60
CA VAL B 312 7.05 4.25 59.43
C VAL B 312 7.88 5.50 59.23
N ILE B 313 7.36 6.45 58.47
CA ILE B 313 8.11 7.66 58.16
C ILE B 313 7.75 8.85 59.02
N GLY B 314 6.44 9.07 59.22
CA GLY B 314 5.99 10.20 60.03
C GLY B 314 5.94 11.50 59.24
N LYS B 315 5.85 12.63 59.94
CA LYS B 315 5.78 13.93 59.27
C LYS B 315 7.00 14.82 59.45
N ASN B 316 8.08 14.35 60.07
CA ASN B 316 9.24 15.23 60.24
C ASN B 316 10.46 15.04 59.35
N ARG B 317 10.31 14.23 58.32
CA ARG B 317 11.42 14.01 57.38
C ARG B 317 10.80 13.48 56.08
N GLN B 318 11.55 13.60 54.99
CA GLN B 318 11.06 13.09 53.72
C GLN B 318 11.44 11.62 53.67
N PRO B 319 10.77 10.85 52.81
CA PRO B 319 11.07 9.42 52.67
C PRO B 319 12.50 9.27 52.17
N LYS B 320 13.16 8.19 52.54
CA LYS B 320 14.50 7.93 52.00
C LYS B 320 14.42 6.49 51.45
N PHE B 321 15.30 6.12 50.54
CA PHE B 321 15.20 4.81 49.89
C PHE B 321 15.23 3.59 50.82
N GLU B 322 16.01 3.66 51.90
CA GLU B 322 16.07 2.52 52.84
C GLU B 322 14.75 2.28 53.57
N ASP B 323 13.85 3.25 53.54
CA ASP B 323 12.55 3.07 54.22
C ASP B 323 11.76 1.92 53.61
N ARG B 324 12.17 1.54 52.41
CA ARG B 324 11.51 0.48 51.65
C ARG B 324 11.50 -0.83 52.43
N ALA B 325 12.60 -1.16 53.07
CA ALA B 325 12.72 -2.37 53.85
C ALA B 325 11.59 -2.51 54.87
N LYS B 326 11.09 -1.38 55.37
CA LYS B 326 10.05 -1.39 56.38
C LYS B 326 8.67 -1.05 55.87
N MET B 327 8.51 -1.00 54.56
CA MET B 327 7.22 -0.63 54.01
C MET B 327 6.87 -1.62 52.96
N PRO B 328 6.52 -2.83 53.37
CA PRO B 328 6.17 -3.84 52.38
C PRO B 328 4.86 -3.51 51.62
N TYR B 329 3.95 -2.78 52.27
CA TYR B 329 2.70 -2.45 51.55
C TYR B 329 2.97 -1.48 50.39
N MET B 330 3.77 -0.45 50.65
CA MET B 330 4.10 0.51 49.63
C MET B 330 4.86 -0.21 48.51
N GLU B 331 5.80 -1.06 48.92
CA GLU B 331 6.58 -1.82 47.97
C GLU B 331 5.65 -2.71 47.12
N ALA B 332 4.60 -3.28 47.72
CA ALA B 332 3.69 -4.15 46.96
C ALA B 332 2.84 -3.33 45.97
N VAL B 333 2.42 -2.15 46.40
CA VAL B 333 1.61 -1.23 45.59
C VAL B 333 2.43 -0.73 44.40
N ILE B 334 3.70 -0.39 44.62
CA ILE B 334 4.48 0.10 43.49
C ILE B 334 4.70 -1.04 42.52
N HIS B 335 4.96 -2.25 43.05
CA HIS B 335 5.14 -3.37 42.15
C HIS B 335 3.85 -3.60 41.36
N GLU B 336 2.70 -3.52 42.04
CA GLU B 336 1.45 -3.78 41.34
C GLU B 336 1.14 -2.69 40.29
N ILE B 337 1.61 -1.48 40.55
CA ILE B 337 1.40 -0.42 39.59
C ILE B 337 2.21 -0.75 38.33
N GLN B 338 3.43 -1.25 38.56
CA GLN B 338 4.27 -1.56 37.43
C GLN B 338 3.74 -2.78 36.68
N ARG B 339 3.16 -3.71 37.40
CA ARG B 339 2.68 -4.91 36.71
C ARG B 339 1.44 -4.54 35.91
N PHE B 340 0.51 -3.84 36.53
CA PHE B 340 -0.74 -3.45 35.89
C PHE B 340 -0.51 -2.48 34.73
N GLY B 341 0.29 -1.44 34.98
CA GLY B 341 0.63 -0.45 33.97
C GLY B 341 1.31 -1.01 32.72
N ASP B 342 2.14 -2.04 32.88
CA ASP B 342 2.76 -2.71 31.76
C ASP B 342 3.22 -1.70 30.69
N VAL B 343 4.01 -0.73 31.16
CA VAL B 343 4.53 0.38 30.39
C VAL B 343 5.19 0.07 29.06
N ILE B 344 6.09 -0.92 28.98
CA ILE B 344 6.67 -1.29 27.68
C ILE B 344 6.14 -2.74 27.50
N PRO B 345 4.91 -2.89 26.97
CA PRO B 345 4.35 -4.26 26.83
C PRO B 345 5.01 -5.36 26.05
N MET B 346 5.77 -4.99 25.04
CA MET B 346 6.45 -5.98 24.21
C MET B 346 7.96 -5.78 24.34
N SER B 347 8.37 -5.07 25.38
CA SER B 347 9.79 -4.79 25.62
C SER B 347 10.33 -4.05 24.40
N LEU B 348 11.65 -4.11 24.29
CA LEU B 348 12.39 -3.59 23.13
C LEU B 348 12.87 -4.89 22.47
N ALA B 349 12.59 -5.05 21.18
CA ALA B 349 12.94 -6.26 20.45
C ALA B 349 14.40 -6.74 20.68
N ARG B 350 14.55 -8.06 20.77
CA ARG B 350 15.86 -8.67 20.92
C ARG B 350 16.08 -9.35 19.57
N ARG B 351 17.23 -9.99 19.40
CA ARG B 351 17.49 -10.74 18.18
C ARG B 351 18.56 -11.79 18.45
N VAL B 352 18.44 -12.98 17.84
CA VAL B 352 19.45 -14.01 18.12
C VAL B 352 20.78 -13.75 17.45
N LYS B 353 21.83 -13.83 18.27
CA LYS B 353 23.20 -13.59 17.85
C LYS B 353 23.70 -14.61 16.82
N LYS B 354 23.22 -15.86 16.92
CA LYS B 354 23.62 -16.94 16.01
C LYS B 354 22.49 -17.92 15.80
N ASP B 355 22.69 -18.89 14.93
CA ASP B 355 21.66 -19.91 14.68
C ASP B 355 21.35 -20.46 16.06
N THR B 356 20.08 -20.56 16.39
CA THR B 356 19.72 -21.00 17.72
C THR B 356 18.63 -22.06 17.79
N LYS B 357 18.85 -23.03 18.66
CA LYS B 357 17.88 -24.10 18.88
C LYS B 357 17.18 -23.64 20.15
N PHE B 358 15.88 -23.46 20.10
CA PHE B 358 15.19 -23.02 21.29
C PHE B 358 14.00 -23.93 21.40
N ARG B 359 13.96 -24.68 22.50
CA ARG B 359 12.96 -25.72 22.74
C ARG B 359 12.49 -26.43 21.46
N ASP B 360 13.44 -26.99 20.72
CA ASP B 360 13.15 -27.70 19.46
C ASP B 360 12.49 -26.87 18.35
N PHE B 361 12.99 -25.65 18.21
CA PHE B 361 12.57 -24.72 17.19
C PHE B 361 13.93 -24.28 16.71
N PHE B 362 14.02 -23.87 15.45
CA PHE B 362 15.30 -23.39 14.98
C PHE B 362 15.10 -21.90 14.65
N LEU B 363 15.99 -21.05 15.17
CA LEU B 363 15.93 -19.62 14.91
C LEU B 363 17.21 -19.20 14.23
N PRO B 364 17.16 -18.93 12.91
CA PRO B 364 18.42 -18.55 12.29
C PRO B 364 18.96 -17.24 12.82
N LYS B 365 20.27 -17.10 12.72
CA LYS B 365 21.01 -15.94 13.15
C LYS B 365 20.38 -14.66 12.67
N GLY B 366 20.18 -13.71 13.57
CA GLY B 366 19.60 -12.42 13.19
C GLY B 366 18.09 -12.32 13.26
N THR B 367 17.44 -13.44 13.59
CA THR B 367 15.99 -13.47 13.74
C THR B 367 15.59 -12.57 14.94
N GLU B 368 14.64 -11.65 14.69
CA GLU B 368 14.15 -10.76 15.74
C GLU B 368 13.24 -11.56 16.68
N VAL B 369 13.17 -11.13 17.93
CA VAL B 369 12.43 -11.78 18.99
C VAL B 369 11.66 -10.72 19.78
N TYR B 370 10.37 -10.93 19.95
CA TYR B 370 9.53 -10.01 20.70
C TYR B 370 9.21 -10.63 22.05
N PRO B 371 9.90 -10.22 23.14
CA PRO B 371 9.59 -10.82 24.44
C PRO B 371 8.32 -10.12 24.92
N MET B 372 7.20 -10.83 25.00
CA MET B 372 5.95 -10.20 25.42
C MET B 372 5.82 -10.02 26.95
N LEU B 373 6.50 -8.99 27.47
CA LEU B 373 6.53 -8.69 28.88
C LEU B 373 5.14 -8.56 29.48
N GLY B 374 4.21 -7.95 28.75
CA GLY B 374 2.87 -7.83 29.28
C GLY B 374 2.24 -9.21 29.60
N SER B 375 2.50 -10.21 28.76
CA SER B 375 1.95 -11.56 28.97
C SER B 375 2.62 -12.26 30.15
N VAL B 376 3.73 -11.72 30.64
CA VAL B 376 4.39 -12.31 31.80
C VAL B 376 3.82 -11.56 33.02
N LEU B 377 3.71 -10.23 32.95
CA LEU B 377 3.15 -9.46 34.07
C LEU B 377 1.73 -9.95 34.31
N ARG B 378 1.09 -10.54 33.30
CA ARG B 378 -0.28 -11.06 33.50
C ARG B 378 -0.43 -12.59 33.43
N ASP B 379 0.68 -13.30 33.61
CA ASP B 379 0.64 -14.75 33.52
C ASP B 379 -0.23 -15.31 34.66
N PRO B 380 -1.35 -15.98 34.31
CA PRO B 380 -2.30 -16.56 35.27
C PRO B 380 -1.65 -17.56 36.22
N SER B 381 -0.48 -18.06 35.85
CA SER B 381 0.21 -18.99 36.73
C SER B 381 1.01 -18.26 37.81
N PHE B 382 1.11 -16.93 37.71
CA PHE B 382 1.86 -16.19 38.69
C PHE B 382 1.07 -15.17 39.46
N PHE B 383 -0.11 -14.81 38.96
CA PHE B 383 -0.96 -13.83 39.65
C PHE B 383 -2.40 -14.35 39.64
N SER B 384 -3.06 -14.33 40.81
CA SER B 384 -4.42 -14.85 40.93
C SER B 384 -5.52 -14.19 40.06
N ASN B 385 -5.42 -12.88 39.84
CA ASN B 385 -6.38 -12.12 39.04
C ASN B 385 -5.55 -11.14 38.21
N PRO B 386 -4.81 -11.62 37.22
CA PRO B 386 -3.97 -10.74 36.39
C PRO B 386 -4.60 -9.48 35.84
N GLN B 387 -5.90 -9.52 35.58
CA GLN B 387 -6.60 -8.36 35.03
C GLN B 387 -6.99 -7.33 36.08
N ASP B 388 -6.88 -7.69 37.36
CA ASP B 388 -7.24 -6.75 38.42
C ASP B 388 -6.05 -6.04 38.97
N PHE B 389 -6.28 -4.84 39.50
CA PHE B 389 -5.22 -4.09 40.17
C PHE B 389 -5.35 -4.53 41.62
N ASN B 390 -4.39 -5.34 42.07
CA ASN B 390 -4.43 -5.82 43.43
C ASN B 390 -3.02 -5.98 44.09
N PRO B 391 -2.63 -5.08 45.03
CA PRO B 391 -1.31 -5.15 45.71
C PRO B 391 -1.05 -6.48 46.43
N GLN B 392 -2.12 -7.20 46.74
CA GLN B 392 -2.03 -8.50 47.39
C GLN B 392 -1.22 -9.44 46.46
N HIS B 393 -1.15 -9.07 45.17
CA HIS B 393 -0.38 -9.87 44.21
C HIS B 393 1.08 -9.97 44.64
N PHE B 394 1.54 -9.01 45.45
CA PHE B 394 2.92 -8.96 45.96
C PHE B 394 3.01 -9.01 47.47
N LEU B 395 2.03 -9.65 48.09
CA LEU B 395 2.05 -9.80 49.55
C LEU B 395 1.75 -11.24 49.96
N ASN B 396 2.21 -11.55 51.17
CA ASN B 396 2.02 -12.80 51.93
C ASN B 396 0.70 -12.63 52.68
N GLU B 397 0.26 -13.69 53.39
CA GLU B 397 -0.96 -13.57 54.22
C GLU B 397 -0.60 -12.72 55.44
N LYS B 398 0.68 -12.75 55.81
CA LYS B 398 1.20 -11.98 56.93
C LYS B 398 1.57 -10.54 56.55
N GLY B 399 1.23 -10.14 55.32
CA GLY B 399 1.55 -8.77 54.86
C GLY B 399 3.01 -8.44 54.57
N GLN B 400 3.83 -9.45 54.34
CA GLN B 400 5.23 -9.22 54.02
C GLN B 400 5.34 -9.20 52.50
N PHE B 401 6.31 -8.45 51.98
CA PHE B 401 6.50 -8.39 50.53
C PHE B 401 6.90 -9.75 49.95
N LYS B 402 6.24 -10.15 48.86
CA LYS B 402 6.48 -11.42 48.17
C LYS B 402 6.86 -11.16 46.70
N LYS B 403 8.11 -11.47 46.36
CA LYS B 403 8.62 -11.28 45.04
C LYS B 403 7.96 -12.26 44.11
N SER B 404 8.12 -12.01 42.81
CA SER B 404 7.61 -12.89 41.76
C SER B 404 8.57 -12.95 40.57
N ASP B 405 8.80 -14.14 40.06
CA ASP B 405 9.70 -14.30 38.90
C ASP B 405 9.01 -13.70 37.66
N ALA B 406 7.72 -13.42 37.75
CA ALA B 406 6.99 -12.85 36.62
C ALA B 406 7.03 -11.32 36.64
N PHE B 407 7.69 -10.73 37.63
CA PHE B 407 7.80 -9.29 37.71
C PHE B 407 8.96 -8.89 36.81
N VAL B 408 8.65 -8.58 35.55
CA VAL B 408 9.68 -8.25 34.59
C VAL B 408 9.44 -6.94 33.79
N PRO B 409 8.95 -5.86 34.43
CA PRO B 409 8.70 -4.63 33.65
C PRO B 409 9.95 -4.03 33.07
N PHE B 410 11.12 -4.40 33.62
CA PHE B 410 12.43 -3.90 33.16
C PHE B 410 13.12 -4.96 32.29
N SER B 411 12.34 -5.95 31.88
CA SER B 411 12.82 -7.08 31.12
C SER B 411 13.88 -7.79 32.00
N ILE B 412 14.61 -8.73 31.39
CA ILE B 412 15.61 -9.54 32.07
C ILE B 412 16.62 -9.97 31.01
N GLY B 413 17.76 -10.55 31.40
CA GLY B 413 18.71 -11.00 30.40
C GLY B 413 19.85 -10.04 30.22
N LYS B 414 20.70 -10.28 29.24
CA LYS B 414 21.90 -9.46 28.99
C LYS B 414 21.68 -7.99 28.54
N ARG B 415 20.52 -7.70 27.97
CA ARG B 415 20.32 -6.32 27.55
C ARG B 415 19.16 -5.70 28.32
N ASN B 416 18.93 -6.20 29.53
CA ASN B 416 17.85 -5.68 30.35
C ASN B 416 18.16 -4.21 30.67
N CYS B 417 17.17 -3.55 31.24
CA CYS B 417 17.26 -2.15 31.56
C CYS B 417 18.30 -1.86 32.64
N PHE B 418 19.35 -1.08 32.34
CA PHE B 418 20.33 -0.77 33.38
C PHE B 418 19.98 0.54 34.10
N GLY B 419 18.78 1.06 33.78
CA GLY B 419 18.31 2.26 34.41
C GLY B 419 17.40 1.80 35.53
N GLU B 420 17.21 0.48 35.67
CA GLU B 420 16.31 -0.06 36.67
C GLU B 420 16.53 0.44 38.12
N GLY B 421 17.79 0.48 38.58
CA GLY B 421 18.05 1.00 39.92
C GLY B 421 17.60 2.48 40.05
N LEU B 422 18.01 3.33 39.12
CA LEU B 422 17.56 4.73 39.17
C LEU B 422 16.01 4.80 39.20
N ALA B 423 15.37 4.07 38.31
CA ALA B 423 13.90 4.06 38.19
C ALA B 423 13.22 3.63 39.48
N ARG B 424 13.65 2.51 40.07
CA ARG B 424 13.05 2.02 41.32
C ARG B 424 13.17 3.05 42.44
N MET B 425 14.31 3.71 42.53
CA MET B 425 14.47 4.74 43.55
C MET B 425 13.53 5.95 43.25
N GLU B 426 13.44 6.37 41.99
CA GLU B 426 12.54 7.48 41.66
C GLU B 426 11.10 7.09 41.97
N LEU B 427 10.71 5.88 41.58
CA LEU B 427 9.35 5.50 41.84
C LEU B 427 9.04 5.47 43.33
N PHE B 428 9.93 4.88 44.13
CA PHE B 428 9.67 4.83 45.57
C PHE B 428 9.69 6.24 46.21
N LEU B 429 10.67 7.07 45.88
CA LEU B 429 10.70 8.37 46.51
C LEU B 429 9.59 9.33 46.01
N PHE B 430 9.29 9.29 44.71
CA PHE B 430 8.23 10.20 44.21
C PHE B 430 6.86 9.77 44.67
N PHE B 431 6.55 8.47 44.61
CA PHE B 431 5.24 8.01 45.08
C PHE B 431 5.03 8.23 46.58
N THR B 432 6.04 7.92 47.39
CA THR B 432 5.82 8.04 48.83
C THR B 432 5.83 9.48 49.29
N THR B 433 6.67 10.32 48.69
CA THR B 433 6.70 11.70 49.10
C THR B 433 5.33 12.39 48.79
N VAL B 434 4.82 12.16 47.58
CA VAL B 434 3.52 12.74 47.21
C VAL B 434 2.43 12.26 48.15
N MET B 435 2.38 10.94 48.38
CA MET B 435 1.35 10.36 49.23
C MET B 435 1.52 10.78 50.72
N GLN B 436 2.75 11.06 51.12
CA GLN B 436 2.99 11.52 52.49
C GLN B 436 2.36 12.91 52.67
N ASN B 437 2.39 13.71 51.60
CA ASN B 437 1.89 15.07 51.68
C ASN B 437 0.46 15.34 51.20
N PHE B 438 -0.10 14.44 50.40
CA PHE B 438 -1.43 14.72 49.84
C PHE B 438 -2.32 13.50 49.81
N ARG B 439 -3.64 13.74 49.85
CA ARG B 439 -4.58 12.69 49.65
C ARG B 439 -5.08 13.01 48.21
N LEU B 440 -5.56 12.00 47.50
CA LEU B 440 -5.93 12.24 46.11
C LEU B 440 -7.42 12.34 45.87
N LYS B 441 -7.80 13.37 45.14
CA LYS B 441 -9.20 13.56 44.84
C LYS B 441 -9.42 13.58 43.31
N SER B 442 -10.26 12.66 42.83
CA SER B 442 -10.55 12.55 41.40
C SER B 442 -11.84 13.24 41.00
N SER B 443 -11.85 13.71 39.76
CA SER B 443 -12.98 14.42 39.18
C SER B 443 -14.24 13.57 39.21
N GLN B 444 -14.08 12.27 39.00
CA GLN B 444 -15.22 11.38 38.95
C GLN B 444 -15.20 10.40 40.11
N SER B 445 -16.18 9.50 40.13
CA SER B 445 -16.29 8.50 41.19
C SER B 445 -15.45 7.24 40.93
N PRO B 446 -14.84 6.67 41.98
CA PRO B 446 -14.03 5.47 41.82
C PRO B 446 -14.55 4.47 40.80
N LYS B 447 -15.82 4.07 40.93
CA LYS B 447 -16.39 3.10 39.99
C LYS B 447 -16.32 3.58 38.52
N ASP B 448 -16.46 4.88 38.28
CA ASP B 448 -16.42 5.41 36.92
C ASP B 448 -15.05 5.64 36.33
N ILE B 449 -14.01 5.53 37.15
CA ILE B 449 -12.65 5.76 36.64
C ILE B 449 -12.25 4.60 35.70
N ASP B 450 -11.87 4.96 34.48
CA ASP B 450 -11.45 3.98 33.46
C ASP B 450 -9.93 3.83 33.48
N VAL B 451 -9.42 2.72 34.03
CA VAL B 451 -7.97 2.53 34.06
C VAL B 451 -7.47 1.68 32.89
N SER B 452 -8.32 1.44 31.90
CA SER B 452 -7.89 0.67 30.72
C SER B 452 -6.96 1.63 29.95
N PRO B 453 -5.99 1.11 29.21
CA PRO B 453 -5.09 2.04 28.48
C PRO B 453 -5.68 2.86 27.30
N LYS B 454 -5.21 4.08 27.10
CA LYS B 454 -5.65 4.87 25.96
C LYS B 454 -5.00 4.29 24.64
N HIS B 455 -3.73 3.86 24.68
CA HIS B 455 -3.02 3.33 23.51
C HIS B 455 -2.12 2.24 24.03
N VAL B 456 -1.84 1.26 23.18
CA VAL B 456 -0.91 0.16 23.49
C VAL B 456 -0.20 -0.16 22.20
N GLY B 457 1.11 -0.09 22.24
CA GLY B 457 1.90 -0.41 21.08
C GLY B 457 3.29 -0.52 21.67
N PHE B 458 4.19 0.38 21.29
CA PHE B 458 5.55 0.30 21.89
C PHE B 458 5.41 0.48 23.41
N ALA B 459 4.43 1.30 23.81
CA ALA B 459 4.22 1.55 25.24
C ALA B 459 2.76 1.44 25.53
N THR B 460 2.43 1.46 26.82
CA THR B 460 1.04 1.44 27.28
C THR B 460 0.85 2.86 27.83
N ILE B 461 -0.06 3.62 27.21
CA ILE B 461 -0.30 4.98 27.64
C ILE B 461 -1.67 5.05 28.32
N PRO B 462 -1.76 5.51 29.57
CA PRO B 462 -3.06 5.59 30.25
C PRO B 462 -3.89 6.77 29.72
N ARG B 463 -5.18 6.76 29.99
CA ARG B 463 -6.09 7.83 29.54
C ARG B 463 -5.83 9.22 30.16
N ASN B 464 -6.09 10.28 29.40
CA ASN B 464 -5.94 11.64 29.90
C ASN B 464 -6.91 11.76 31.06
N TYR B 465 -6.51 12.49 32.11
CA TYR B 465 -7.36 12.67 33.30
C TYR B 465 -6.88 13.85 34.12
N THR B 466 -7.72 14.30 35.04
CA THR B 466 -7.38 15.42 35.92
C THR B 466 -7.68 14.95 37.32
N MET B 467 -7.01 15.57 38.30
CA MET B 467 -7.16 15.21 39.70
C MET B 467 -6.70 16.39 40.60
N SER B 468 -7.12 16.31 41.86
CA SER B 468 -6.79 17.32 42.88
C SER B 468 -5.88 16.73 43.96
N PHE B 469 -4.83 17.46 44.33
CA PHE B 469 -3.97 17.01 45.40
C PHE B 469 -4.30 17.83 46.64
N LEU B 470 -5.01 17.22 47.58
CA LEU B 470 -5.41 17.92 48.80
C LEU B 470 -4.50 17.60 49.99
N PRO B 471 -4.15 18.63 50.78
CA PRO B 471 -3.28 18.44 51.95
C PRO B 471 -3.86 17.45 52.95
N ARG B 472 -2.98 16.62 53.54
CA ARG B 472 -3.39 15.64 54.55
C ARG B 472 -3.76 16.58 55.70
N HIS B 473 -3.14 17.77 55.62
CA HIS B 473 -3.28 18.95 56.48
C HIS B 473 -2.10 19.30 57.39
N HIS B 474 -0.89 18.92 56.98
CA HIS B 474 0.29 19.17 57.80
C HIS B 474 1.37 20.07 57.15
N GLY C 9 21.98 25.06 -4.09
CA GLY C 9 22.60 24.87 -5.46
C GLY C 9 23.90 24.11 -5.29
N LYS C 10 23.95 23.32 -4.25
CA LYS C 10 25.15 22.59 -4.02
C LYS C 10 25.15 21.28 -4.82
N LEU C 11 24.08 20.46 -4.77
CA LEU C 11 24.13 19.21 -5.54
C LEU C 11 23.93 19.46 -7.06
N PRO C 12 24.46 18.60 -7.92
CA PRO C 12 24.29 18.77 -9.38
C PRO C 12 22.77 18.89 -9.67
N PRO C 13 22.37 19.61 -10.73
CA PRO C 13 20.94 19.79 -11.06
C PRO C 13 20.41 18.48 -11.58
N GLY C 14 19.10 18.34 -11.65
CA GLY C 14 18.54 17.11 -12.19
C GLY C 14 17.02 17.23 -12.16
N PRO C 15 16.28 16.25 -12.68
CA PRO C 15 14.80 16.34 -12.65
C PRO C 15 14.27 16.21 -11.23
N THR C 16 13.16 16.91 -10.98
CA THR C 16 12.56 16.92 -9.67
C THR C 16 11.98 15.53 -9.41
N PRO C 17 12.35 14.95 -8.28
CA PRO C 17 11.83 13.62 -7.96
C PRO C 17 10.53 13.67 -7.14
N LEU C 18 9.90 12.51 -6.97
CA LEU C 18 8.73 12.39 -6.12
C LEU C 18 9.18 11.52 -4.92
N PRO C 19 8.52 11.66 -3.77
CA PRO C 19 8.78 10.90 -2.54
C PRO C 19 8.75 9.39 -2.89
N PHE C 20 9.73 8.66 -2.36
CA PHE C 20 9.90 7.23 -2.55
C PHE C 20 10.20 6.75 -3.97
N ILE C 21 9.43 7.15 -5.00
CA ILE C 21 9.73 6.64 -6.32
C ILE C 21 10.86 7.39 -7.03
N GLY C 22 11.29 8.49 -6.45
CA GLY C 22 12.39 9.27 -7.02
C GLY C 22 12.11 9.73 -8.39
N ASN C 23 13.07 9.50 -9.30
CA ASN C 23 12.87 9.90 -10.70
C ASN C 23 12.35 8.79 -11.57
N TYR C 24 11.57 7.91 -10.96
CA TYR C 24 10.94 6.83 -11.71
C TYR C 24 10.24 7.33 -13.00
N LEU C 25 9.54 8.44 -12.92
CA LEU C 25 8.80 8.88 -14.11
C LEU C 25 9.67 9.29 -15.28
N GLN C 26 10.92 9.66 -15.03
CA GLN C 26 11.81 10.06 -16.13
C GLN C 26 12.75 8.90 -16.55
N LEU C 27 12.56 7.72 -15.98
CA LEU C 27 13.44 6.59 -16.29
C LEU C 27 12.71 5.39 -16.91
N ASN C 28 13.34 4.77 -17.89
CA ASN C 28 12.79 3.59 -18.52
C ASN C 28 13.74 2.53 -18.02
N THR C 29 13.31 1.68 -17.08
CA THR C 29 14.25 0.69 -16.56
C THR C 29 14.74 -0.34 -17.58
N GLU C 30 14.10 -0.44 -18.72
CA GLU C 30 14.60 -1.37 -19.74
C GLU C 30 15.83 -0.76 -20.47
N GLN C 31 15.98 0.56 -20.36
CA GLN C 31 17.05 1.28 -21.03
C GLN C 31 17.58 2.36 -20.07
N MET C 32 18.19 1.93 -18.95
CA MET C 32 18.69 2.91 -17.99
C MET C 32 19.73 3.84 -18.59
N TYR C 33 20.64 3.27 -19.37
CA TYR C 33 21.68 4.06 -20.00
C TYR C 33 21.07 5.11 -20.91
N ASN C 34 20.19 4.68 -21.81
CA ASN C 34 19.55 5.66 -22.73
C ASN C 34 18.76 6.70 -21.94
N SER C 35 18.06 6.28 -20.88
CA SER C 35 17.28 7.23 -20.07
C SER C 35 18.17 8.32 -19.41
N LEU C 36 19.26 7.85 -18.79
CA LEU C 36 20.20 8.76 -18.12
C LEU C 36 20.89 9.66 -19.18
N MET C 37 21.20 9.13 -20.35
CA MET C 37 21.84 9.97 -21.36
C MET C 37 20.85 11.00 -21.81
N LYS C 38 19.59 10.61 -21.90
CA LYS C 38 18.55 11.57 -22.30
C LYS C 38 18.41 12.66 -21.23
N ILE C 39 18.55 12.32 -19.95
CA ILE C 39 18.37 13.46 -19.07
C ILE C 39 19.71 14.26 -19.03
N SER C 40 20.83 13.63 -19.35
CA SER C 40 22.11 14.34 -19.46
C SER C 40 21.99 15.42 -20.60
N GLU C 41 21.29 15.08 -21.66
CA GLU C 41 21.14 16.01 -22.80
C GLU C 41 20.46 17.31 -22.38
N ARG C 42 19.61 17.19 -21.38
CA ARG C 42 18.86 18.30 -20.86
C ARG C 42 19.53 19.07 -19.75
N TYR C 43 20.14 18.35 -18.81
CA TYR C 43 20.78 18.95 -17.66
C TYR C 43 22.32 19.15 -17.67
N GLY C 44 23.05 18.44 -18.49
CA GLY C 44 24.50 18.61 -18.44
C GLY C 44 25.15 17.28 -18.16
N PRO C 45 26.48 17.21 -18.25
CA PRO C 45 27.19 15.94 -18.01
C PRO C 45 27.23 15.47 -16.56
N VAL C 46 26.96 16.34 -15.61
CA VAL C 46 26.98 15.93 -14.19
C VAL C 46 25.63 16.29 -13.59
N PHE C 47 24.85 15.28 -13.18
CA PHE C 47 23.51 15.54 -12.66
C PHE C 47 23.11 14.52 -11.57
N THR C 48 22.08 14.90 -10.82
CA THR C 48 21.59 14.12 -9.72
C THR C 48 20.30 13.38 -10.15
N ILE C 49 20.23 12.10 -9.84
CA ILE C 49 19.03 11.34 -10.23
C ILE C 49 18.65 10.57 -8.96
N HIS C 50 17.38 10.19 -8.83
CA HIS C 50 16.95 9.47 -7.64
C HIS C 50 16.41 8.14 -8.13
N LEU C 51 17.13 7.04 -7.82
CA LEU C 51 16.73 5.71 -8.30
C LEU C 51 15.89 5.28 -7.11
N GLY C 52 14.61 5.60 -7.19
CA GLY C 52 13.77 5.32 -6.04
C GLY C 52 14.32 6.22 -4.98
N PRO C 53 14.54 5.76 -3.74
CA PRO C 53 15.08 6.59 -2.66
C PRO C 53 16.62 6.77 -2.64
N ARG C 54 17.27 6.17 -3.60
CA ARG C 54 18.72 6.20 -3.71
C ARG C 54 19.12 7.44 -4.54
N ARG C 55 19.74 8.43 -3.94
CA ARG C 55 20.19 9.64 -4.65
C ARG C 55 21.54 9.31 -5.27
N VAL C 56 21.68 9.57 -6.57
CA VAL C 56 22.91 9.22 -7.24
C VAL C 56 23.39 10.38 -8.11
N VAL C 57 24.68 10.65 -8.05
CA VAL C 57 25.21 11.66 -8.98
C VAL C 57 25.78 10.90 -10.17
N VAL C 58 25.32 11.30 -11.33
CA VAL C 58 25.71 10.64 -12.57
C VAL C 58 26.81 11.40 -13.31
N LEU C 59 27.86 10.71 -13.75
CA LEU C 59 28.95 11.36 -14.52
C LEU C 59 28.94 10.86 -15.98
N CYS C 60 28.69 11.77 -16.93
CA CYS C 60 28.68 11.44 -18.34
C CYS C 60 29.78 12.11 -19.13
N GLY C 61 30.30 11.38 -20.10
CA GLY C 61 31.34 11.93 -20.95
C GLY C 61 32.73 11.73 -20.35
N HIS C 62 33.74 11.68 -21.20
CA HIS C 62 35.11 11.48 -20.71
C HIS C 62 35.58 12.48 -19.67
N ASP C 63 35.38 13.76 -19.96
CA ASP C 63 35.84 14.77 -19.03
C ASP C 63 35.32 14.65 -17.61
N ALA C 64 33.99 14.48 -17.45
CA ALA C 64 33.46 14.41 -16.12
C ALA C 64 33.91 13.10 -15.41
N VAL C 65 34.00 12.00 -16.14
CA VAL C 65 34.37 10.74 -15.51
C VAL C 65 35.85 10.83 -15.10
N ARG C 66 36.71 11.27 -16.00
CA ARG C 66 38.15 11.37 -15.65
C ARG C 66 38.40 12.38 -14.52
N GLU C 67 37.75 13.54 -14.57
CA GLU C 67 37.95 14.56 -13.52
C GLU C 67 37.61 14.05 -12.15
N ALA C 68 36.56 13.24 -12.03
CA ALA C 68 36.19 12.72 -10.72
C ALA C 68 37.08 11.53 -10.33
N LEU C 69 37.03 10.46 -11.11
CA LEU C 69 37.75 9.23 -10.77
C LEU C 69 39.28 9.32 -10.80
N VAL C 70 39.84 10.24 -11.57
CA VAL C 70 41.29 10.33 -11.55
C VAL C 70 41.75 11.61 -10.88
N ASP C 71 41.34 12.77 -11.39
CA ASP C 71 41.80 14.02 -10.76
C ASP C 71 41.38 14.19 -9.31
N GLN C 72 40.27 13.56 -8.89
CA GLN C 72 39.90 13.63 -7.48
C GLN C 72 39.73 12.18 -7.02
N ALA C 73 40.68 11.36 -7.47
CA ALA C 73 40.67 9.94 -7.20
C ALA C 73 40.37 9.47 -5.79
N GLU C 74 41.04 10.03 -4.79
CA GLU C 74 40.80 9.61 -3.41
C GLU C 74 39.36 9.93 -2.99
N GLU C 75 38.90 11.15 -3.30
CA GLU C 75 37.54 11.51 -2.93
C GLU C 75 36.46 10.63 -3.57
N PHE C 76 36.68 10.16 -4.79
CA PHE C 76 35.66 9.31 -5.44
C PHE C 76 35.99 7.83 -5.35
N SER C 77 36.88 7.48 -4.42
CA SER C 77 37.35 6.09 -4.28
C SER C 77 36.45 5.19 -3.43
N GLY C 78 35.32 5.70 -2.94
CA GLY C 78 34.41 4.87 -2.16
C GLY C 78 33.65 3.91 -3.10
N ARG C 79 33.04 2.85 -2.56
CA ARG C 79 32.32 1.86 -3.37
C ARG C 79 30.86 2.02 -3.07
N GLY C 80 30.06 2.19 -4.11
CA GLY C 80 28.63 2.35 -3.93
C GLY C 80 27.93 0.99 -3.96
N GLU C 81 26.67 0.95 -4.30
CA GLU C 81 25.99 -0.37 -4.25
C GLU C 81 25.53 -0.95 -5.55
N GLN C 82 25.34 -2.29 -5.60
CA GLN C 82 24.70 -2.91 -6.77
C GLN C 82 23.78 -3.84 -5.92
N ALA C 83 22.52 -3.47 -5.85
CA ALA C 83 21.60 -4.18 -4.97
C ALA C 83 21.44 -5.68 -5.22
N THR C 84 21.52 -6.12 -6.48
CA THR C 84 21.33 -7.56 -6.74
C THR C 84 22.56 -8.25 -6.18
N PHE C 85 23.75 -7.76 -6.54
CA PHE C 85 24.95 -8.37 -5.95
C PHE C 85 25.03 -8.24 -4.44
N ASP C 86 24.58 -7.10 -3.92
CA ASP C 86 24.61 -6.85 -2.49
C ASP C 86 23.86 -7.91 -1.71
N TRP C 87 22.82 -8.47 -2.31
CA TRP C 87 22.02 -9.52 -1.67
C TRP C 87 22.89 -10.65 -1.10
N VAL C 88 23.91 -11.09 -1.85
CA VAL C 88 24.77 -12.13 -1.34
C VAL C 88 26.06 -11.58 -0.63
N PHE C 89 26.70 -10.56 -1.20
CA PHE C 89 27.93 -10.08 -0.60
C PHE C 89 27.83 -9.30 0.71
N LYS C 90 26.72 -8.58 0.91
CA LYS C 90 26.50 -7.82 2.12
C LYS C 90 27.72 -6.97 2.55
N GLY C 91 28.51 -6.50 1.59
CA GLY C 91 29.59 -5.63 2.01
C GLY C 91 30.90 -6.35 2.28
N TYR C 92 30.88 -7.68 2.16
CA TYR C 92 32.11 -8.46 2.36
C TYR C 92 32.74 -8.77 1.02
N GLY C 93 34.04 -9.09 1.02
CA GLY C 93 34.68 -9.41 -0.23
C GLY C 93 35.35 -8.18 -0.79
N VAL C 94 36.28 -8.37 -1.71
CA VAL C 94 37.00 -7.25 -2.26
C VAL C 94 36.20 -6.24 -3.10
N VAL C 95 35.23 -6.73 -3.89
CA VAL C 95 34.51 -5.84 -4.82
C VAL C 95 33.57 -4.88 -4.12
N PHE C 96 32.71 -5.40 -3.26
CA PHE C 96 31.79 -4.52 -2.57
C PHE C 96 32.17 -3.97 -1.21
N SER C 97 33.40 -4.17 -0.75
CA SER C 97 33.73 -3.60 0.54
C SER C 97 34.23 -2.16 0.37
N ASN C 98 34.49 -1.52 1.48
CA ASN C 98 35.04 -0.19 1.43
C ASN C 98 36.02 0.00 2.57
N GLY C 99 36.59 1.19 2.69
CA GLY C 99 37.50 1.44 3.78
C GLY C 99 38.64 0.45 3.96
N GLU C 100 38.98 0.16 5.21
CA GLU C 100 40.07 -0.74 5.55
C GLU C 100 39.89 -2.15 4.95
N ARG C 101 38.65 -2.65 4.98
CA ARG C 101 38.38 -3.95 4.44
C ARG C 101 38.83 -3.99 2.97
N ALA C 102 38.37 -3.03 2.18
CA ALA C 102 38.71 -3.00 0.76
C ALA C 102 40.22 -2.90 0.53
N LYS C 103 40.87 -2.01 1.26
CA LYS C 103 42.29 -1.81 1.11
C LYS C 103 43.11 -3.09 1.36
N GLN C 104 42.78 -3.80 2.41
CA GLN C 104 43.50 -5.02 2.83
C GLN C 104 43.19 -6.12 1.80
N LEU C 105 41.91 -6.30 1.46
CA LEU C 105 41.55 -7.37 0.51
C LEU C 105 42.09 -7.13 -0.92
N ARG C 106 42.09 -5.88 -1.38
CA ARG C 106 42.58 -5.57 -2.72
C ARG C 106 44.12 -5.77 -2.77
N ARG C 107 44.83 -5.34 -1.74
CA ARG C 107 46.29 -5.50 -1.80
C ARG C 107 46.64 -7.01 -1.82
N PHE C 108 46.00 -7.75 -0.96
CA PHE C 108 46.21 -9.17 -0.89
C PHE C 108 45.86 -9.85 -2.18
N SER C 109 44.72 -9.46 -2.78
CA SER C 109 44.29 -10.16 -3.99
C SER C 109 45.21 -9.90 -5.13
N ILE C 110 45.63 -8.64 -5.28
CA ILE C 110 46.54 -8.31 -6.37
C ILE C 110 47.86 -9.08 -6.23
N ALA C 111 48.40 -9.17 -5.02
CA ALA C 111 49.70 -9.82 -4.87
C ALA C 111 49.53 -11.34 -5.02
N THR C 112 48.41 -11.89 -4.52
CA THR C 112 48.21 -13.34 -4.66
C THR C 112 48.01 -13.78 -6.12
N LEU C 113 47.36 -12.94 -6.93
CA LEU C 113 47.15 -13.23 -8.35
C LEU C 113 48.54 -13.31 -9.03
N ARG C 114 49.37 -12.32 -8.73
CA ARG C 114 50.74 -12.28 -9.24
C ARG C 114 51.49 -13.57 -8.82
N ASP C 115 51.39 -13.93 -7.56
CA ASP C 115 52.05 -15.15 -7.05
C ASP C 115 51.63 -16.36 -7.88
N PHE C 116 50.36 -16.38 -8.28
CA PHE C 116 49.86 -17.50 -9.07
C PHE C 116 49.99 -17.36 -10.57
N GLY C 117 50.85 -16.44 -11.02
CA GLY C 117 51.12 -16.34 -12.44
C GLY C 117 50.58 -15.21 -13.26
N VAL C 118 49.62 -14.47 -12.70
CA VAL C 118 49.04 -13.37 -13.46
C VAL C 118 50.12 -12.36 -13.88
N GLY C 119 50.08 -11.96 -15.15
CA GLY C 119 51.05 -11.01 -15.67
C GLY C 119 52.38 -11.69 -15.94
N LYS C 120 52.41 -13.01 -15.72
CA LYS C 120 53.64 -13.76 -15.92
C LYS C 120 53.49 -14.91 -16.90
N ARG C 121 54.64 -15.54 -17.15
CA ARG C 121 54.72 -16.66 -18.07
C ARG C 121 53.81 -17.78 -17.56
N GLY C 122 53.75 -17.92 -16.24
CA GLY C 122 52.90 -18.95 -15.65
C GLY C 122 51.45 -18.85 -16.14
N ILE C 123 50.84 -17.67 -16.08
CA ILE C 123 49.45 -17.62 -16.54
C ILE C 123 49.39 -17.66 -18.09
N GLU C 124 50.40 -17.13 -18.78
CA GLU C 124 50.36 -17.23 -20.24
C GLU C 124 50.24 -18.70 -20.67
N GLU C 125 51.01 -19.60 -20.03
CA GLU C 125 50.97 -21.01 -20.38
C GLU C 125 49.64 -21.65 -20.16
N ARG C 126 49.03 -21.34 -19.03
CA ARG C 126 47.71 -21.83 -18.69
C ARG C 126 46.68 -21.39 -19.74
N ILE C 127 46.76 -20.13 -20.15
CA ILE C 127 45.83 -19.59 -21.14
C ILE C 127 46.07 -20.28 -22.51
N GLN C 128 47.34 -20.49 -22.88
CA GLN C 128 47.64 -21.12 -24.17
C GLN C 128 47.12 -22.55 -24.11
N GLU C 129 47.34 -23.23 -22.99
CA GLU C 129 46.84 -24.57 -22.88
C GLU C 129 45.30 -24.58 -22.99
N GLU C 130 44.64 -23.70 -22.24
CA GLU C 130 43.18 -23.69 -22.23
C GLU C 130 42.65 -23.38 -23.63
N ALA C 131 43.32 -22.44 -24.31
CA ALA C 131 42.99 -22.06 -25.69
C ALA C 131 43.07 -23.32 -26.56
N GLY C 132 44.12 -24.12 -26.33
CA GLY C 132 44.29 -25.36 -27.07
C GLY C 132 43.07 -26.25 -26.93
N PHE C 133 42.52 -26.33 -25.71
CA PHE C 133 41.34 -27.13 -25.44
C PHE C 133 40.07 -26.58 -26.15
N LEU C 134 39.99 -25.27 -26.25
CA LEU C 134 38.89 -24.61 -26.93
C LEU C 134 38.98 -24.99 -28.40
N ILE C 135 40.19 -24.95 -28.96
CA ILE C 135 40.37 -25.30 -30.36
C ILE C 135 39.91 -26.75 -30.57
N ASP C 136 40.32 -27.67 -29.70
CA ASP C 136 39.90 -29.06 -29.89
C ASP C 136 38.36 -29.16 -29.83
N ALA C 137 37.75 -28.40 -28.92
CA ALA C 137 36.31 -28.46 -28.76
C ALA C 137 35.61 -27.89 -29.99
N LEU C 138 36.12 -26.79 -30.54
CA LEU C 138 35.50 -26.20 -31.72
C LEU C 138 35.70 -27.14 -32.95
N ARG C 139 36.90 -27.72 -33.06
CA ARG C 139 37.13 -28.68 -34.14
C ARG C 139 36.13 -29.83 -34.00
N GLY C 140 35.88 -30.27 -32.78
CA GLY C 140 34.95 -31.35 -32.56
C GLY C 140 33.53 -31.05 -33.01
N THR C 141 33.19 -29.81 -33.37
CA THR C 141 31.82 -29.51 -33.84
C THR C 141 31.65 -29.88 -35.32
N GLY C 142 32.79 -30.01 -36.00
CA GLY C 142 32.80 -30.37 -37.40
C GLY C 142 32.17 -29.27 -38.23
N GLY C 143 32.28 -28.02 -37.78
CA GLY C 143 31.70 -26.92 -38.54
C GLY C 143 30.20 -26.73 -38.31
N ALA C 144 29.67 -27.45 -37.32
CA ALA C 144 28.24 -27.33 -37.00
C ALA C 144 27.84 -25.90 -36.59
N ASN C 145 26.57 -25.54 -36.89
CA ASN C 145 26.06 -24.22 -36.51
C ASN C 145 25.66 -24.32 -35.04
N ILE C 146 26.47 -23.75 -34.15
CA ILE C 146 26.20 -23.86 -32.71
C ILE C 146 26.11 -22.53 -31.92
N ASP C 147 25.64 -22.62 -30.67
CA ASP C 147 25.60 -21.46 -29.78
C ASP C 147 27.00 -21.48 -29.12
N PRO C 148 27.81 -20.45 -29.37
CA PRO C 148 29.16 -20.37 -28.82
C PRO C 148 29.27 -20.09 -27.34
N THR C 149 28.17 -19.61 -26.75
CA THR C 149 28.15 -19.19 -25.35
C THR C 149 28.95 -20.02 -24.35
N PHE C 150 28.64 -21.29 -24.21
CA PHE C 150 29.37 -22.10 -23.23
C PHE C 150 30.70 -22.67 -23.68
N PHE C 151 30.95 -22.68 -24.99
CA PHE C 151 32.25 -23.16 -25.49
C PHE C 151 33.23 -22.10 -24.98
N LEU C 152 32.82 -20.84 -25.12
CA LEU C 152 33.65 -19.71 -24.72
C LEU C 152 33.73 -19.54 -23.19
N SER C 153 32.57 -19.56 -22.48
CA SER C 153 32.64 -19.35 -21.04
C SER C 153 33.37 -20.51 -20.30
N ARG C 154 33.22 -21.75 -20.77
CA ARG C 154 33.92 -22.85 -20.07
C ARG C 154 35.44 -22.57 -20.16
N THR C 155 35.87 -22.11 -21.32
CA THR C 155 37.27 -21.85 -21.55
C THR C 155 37.85 -20.73 -20.69
N VAL C 156 37.16 -19.59 -20.71
CA VAL C 156 37.52 -18.42 -19.92
C VAL C 156 37.51 -18.75 -18.43
N SER C 157 36.41 -19.33 -17.98
CA SER C 157 36.27 -19.63 -16.56
C SER C 157 37.39 -20.54 -16.03
N ASN C 158 37.93 -21.38 -16.91
CA ASN C 158 38.96 -22.31 -16.48
C ASN C 158 40.25 -21.61 -16.17
N VAL C 159 40.43 -20.41 -16.68
CA VAL C 159 41.66 -19.70 -16.36
C VAL C 159 41.60 -19.19 -14.92
N ILE C 160 40.64 -18.33 -14.58
CA ILE C 160 40.61 -17.87 -13.20
C ILE C 160 40.35 -19.07 -12.25
N SER C 161 39.60 -20.08 -12.70
CA SER C 161 39.35 -21.25 -11.86
C SER C 161 40.65 -21.99 -11.50
N SER C 162 41.57 -22.07 -12.44
CA SER C 162 42.81 -22.80 -12.12
C SER C 162 43.52 -22.05 -11.00
N ILE C 163 43.47 -20.73 -11.06
CA ILE C 163 44.10 -19.87 -10.07
C ILE C 163 43.52 -19.94 -8.66
N VAL C 164 42.19 -19.83 -8.57
CA VAL C 164 41.48 -19.78 -7.31
C VAL C 164 41.23 -21.18 -6.68
N PHE C 165 41.03 -22.18 -7.55
CA PHE C 165 40.71 -23.55 -7.12
C PHE C 165 41.86 -24.55 -7.32
N GLY C 166 42.92 -24.10 -7.99
CA GLY C 166 44.11 -24.92 -8.21
C GLY C 166 44.09 -25.89 -9.38
N ASP C 167 43.03 -25.84 -10.20
CA ASP C 167 42.93 -26.69 -11.37
C ASP C 167 41.69 -26.36 -12.14
N ARG C 168 41.73 -26.64 -13.42
CA ARG C 168 40.60 -26.41 -14.32
C ARG C 168 39.51 -27.45 -14.10
N PHE C 169 38.31 -27.14 -14.60
CA PHE C 169 37.18 -28.08 -14.57
C PHE C 169 37.23 -28.85 -15.87
N ASP C 170 36.67 -30.06 -15.85
CA ASP C 170 36.59 -30.83 -17.07
C ASP C 170 35.42 -30.25 -17.87
N TYR C 171 35.58 -30.14 -19.20
CA TYR C 171 34.53 -29.56 -20.03
C TYR C 171 33.21 -30.33 -19.98
N LYS C 172 33.25 -31.57 -19.51
CA LYS C 172 32.05 -32.40 -19.43
C LYS C 172 31.45 -32.37 -18.02
N ASP C 173 32.08 -31.65 -17.09
CA ASP C 173 31.58 -31.61 -15.70
C ASP C 173 30.24 -30.85 -15.68
N LYS C 174 29.17 -31.53 -15.28
CA LYS C 174 27.82 -30.91 -15.26
C LYS C 174 27.71 -29.82 -14.19
N GLU C 175 28.46 -29.99 -13.10
CA GLU C 175 28.40 -29.00 -12.06
C GLU C 175 29.07 -27.71 -12.58
N PHE C 176 30.09 -27.87 -13.43
CA PHE C 176 30.77 -26.73 -13.98
C PHE C 176 29.80 -26.00 -14.93
N LEU C 177 29.07 -26.74 -15.75
CA LEU C 177 28.11 -26.09 -16.65
C LEU C 177 27.01 -25.36 -15.82
N SER C 178 26.57 -25.94 -14.71
CA SER C 178 25.54 -25.26 -13.95
C SER C 178 26.04 -23.95 -13.31
N LEU C 179 27.33 -23.89 -12.95
CA LEU C 179 27.89 -22.65 -12.34
C LEU C 179 27.92 -21.59 -13.42
N LEU C 180 28.30 -21.99 -14.63
CA LEU C 180 28.36 -21.04 -15.73
C LEU C 180 26.96 -20.53 -16.05
N ARG C 181 25.98 -21.39 -15.91
CA ARG C 181 24.63 -20.92 -16.19
C ARG C 181 24.21 -19.97 -15.12
N MET C 182 24.63 -20.21 -13.87
CA MET C 182 24.25 -19.29 -12.81
C MET C 182 24.83 -17.90 -13.11
N MET C 183 26.11 -17.84 -13.53
CA MET C 183 26.74 -16.55 -13.86
C MET C 183 26.10 -15.81 -15.03
N LEU C 184 25.81 -16.52 -16.09
CA LEU C 184 25.15 -15.92 -17.24
C LEU C 184 23.79 -15.39 -16.79
N GLY C 185 23.07 -16.20 -15.98
CA GLY C 185 21.77 -15.83 -15.46
C GLY C 185 21.74 -14.51 -14.66
N ILE C 186 22.78 -14.34 -13.85
CA ILE C 186 22.90 -13.16 -13.03
C ILE C 186 23.27 -11.92 -13.85
N PHE C 187 24.22 -12.06 -14.81
CA PHE C 187 24.55 -10.89 -15.65
C PHE C 187 23.34 -10.51 -16.51
N GLN C 188 22.59 -11.52 -16.91
CA GLN C 188 21.40 -11.28 -17.71
C GLN C 188 20.33 -10.57 -16.86
N PHE C 189 20.02 -11.10 -15.68
CA PHE C 189 19.00 -10.49 -14.83
C PHE C 189 19.32 -9.03 -14.47
N THR C 190 20.58 -8.76 -14.10
CA THR C 190 20.92 -7.39 -13.71
C THR C 190 20.89 -6.41 -14.90
N SER C 191 20.76 -6.93 -16.12
CA SER C 191 20.72 -6.08 -17.32
C SER C 191 19.30 -5.87 -17.92
N THR C 192 18.36 -6.50 -17.25
CA THR C 192 16.92 -6.56 -17.54
C THR C 192 16.13 -5.39 -16.88
N SER C 193 15.02 -4.98 -17.45
CA SER C 193 14.16 -3.93 -16.83
C SER C 193 13.85 -4.29 -15.33
N THR C 194 13.50 -5.55 -15.03
CA THR C 194 13.24 -5.87 -13.62
C THR C 194 14.54 -5.75 -12.78
N GLY C 195 15.64 -6.17 -13.35
CA GLY C 195 16.91 -6.05 -12.61
C GLY C 195 17.24 -4.60 -12.31
N GLN C 196 16.91 -3.68 -13.23
CA GLN C 196 17.19 -2.25 -12.99
C GLN C 196 16.10 -1.64 -12.11
N LEU C 197 14.87 -2.18 -12.17
CA LEU C 197 13.84 -1.68 -11.26
C LEU C 197 14.26 -2.08 -9.82
N TYR C 198 14.89 -3.25 -9.70
CA TYR C 198 15.35 -3.75 -8.41
C TYR C 198 16.40 -2.78 -7.80
N GLU C 199 17.23 -2.19 -8.64
CA GLU C 199 18.24 -1.23 -8.09
C GLU C 199 17.55 -0.05 -7.41
N MET C 200 16.33 0.23 -7.83
CA MET C 200 15.56 1.32 -7.26
C MET C 200 14.72 0.91 -6.05
N PHE C 201 14.18 -0.30 -6.11
CA PHE C 201 13.19 -0.69 -5.10
C PHE C 201 13.49 -1.97 -4.42
N SER C 202 14.77 -2.31 -4.27
CA SER C 202 15.17 -3.57 -3.62
C SER C 202 14.55 -3.76 -2.23
N SER C 203 14.42 -2.68 -1.43
CA SER C 203 13.85 -2.74 -0.07
C SER C 203 12.48 -3.42 -0.02
N VAL C 204 11.70 -3.27 -1.09
CA VAL C 204 10.41 -3.95 -1.19
C VAL C 204 10.51 -5.23 -2.01
N MET C 205 11.09 -5.12 -3.21
CA MET C 205 11.23 -6.20 -4.14
C MET C 205 11.98 -7.44 -3.66
N LYS C 206 12.90 -7.31 -2.70
CA LYS C 206 13.63 -8.51 -2.28
C LYS C 206 12.64 -9.47 -1.53
N HIS C 207 11.44 -8.95 -1.21
CA HIS C 207 10.41 -9.70 -0.48
C HIS C 207 9.22 -10.09 -1.35
N LEU C 208 9.31 -9.80 -2.63
CA LEU C 208 8.24 -10.07 -3.57
C LEU C 208 8.67 -11.15 -4.56
N PRO C 209 7.71 -11.89 -5.08
CA PRO C 209 8.09 -12.91 -6.04
C PRO C 209 8.39 -12.25 -7.37
N GLY C 210 9.17 -12.94 -8.19
CA GLY C 210 9.51 -12.45 -9.51
C GLY C 210 10.91 -12.91 -9.90
N PRO C 211 11.42 -12.47 -11.04
CA PRO C 211 12.72 -12.78 -11.62
C PRO C 211 13.82 -12.54 -10.60
N GLN C 212 13.65 -11.53 -9.72
CA GLN C 212 14.70 -11.28 -8.71
C GLN C 212 14.89 -12.52 -7.82
N GLN C 213 13.81 -13.21 -7.48
CA GLN C 213 14.01 -14.39 -6.62
C GLN C 213 14.86 -15.48 -7.27
N GLN C 214 14.70 -15.67 -8.58
CA GLN C 214 15.51 -16.66 -9.30
C GLN C 214 16.97 -16.20 -9.32
N ALA C 215 17.16 -14.90 -9.52
CA ALA C 215 18.51 -14.34 -9.51
C ALA C 215 19.19 -14.61 -8.17
N PHE C 216 18.47 -14.43 -7.05
CA PHE C 216 19.07 -14.70 -5.73
C PHE C 216 19.45 -16.17 -5.58
N GLN C 217 18.62 -17.05 -6.16
CA GLN C 217 18.91 -18.49 -6.10
C GLN C 217 20.20 -18.80 -6.84
N LEU C 218 20.46 -18.13 -7.96
CA LEU C 218 21.70 -18.35 -8.69
C LEU C 218 22.90 -17.82 -7.88
N LEU C 219 22.74 -16.71 -7.19
CA LEU C 219 23.86 -16.19 -6.38
C LEU C 219 24.09 -17.18 -5.23
N GLN C 220 22.99 -17.63 -4.63
CA GLN C 220 23.07 -18.62 -3.55
C GLN C 220 23.83 -19.87 -4.07
N GLY C 221 23.48 -20.36 -5.27
CA GLY C 221 24.18 -21.50 -5.83
C GLY C 221 25.69 -21.27 -5.96
N LEU C 222 26.07 -20.08 -6.38
CA LEU C 222 27.49 -19.81 -6.53
C LEU C 222 28.15 -19.76 -5.18
N GLU C 223 27.54 -19.09 -4.21
CA GLU C 223 28.13 -19.00 -2.89
C GLU C 223 28.33 -20.37 -2.22
N ASP C 224 27.34 -21.23 -2.41
CA ASP C 224 27.38 -22.58 -1.83
C ASP C 224 28.54 -23.39 -2.40
N PHE C 225 28.77 -23.22 -3.70
CA PHE C 225 29.83 -23.89 -4.39
C PHE C 225 31.17 -23.42 -3.83
N ILE C 226 31.34 -22.11 -3.72
CA ILE C 226 32.59 -21.57 -3.20
C ILE C 226 32.85 -22.01 -1.75
N ALA C 227 31.81 -21.97 -0.91
CA ALA C 227 31.92 -22.34 0.48
C ALA C 227 32.40 -23.78 0.56
N LYS C 228 31.85 -24.62 -0.31
CA LYS C 228 32.21 -26.03 -0.35
C LYS C 228 33.67 -26.21 -0.75
N LYS C 229 34.08 -25.45 -1.77
CA LYS C 229 35.46 -25.54 -2.21
C LYS C 229 36.41 -25.13 -1.09
N VAL C 230 36.06 -24.07 -0.37
CA VAL C 230 36.86 -23.57 0.73
C VAL C 230 36.89 -24.62 1.85
N GLU C 231 35.77 -25.25 2.13
CA GLU C 231 35.80 -26.24 3.17
C GLU C 231 36.78 -27.36 2.82
N HIS C 232 36.68 -27.83 1.58
CA HIS C 232 37.57 -28.90 1.13
C HIS C 232 39.02 -28.48 1.26
N ASN C 233 39.34 -27.28 0.80
CA ASN C 233 40.71 -26.81 0.94
C ASN C 233 41.22 -26.79 2.38
N GLN C 234 40.36 -26.34 3.31
CA GLN C 234 40.72 -26.25 4.73
C GLN C 234 41.04 -27.64 5.32
N ARG C 235 40.31 -28.65 4.88
CA ARG C 235 40.49 -30.00 5.40
C ARG C 235 41.71 -30.73 4.85
N THR C 236 42.36 -30.14 3.86
CA THR C 236 43.52 -30.72 3.20
C THR C 236 44.67 -29.72 3.06
N LEU C 237 44.52 -28.57 3.69
CA LEU C 237 45.54 -27.53 3.58
C LEU C 237 46.95 -27.86 4.07
N ASP C 238 47.96 -27.45 3.30
CA ASP C 238 49.37 -27.60 3.74
C ASP C 238 49.92 -26.17 3.77
N PRO C 239 50.03 -25.57 4.97
CA PRO C 239 50.51 -24.22 5.25
C PRO C 239 51.83 -23.82 4.60
N ASN C 240 52.66 -24.79 4.25
CA ASN C 240 53.96 -24.48 3.64
C ASN C 240 53.88 -24.47 2.14
N SER C 241 52.73 -24.91 1.62
CA SER C 241 52.60 -25.04 0.18
C SER C 241 51.16 -24.82 -0.36
N PRO C 242 50.79 -23.54 -0.55
CA PRO C 242 49.46 -23.21 -1.06
C PRO C 242 49.25 -23.71 -2.50
N ARG C 243 48.11 -24.35 -2.74
CA ARG C 243 47.81 -24.86 -4.08
C ARG C 243 47.14 -23.81 -4.93
N ASP C 244 46.50 -22.83 -4.30
CA ASP C 244 45.70 -21.85 -5.05
C ASP C 244 45.37 -20.58 -4.24
N PHE C 245 44.56 -19.68 -4.81
CA PHE C 245 44.22 -18.46 -4.11
C PHE C 245 43.58 -18.73 -2.74
N ILE C 246 42.69 -19.72 -2.66
CA ILE C 246 42.00 -20.06 -1.43
C ILE C 246 43.01 -20.46 -0.36
N ASP C 247 43.96 -21.36 -0.68
CA ASP C 247 44.97 -21.76 0.34
C ASP C 247 45.80 -20.54 0.82
N SER C 248 46.19 -19.68 -0.10
CA SER C 248 47.00 -18.54 0.33
C SER C 248 46.23 -17.70 1.31
N PHE C 249 44.94 -17.54 1.05
CA PHE C 249 44.10 -16.74 1.93
C PHE C 249 43.96 -17.47 3.30
N LEU C 250 43.75 -18.78 3.27
CA LEU C 250 43.63 -19.56 4.50
C LEU C 250 44.93 -19.43 5.34
N ILE C 251 46.08 -19.41 4.69
CA ILE C 251 47.34 -19.29 5.42
C ILE C 251 47.46 -17.87 6.06
N ARG C 252 47.14 -16.83 5.29
CA ARG C 252 47.16 -15.48 5.81
C ARG C 252 46.16 -15.38 6.98
N MET C 253 45.01 -16.03 6.88
CA MET C 253 44.05 -16.01 7.98
C MET C 253 44.70 -16.59 9.25
N GLN C 254 45.43 -17.70 9.11
CA GLN C 254 46.11 -18.27 10.28
C GLN C 254 47.08 -17.27 10.93
N GLU C 255 47.90 -16.64 10.10
CA GLU C 255 48.90 -15.69 10.56
C GLU C 255 48.30 -14.41 11.13
N GLU C 256 47.02 -14.17 10.82
CA GLU C 256 46.34 -12.96 11.27
C GLU C 256 45.46 -13.19 12.48
N GLU C 257 45.41 -14.43 12.97
CA GLU C 257 44.58 -14.73 14.15
C GLU C 257 45.00 -13.86 15.32
N LYS C 258 46.30 -13.59 15.41
CA LYS C 258 46.83 -12.74 16.46
C LYS C 258 46.53 -11.25 16.26
N ASN C 259 45.70 -10.93 15.25
CA ASN C 259 45.33 -9.54 14.95
C ASN C 259 43.86 -9.36 15.27
N PRO C 260 43.54 -8.50 16.24
CA PRO C 260 42.14 -8.28 16.62
C PRO C 260 41.32 -7.53 15.56
N ASN C 261 41.99 -6.73 14.73
CA ASN C 261 41.23 -5.99 13.71
C ASN C 261 41.37 -6.58 12.29
N THR C 262 41.86 -7.81 12.18
CA THR C 262 42.08 -8.37 10.83
C THR C 262 40.84 -8.46 9.93
N GLU C 263 41.06 -8.28 8.62
CA GLU C 263 39.98 -8.40 7.66
C GLU C 263 40.07 -9.81 7.09
N PHE C 264 41.12 -10.53 7.47
CA PHE C 264 41.28 -11.88 6.97
C PHE C 264 40.59 -12.96 7.76
N TYR C 265 39.36 -13.25 7.36
CA TYR C 265 38.53 -14.27 7.98
C TYR C 265 37.64 -14.94 6.91
N LEU C 266 36.99 -16.04 7.26
CA LEU C 266 36.21 -16.82 6.29
C LEU C 266 35.24 -16.08 5.36
N LYS C 267 34.40 -15.23 5.91
CA LYS C 267 33.41 -14.57 5.07
C LYS C 267 34.10 -13.76 3.99
N ASN C 268 35.17 -13.03 4.36
CA ASN C 268 35.87 -12.28 3.34
C ASN C 268 36.56 -13.17 2.34
N LEU C 269 37.01 -14.35 2.77
CA LEU C 269 37.61 -15.27 1.80
C LEU C 269 36.52 -15.73 0.82
N VAL C 270 35.43 -16.27 1.35
CA VAL C 270 34.38 -16.76 0.48
C VAL C 270 33.92 -15.71 -0.53
N MET C 271 33.65 -14.50 -0.06
CA MET C 271 33.13 -13.48 -0.96
C MET C 271 34.18 -13.02 -1.94
N THR C 272 35.43 -12.92 -1.51
CA THR C 272 36.45 -12.49 -2.45
C THR C 272 36.66 -13.53 -3.51
N THR C 273 36.66 -14.81 -3.09
CA THR C 273 36.89 -15.87 -4.04
C THR C 273 35.73 -15.84 -5.03
N LEU C 274 34.52 -15.62 -4.51
CA LEU C 274 33.33 -15.55 -5.38
C LEU C 274 33.42 -14.37 -6.37
N ASN C 275 33.90 -13.21 -5.88
CA ASN C 275 34.08 -12.02 -6.76
C ASN C 275 34.97 -12.34 -7.94
N LEU C 276 36.11 -13.03 -7.69
CA LEU C 276 37.06 -13.33 -8.75
C LEU C 276 36.51 -14.33 -9.77
N PHE C 277 35.85 -15.37 -9.26
CA PHE C 277 35.26 -16.40 -10.09
C PHE C 277 34.24 -15.77 -11.07
N ILE C 278 33.36 -14.90 -10.58
CA ILE C 278 32.37 -14.24 -11.47
C ILE C 278 33.04 -13.11 -12.32
N GLY C 279 33.76 -12.22 -11.64
CA GLY C 279 34.40 -11.12 -12.33
C GLY C 279 35.36 -11.62 -13.36
N GLY C 280 36.06 -12.70 -13.03
CA GLY C 280 37.01 -13.26 -13.98
C GLY C 280 36.42 -14.14 -15.06
N THR C 281 35.14 -14.48 -14.99
CA THR C 281 34.51 -15.34 -15.99
C THR C 281 33.52 -14.59 -16.96
N GLU C 282 32.48 -14.00 -16.39
CA GLU C 282 31.46 -13.42 -17.21
C GLU C 282 31.81 -12.20 -18.04
N THR C 283 32.74 -11.37 -17.56
CA THR C 283 33.10 -10.17 -18.32
C THR C 283 33.83 -10.52 -19.59
N VAL C 284 34.86 -11.36 -19.46
CA VAL C 284 35.64 -11.76 -20.62
C VAL C 284 34.78 -12.63 -21.55
N SER C 285 33.94 -13.48 -20.97
CA SER C 285 33.08 -14.37 -21.76
C SER C 285 32.17 -13.52 -22.66
N THR C 286 31.49 -12.54 -22.05
CA THR C 286 30.58 -11.69 -22.81
C THR C 286 31.30 -10.95 -23.90
N THR C 287 32.50 -10.46 -23.60
CA THR C 287 33.28 -9.73 -24.57
C THR C 287 33.66 -10.60 -25.77
N LEU C 288 34.11 -11.84 -25.52
CA LEU C 288 34.46 -12.70 -26.63
C LEU C 288 33.17 -12.97 -27.45
N ARG C 289 32.09 -13.30 -26.77
CA ARG C 289 30.84 -13.62 -27.48
C ARG C 289 30.45 -12.46 -28.38
N TYR C 290 30.43 -11.24 -27.82
CA TYR C 290 30.08 -10.06 -28.62
C TYR C 290 31.08 -9.89 -29.78
N GLY C 291 32.37 -10.06 -29.47
CA GLY C 291 33.43 -9.91 -30.46
C GLY C 291 33.29 -10.81 -31.69
N PHE C 292 32.93 -12.06 -31.49
CA PHE C 292 32.77 -12.92 -32.63
C PHE C 292 31.56 -12.45 -33.45
N LEU C 293 30.51 -11.97 -32.80
CA LEU C 293 29.34 -11.49 -33.56
C LEU C 293 29.74 -10.31 -34.42
N LEU C 294 30.49 -9.38 -33.82
CA LEU C 294 30.94 -8.20 -34.53
C LEU C 294 31.81 -8.55 -35.71
N LEU C 295 32.68 -9.56 -35.54
CA LEU C 295 33.54 -10.00 -36.65
C LEU C 295 32.74 -10.62 -37.81
N MET C 296 31.69 -11.40 -37.50
CA MET C 296 30.88 -12.01 -38.57
C MET C 296 30.09 -10.90 -39.27
N LYS C 297 29.79 -9.84 -38.52
CA LYS C 297 29.09 -8.68 -39.06
C LYS C 297 29.98 -7.89 -39.98
N HIS C 298 31.30 -7.99 -39.78
CA HIS C 298 32.27 -7.26 -40.60
C HIS C 298 33.36 -8.18 -41.15
N PRO C 299 33.02 -8.98 -42.17
CA PRO C 299 33.94 -9.94 -42.82
C PRO C 299 35.27 -9.28 -43.23
N GLU C 300 35.20 -8.01 -43.59
CA GLU C 300 36.39 -7.36 -44.04
C GLU C 300 37.37 -7.11 -42.92
N VAL C 301 36.86 -6.93 -41.70
CA VAL C 301 37.77 -6.74 -40.57
C VAL C 301 38.35 -8.12 -40.29
N GLU C 302 37.52 -9.15 -40.38
CA GLU C 302 38.03 -10.51 -40.14
C GLU C 302 39.16 -10.88 -41.15
N ALA C 303 39.04 -10.39 -42.38
CA ALA C 303 40.02 -10.70 -43.41
C ALA C 303 41.36 -10.11 -43.06
N LYS C 304 41.38 -8.86 -42.59
CA LYS C 304 42.61 -8.17 -42.21
C LYS C 304 43.23 -8.81 -40.99
N VAL C 305 42.38 -9.30 -40.09
CA VAL C 305 42.87 -9.98 -38.91
C VAL C 305 43.63 -11.25 -39.36
N HIS C 306 43.01 -12.02 -40.26
CA HIS C 306 43.62 -13.24 -40.78
C HIS C 306 44.96 -12.92 -41.46
N GLU C 307 44.97 -11.83 -42.23
CA GLU C 307 46.19 -11.43 -42.94
C GLU C 307 47.33 -11.22 -41.93
N GLU C 308 47.04 -10.48 -40.86
CA GLU C 308 48.04 -10.20 -39.84
C GLU C 308 48.48 -11.42 -39.10
N ILE C 309 47.53 -12.25 -38.72
CA ILE C 309 47.87 -13.47 -37.99
C ILE C 309 48.79 -14.34 -38.87
N ASP C 310 48.34 -14.64 -40.08
CA ASP C 310 49.11 -15.48 -41.02
C ASP C 310 50.50 -14.94 -41.25
N ARG C 311 50.61 -13.62 -41.35
CA ARG C 311 51.89 -12.98 -41.57
C ARG C 311 52.83 -12.90 -40.37
N VAL C 312 52.30 -12.54 -39.20
CA VAL C 312 53.11 -12.37 -38.00
C VAL C 312 53.35 -13.65 -37.22
N ILE C 313 52.33 -14.47 -37.10
CA ILE C 313 52.46 -15.70 -36.33
C ILE C 313 52.64 -16.95 -37.18
N GLY C 314 51.85 -17.07 -38.24
CA GLY C 314 51.95 -18.24 -39.08
C GLY C 314 50.93 -19.28 -38.66
N LYS C 315 51.27 -20.56 -38.80
CA LYS C 315 50.33 -21.62 -38.44
C LYS C 315 51.01 -22.80 -37.74
N ASN C 316 52.31 -22.73 -37.53
CA ASN C 316 53.05 -23.84 -36.91
C ASN C 316 53.35 -23.62 -35.43
N ARG C 317 52.91 -22.46 -34.93
CA ARG C 317 53.16 -22.08 -33.56
C ARG C 317 51.91 -21.43 -32.91
N GLN C 318 51.77 -21.62 -31.60
CA GLN C 318 50.67 -21.02 -30.86
C GLN C 318 50.90 -19.52 -30.65
N PRO C 319 49.83 -18.71 -30.68
CA PRO C 319 50.04 -17.29 -30.46
C PRO C 319 50.60 -17.12 -29.04
N LYS C 320 51.40 -16.10 -28.81
CA LYS C 320 51.89 -15.86 -27.46
C LYS C 320 51.66 -14.37 -27.21
N PHE C 321 51.61 -13.97 -25.95
CA PHE C 321 51.32 -12.58 -25.63
C PHE C 321 52.21 -11.52 -26.26
N GLU C 322 53.50 -11.82 -26.43
CA GLU C 322 54.41 -10.84 -27.07
C GLU C 322 54.02 -10.59 -28.55
N ASP C 323 53.24 -11.47 -29.17
CA ASP C 323 52.90 -11.22 -30.57
C ASP C 323 52.11 -9.90 -30.73
N ARG C 324 51.52 -9.46 -29.62
CA ARG C 324 50.73 -8.22 -29.55
C ARG C 324 51.49 -7.01 -30.12
N ALA C 325 52.76 -6.89 -29.76
CA ALA C 325 53.64 -5.81 -30.20
C ALA C 325 53.69 -5.64 -31.71
N LYS C 326 53.71 -6.76 -32.44
CA LYS C 326 53.75 -6.71 -33.90
C LYS C 326 52.39 -6.84 -34.59
N MET C 327 51.31 -6.77 -33.80
CA MET C 327 49.97 -6.90 -34.36
C MET C 327 49.06 -5.70 -34.05
N PRO C 328 49.42 -4.52 -34.57
CA PRO C 328 48.57 -3.35 -34.29
C PRO C 328 47.10 -3.50 -34.71
N TYR C 329 46.84 -4.30 -35.75
CA TYR C 329 45.46 -4.44 -36.20
C TYR C 329 44.60 -5.30 -35.27
N MET C 330 45.14 -6.43 -34.81
CA MET C 330 44.42 -7.31 -33.91
C MET C 330 44.17 -6.54 -32.60
N GLU C 331 45.16 -5.75 -32.20
CA GLU C 331 45.08 -4.93 -31.00
C GLU C 331 43.96 -3.87 -31.14
N ALA C 332 43.93 -3.18 -32.27
CA ALA C 332 42.90 -2.19 -32.52
C ALA C 332 41.53 -2.89 -32.59
N VAL C 333 41.46 -4.11 -33.13
CA VAL C 333 40.17 -4.81 -33.24
C VAL C 333 39.69 -5.19 -31.83
N ILE C 334 40.59 -5.71 -30.99
CA ILE C 334 40.19 -6.04 -29.64
C ILE C 334 39.73 -4.81 -28.88
N HIS C 335 40.49 -3.71 -28.96
CA HIS C 335 40.05 -2.48 -28.29
C HIS C 335 38.67 -2.04 -28.79
N GLU C 336 38.47 -2.05 -30.10
CA GLU C 336 37.15 -1.63 -30.66
C GLU C 336 36.03 -2.63 -30.24
N ILE C 337 36.38 -3.88 -30.00
CA ILE C 337 35.37 -4.84 -29.56
C ILE C 337 34.93 -4.44 -28.13
N GLN C 338 35.89 -4.11 -27.28
CA GLN C 338 35.64 -3.67 -25.92
C GLN C 338 34.93 -2.33 -25.89
N ARG C 339 35.29 -1.45 -26.82
CA ARG C 339 34.70 -0.13 -26.86
C ARG C 339 33.24 -0.24 -27.29
N PHE C 340 33.02 -0.97 -28.38
CA PHE C 340 31.68 -1.16 -28.90
C PHE C 340 30.80 -1.97 -27.99
N GLY C 341 31.38 -3.04 -27.43
CA GLY C 341 30.68 -3.96 -26.54
C GLY C 341 30.21 -3.29 -25.27
N ASP C 342 30.99 -2.35 -24.71
CA ASP C 342 30.60 -1.59 -23.51
C ASP C 342 29.96 -2.55 -22.45
N VAL C 343 30.71 -3.57 -22.05
CA VAL C 343 30.16 -4.62 -21.19
C VAL C 343 29.64 -4.24 -19.84
N ILE C 344 30.25 -3.25 -19.16
CA ILE C 344 29.76 -2.79 -17.87
C ILE C 344 29.57 -1.30 -18.15
N PRO C 345 28.42 -0.94 -18.69
CA PRO C 345 28.12 0.46 -19.07
C PRO C 345 28.05 1.57 -18.09
N MET C 346 27.72 1.27 -16.83
CA MET C 346 27.65 2.30 -15.80
C MET C 346 28.66 1.90 -14.72
N SER C 347 29.67 1.14 -15.13
CA SER C 347 30.74 0.69 -14.20
C SER C 347 30.07 0.05 -12.97
N LEU C 348 30.88 -0.06 -11.88
CA LEU C 348 30.34 -0.45 -10.57
C LEU C 348 30.28 0.89 -9.89
N ALA C 349 29.14 1.23 -9.25
CA ALA C 349 29.00 2.54 -8.60
C ALA C 349 30.09 2.87 -7.59
N ARG C 350 30.48 4.15 -7.57
CA ARG C 350 31.45 4.62 -6.57
C ARG C 350 30.62 5.35 -5.52
N ARG C 351 31.31 5.93 -4.55
CA ARG C 351 30.69 6.69 -3.49
C ARG C 351 31.71 7.75 -3.04
N VAL C 352 31.29 8.97 -2.72
CA VAL C 352 32.29 9.93 -2.22
C VAL C 352 32.68 9.60 -0.77
N LYS C 353 33.98 9.53 -0.51
CA LYS C 353 34.57 9.25 0.80
C LYS C 353 34.18 10.31 1.89
N LYS C 354 34.25 11.60 1.57
CA LYS C 354 33.88 12.66 2.52
C LYS C 354 33.18 13.79 1.74
N ASP C 355 32.70 14.81 2.46
CA ASP C 355 32.09 15.97 1.80
C ASP C 355 33.09 16.38 0.73
N THR C 356 32.61 16.56 -0.49
CA THR C 356 33.51 16.84 -1.61
C THR C 356 32.99 17.97 -2.48
N LYS C 357 33.90 18.83 -2.98
CA LYS C 357 33.55 19.87 -3.94
C LYS C 357 34.01 19.32 -5.28
N PHE C 358 33.09 19.29 -6.23
CA PHE C 358 33.37 18.76 -7.57
C PHE C 358 32.73 19.73 -8.54
N ARG C 359 33.58 20.31 -9.37
CA ARG C 359 33.18 21.35 -10.29
C ARG C 359 32.40 22.33 -9.45
N ASP C 360 31.28 22.83 -9.91
CA ASP C 360 30.63 23.83 -9.03
C ASP C 360 29.63 23.23 -8.02
N PHE C 361 29.76 21.93 -7.77
CA PHE C 361 28.81 21.24 -6.91
C PHE C 361 29.39 20.72 -5.60
N PHE C 362 28.49 20.50 -4.66
CA PHE C 362 28.84 19.96 -3.36
C PHE C 362 28.23 18.55 -3.23
N LEU C 363 29.08 17.56 -2.97
CA LEU C 363 28.62 16.19 -2.80
C LEU C 363 28.86 15.73 -1.33
N PRO C 364 27.79 15.54 -0.57
CA PRO C 364 27.86 15.10 0.82
C PRO C 364 28.50 13.71 0.89
N LYS C 365 29.32 13.49 1.93
CA LYS C 365 29.96 12.21 2.22
C LYS C 365 28.93 11.08 2.00
N GLY C 366 29.34 9.97 1.36
CA GLY C 366 28.39 8.88 1.16
C GLY C 366 27.52 8.95 -0.11
N THR C 367 27.57 10.07 -0.84
CA THR C 367 26.80 10.17 -2.06
C THR C 367 27.30 9.16 -3.08
N GLU C 368 26.38 8.39 -3.65
CA GLU C 368 26.70 7.40 -4.67
C GLU C 368 26.92 8.11 -5.98
N VAL C 369 27.74 7.48 -6.79
CA VAL C 369 28.12 8.02 -8.06
C VAL C 369 28.13 6.95 -9.13
N TYR C 370 27.49 7.29 -10.24
CA TYR C 370 27.44 6.44 -11.41
C TYR C 370 28.38 6.93 -12.52
N PRO C 371 29.58 6.35 -12.67
CA PRO C 371 30.53 6.74 -13.71
C PRO C 371 30.02 6.07 -14.98
N MET C 372 29.47 6.85 -15.92
CA MET C 372 28.91 6.24 -17.12
C MET C 372 29.99 5.92 -18.15
N LEU C 373 30.65 4.77 -17.96
CA LEU C 373 31.72 4.33 -18.84
C LEU C 373 31.28 4.27 -20.30
N GLY C 374 30.05 3.78 -20.54
CA GLY C 374 29.55 3.70 -21.90
C GLY C 374 29.55 5.07 -22.58
N SER C 375 29.35 6.14 -21.83
CA SER C 375 29.33 7.52 -22.43
C SER C 375 30.75 8.02 -22.71
N VAL C 376 31.75 7.34 -22.13
CA VAL C 376 33.14 7.68 -22.41
C VAL C 376 33.56 6.85 -23.64
N LEU C 377 33.21 5.56 -23.64
CA LEU C 377 33.51 4.73 -24.77
C LEU C 377 32.84 5.27 -26.04
N ARG C 378 31.74 6.02 -25.93
CA ARG C 378 31.10 6.58 -27.11
C ARG C 378 31.20 8.11 -27.14
N ASP C 379 32.19 8.66 -26.44
CA ASP C 379 32.31 10.11 -26.38
C ASP C 379 32.63 10.62 -27.79
N PRO C 380 31.72 11.43 -28.39
CA PRO C 380 31.99 11.91 -29.75
C PRO C 380 33.19 12.83 -29.93
N SER C 381 33.80 13.27 -28.84
CA SER C 381 34.96 14.12 -29.03
C SER C 381 36.24 13.27 -29.02
N PHE C 382 36.09 11.95 -28.74
CA PHE C 382 37.25 11.04 -28.74
C PHE C 382 37.19 9.98 -29.84
N PHE C 383 36.00 9.74 -30.41
CA PHE C 383 35.80 8.73 -31.45
C PHE C 383 34.93 9.35 -32.54
N SER C 384 35.44 9.31 -33.76
CA SER C 384 34.77 9.92 -34.89
C SER C 384 33.42 9.33 -35.18
N ASN C 385 33.27 8.01 -35.11
CA ASN C 385 31.97 7.40 -35.37
C ASN C 385 31.59 6.48 -34.19
N PRO C 386 31.37 7.07 -33.02
CA PRO C 386 31.01 6.35 -31.78
C PRO C 386 30.05 5.17 -31.91
N GLN C 387 29.07 5.29 -32.79
CA GLN C 387 28.07 4.26 -32.98
C GLN C 387 28.43 3.15 -33.96
N ASP C 388 29.57 3.25 -34.65
CA ASP C 388 29.95 2.20 -35.60
C ASP C 388 31.07 1.32 -35.04
N PHE C 389 31.16 0.09 -35.53
CA PHE C 389 32.22 -0.82 -35.14
C PHE C 389 33.27 -0.52 -36.20
N ASN C 390 34.33 0.17 -35.80
CA ASN C 390 35.41 0.54 -36.72
C ASN C 390 36.77 0.44 -36.02
N PRO C 391 37.56 -0.60 -36.32
CA PRO C 391 38.88 -0.75 -35.70
C PRO C 391 39.81 0.46 -35.91
N GLN C 392 39.45 1.29 -36.90
CA GLN C 392 40.19 2.52 -37.26
C GLN C 392 40.20 3.50 -36.07
N HIS C 393 39.16 3.46 -35.21
CA HIS C 393 39.14 4.31 -34.01
C HIS C 393 40.45 4.15 -33.18
N PHE C 394 41.14 3.02 -33.31
CA PHE C 394 42.37 2.75 -32.55
C PHE C 394 43.65 2.56 -33.41
N LEU C 395 43.70 3.24 -34.55
CA LEU C 395 44.84 3.13 -35.45
C LEU C 395 45.34 4.48 -35.99
N ASN C 396 46.68 4.58 -36.09
CA ASN C 396 47.43 5.74 -36.67
C ASN C 396 47.07 6.01 -38.11
N GLU C 397 47.43 7.19 -38.60
CA GLU C 397 47.21 7.46 -40.01
C GLU C 397 48.30 6.55 -40.64
N LYS C 398 49.35 6.29 -39.86
CA LYS C 398 50.44 5.41 -40.29
C LYS C 398 50.10 3.95 -40.05
N GLY C 399 48.89 3.68 -39.55
CA GLY C 399 48.48 2.31 -39.29
C GLY C 399 49.02 1.66 -38.02
N GLN C 400 49.56 2.45 -37.10
CA GLN C 400 50.07 1.87 -35.85
C GLN C 400 48.97 1.90 -34.76
N PHE C 401 49.20 1.21 -33.66
CA PHE C 401 48.18 1.22 -32.61
C PHE C 401 48.13 2.56 -31.89
N LYS C 402 46.93 3.13 -31.81
CA LYS C 402 46.77 4.43 -31.16
C LYS C 402 45.86 4.32 -29.92
N LYS C 403 46.42 4.61 -28.74
CA LYS C 403 45.65 4.63 -27.48
C LYS C 403 44.69 5.82 -27.40
N SER C 404 43.72 5.73 -26.49
CA SER C 404 42.76 6.82 -26.28
C SER C 404 42.49 6.96 -24.80
N ASP C 405 42.44 8.21 -24.31
CA ASP C 405 42.15 8.43 -22.89
C ASP C 405 40.67 8.03 -22.63
N ALA C 406 39.90 7.87 -23.70
CA ALA C 406 38.51 7.48 -23.55
C ALA C 406 38.35 5.95 -23.55
N PHE C 407 39.44 5.17 -23.64
CA PHE C 407 39.28 3.73 -23.60
C PHE C 407 39.24 3.38 -22.12
N VAL C 408 38.04 3.25 -21.54
CA VAL C 408 37.92 2.96 -20.11
C VAL C 408 36.95 1.79 -19.74
N PRO C 409 36.95 0.70 -20.51
CA PRO C 409 36.04 -0.43 -20.19
C PRO C 409 36.35 -1.12 -18.85
N PHE C 410 37.52 -0.81 -18.26
CA PHE C 410 37.96 -1.38 -16.95
C PHE C 410 37.88 -0.27 -15.89
N SER C 411 37.23 0.82 -16.28
CA SER C 411 37.13 1.98 -15.45
C SER C 411 38.53 2.54 -15.17
N ILE C 412 38.62 3.47 -14.25
CA ILE C 412 39.90 4.16 -13.92
C ILE C 412 39.84 4.60 -12.47
N GLY C 413 40.98 5.00 -11.90
CA GLY C 413 40.93 5.44 -10.52
C GLY C 413 41.37 4.39 -9.50
N LYS C 414 41.15 4.69 -8.23
CA LYS C 414 41.61 3.89 -7.11
C LYS C 414 40.97 2.50 -6.99
N ARG C 415 39.73 2.37 -7.49
CA ARG C 415 39.04 1.09 -7.41
C ARG C 415 38.81 0.51 -8.79
N ASN C 416 39.72 0.81 -9.73
CA ASN C 416 39.60 0.32 -11.11
C ASN C 416 39.81 -1.18 -11.12
N CYS C 417 39.44 -1.81 -12.22
CA CYS C 417 39.54 -3.26 -12.32
C CYS C 417 40.98 -3.76 -12.18
N PHE C 418 41.29 -4.63 -11.22
CA PHE C 418 42.66 -5.16 -11.17
C PHE C 418 42.80 -6.53 -11.88
N GLY C 419 41.73 -6.93 -12.59
CA GLY C 419 41.77 -8.16 -13.37
C GLY C 419 42.09 -7.72 -14.80
N GLU C 420 42.29 -6.42 -15.01
CA GLU C 420 42.57 -5.93 -16.37
C GLU C 420 43.69 -6.67 -17.07
N GLY C 421 44.82 -6.83 -16.38
CA GLY C 421 45.94 -7.53 -16.99
C GLY C 421 45.57 -8.92 -17.46
N LEU C 422 44.95 -9.68 -16.58
CA LEU C 422 44.55 -11.05 -16.96
C LEU C 422 43.58 -11.03 -18.16
N ALA C 423 42.57 -10.17 -18.06
CA ALA C 423 41.54 -10.06 -19.10
C ALA C 423 42.16 -9.76 -20.46
N ARG C 424 43.05 -8.76 -20.54
CA ARG C 424 43.70 -8.42 -21.80
C ARG C 424 44.55 -9.57 -22.29
N MET C 425 45.15 -10.33 -21.39
CA MET C 425 45.94 -11.45 -21.87
C MET C 425 44.99 -12.52 -22.42
N GLU C 426 43.89 -12.73 -21.74
CA GLU C 426 42.97 -13.74 -22.20
C GLU C 426 42.37 -13.33 -23.53
N LEU C 427 41.95 -12.07 -23.67
CA LEU C 427 41.30 -11.68 -24.92
C LEU C 427 42.24 -11.80 -26.09
N PHE C 428 43.48 -11.33 -25.92
CA PHE C 428 44.39 -11.43 -27.03
C PHE C 428 44.70 -12.87 -27.44
N LEU C 429 45.00 -13.74 -26.49
CA LEU C 429 45.30 -15.11 -26.85
C LEU C 429 44.03 -15.89 -27.31
N PHE C 430 42.90 -15.66 -26.66
CA PHE C 430 41.73 -16.41 -27.11
C PHE C 430 41.24 -15.95 -28.49
N PHE C 431 41.18 -14.64 -28.74
CA PHE C 431 40.71 -14.17 -30.06
C PHE C 431 41.71 -14.60 -31.12
N THR C 432 43.01 -14.36 -30.87
CA THR C 432 43.96 -14.73 -31.91
C THR C 432 44.07 -16.22 -32.16
N THR C 433 44.08 -17.07 -31.14
CA THR C 433 44.21 -18.49 -31.37
C THR C 433 42.95 -19.03 -32.10
N VAL C 434 41.78 -18.50 -31.78
CA VAL C 434 40.59 -18.95 -32.50
C VAL C 434 40.64 -18.52 -33.97
N MET C 435 40.92 -17.24 -34.22
CA MET C 435 40.95 -16.68 -35.58
C MET C 435 42.10 -17.25 -36.42
N GLN C 436 43.11 -17.79 -35.76
CA GLN C 436 44.24 -18.39 -36.44
C GLN C 436 43.80 -19.75 -37.04
N ASN C 437 42.97 -20.48 -36.28
CA ASN C 437 42.51 -21.80 -36.70
C ASN C 437 41.17 -21.86 -37.42
N PHE C 438 40.35 -20.84 -37.34
CA PHE C 438 39.04 -20.91 -37.96
C PHE C 438 38.62 -19.63 -38.65
N ARG C 439 37.70 -19.74 -39.61
CA ARG C 439 37.13 -18.53 -40.16
C ARG C 439 35.72 -18.67 -39.63
N LEU C 440 35.03 -17.55 -39.51
CA LEU C 440 33.71 -17.58 -38.90
C LEU C 440 32.62 -17.62 -39.93
N LYS C 441 31.52 -18.31 -39.61
CA LYS C 441 30.39 -18.36 -40.53
C LYS C 441 29.08 -18.13 -39.75
N SER C 442 28.39 -17.04 -40.03
CA SER C 442 27.13 -16.78 -39.34
C SER C 442 26.01 -17.59 -39.98
N SER C 443 24.89 -17.64 -39.30
CA SER C 443 23.75 -18.37 -39.83
C SER C 443 22.89 -17.41 -40.63
N GLN C 444 23.35 -16.17 -40.76
CA GLN C 444 22.67 -15.09 -41.51
C GLN C 444 23.74 -14.38 -42.30
N SER C 445 23.34 -13.56 -43.26
CA SER C 445 24.27 -12.80 -44.09
C SER C 445 24.67 -11.59 -43.27
N PRO C 446 25.91 -11.11 -43.39
CA PRO C 446 26.34 -9.95 -42.62
C PRO C 446 25.26 -8.87 -42.47
N LYS C 447 24.69 -8.43 -43.60
CA LYS C 447 23.66 -7.39 -43.58
C LYS C 447 22.53 -7.65 -42.60
N ASP C 448 22.16 -8.91 -42.41
CA ASP C 448 21.06 -9.24 -41.49
C ASP C 448 21.44 -9.42 -40.01
N ILE C 449 22.73 -9.48 -39.70
CA ILE C 449 23.12 -9.68 -38.29
C ILE C 449 22.84 -8.41 -37.51
N ASP C 450 22.17 -8.55 -36.37
CA ASP C 450 21.84 -7.39 -35.54
C ASP C 450 22.84 -7.39 -34.39
N VAL C 451 23.69 -6.38 -34.34
CA VAL C 451 24.68 -6.35 -33.27
C VAL C 451 24.25 -5.40 -32.14
N SER C 452 23.01 -4.91 -32.17
CA SER C 452 22.50 -4.03 -31.10
C SER C 452 22.30 -4.98 -29.93
N PRO C 453 22.49 -4.49 -28.70
CA PRO C 453 22.32 -5.41 -27.54
C PRO C 453 20.92 -5.96 -27.27
N LYS C 454 20.86 -7.15 -26.69
CA LYS C 454 19.59 -7.75 -26.31
C LYS C 454 19.08 -7.06 -25.00
N HIS C 455 20.01 -6.84 -24.06
CA HIS C 455 19.74 -6.20 -22.75
C HIS C 455 20.87 -5.21 -22.40
N VAL C 456 20.52 -4.11 -21.74
CA VAL C 456 21.51 -3.14 -21.25
C VAL C 456 21.02 -2.68 -19.89
N GLY C 457 21.86 -2.93 -18.88
CA GLY C 457 21.56 -2.51 -17.53
C GLY C 457 22.90 -2.47 -16.80
N PHE C 458 23.09 -3.37 -15.85
CA PHE C 458 24.39 -3.48 -15.19
C PHE C 458 25.41 -3.89 -16.25
N ALA C 459 25.01 -4.78 -17.17
CA ALA C 459 25.91 -5.21 -18.23
C ALA C 459 25.23 -4.94 -19.55
N THR C 460 25.95 -5.15 -20.66
CA THR C 460 25.44 -5.03 -22.04
C THR C 460 25.51 -6.47 -22.52
N ILE C 461 24.37 -7.04 -22.85
CA ILE C 461 24.33 -8.44 -23.27
C ILE C 461 24.03 -8.53 -24.80
N PRO C 462 24.88 -9.22 -25.60
CA PRO C 462 24.58 -9.30 -27.04
C PRO C 462 23.39 -10.27 -27.30
N ARG C 463 22.75 -10.14 -28.45
CA ARG C 463 21.63 -11.03 -28.76
C ARG C 463 22.07 -12.47 -28.92
N ASN C 464 21.15 -13.39 -28.65
CA ASN C 464 21.47 -14.81 -28.78
C ASN C 464 21.73 -15.09 -30.28
N TYR C 465 22.73 -15.92 -30.58
CA TYR C 465 22.99 -16.22 -32.01
C TYR C 465 23.70 -17.56 -32.15
N THR C 466 23.77 -18.08 -33.37
CA THR C 466 24.52 -19.32 -33.56
C THR C 466 25.52 -19.04 -34.66
N MET C 467 26.56 -19.86 -34.73
CA MET C 467 27.60 -19.66 -35.72
C MET C 467 28.39 -20.95 -35.91
N SER C 468 29.16 -20.96 -37.00
CA SER C 468 30.02 -22.11 -37.34
C SER C 468 31.47 -21.72 -37.34
N PHE C 469 32.32 -22.62 -36.86
CA PHE C 469 33.76 -22.37 -36.85
C PHE C 469 34.37 -23.33 -37.91
N LEU C 470 34.75 -22.77 -39.04
CA LEU C 470 35.30 -23.54 -40.17
C LEU C 470 36.82 -23.58 -40.16
N PRO C 471 37.42 -24.79 -40.02
CA PRO C 471 38.88 -24.96 -40.01
C PRO C 471 39.55 -24.20 -41.16
N ARG C 472 40.74 -23.69 -40.92
CA ARG C 472 41.46 -22.93 -41.93
C ARG C 472 42.64 -23.76 -42.50
N GLY D 9 -29.46 -17.31 10.86
CA GLY D 9 -28.87 -18.42 10.13
C GLY D 9 -27.37 -18.18 9.88
N LYS D 10 -26.73 -19.07 9.14
CA LYS D 10 -25.31 -18.94 8.79
C LYS D 10 -25.15 -19.05 7.29
N LEU D 11 -24.12 -18.41 6.76
CA LEU D 11 -23.82 -18.48 5.34
C LEU D 11 -23.24 -19.86 5.11
N PRO D 12 -23.23 -20.33 3.86
CA PRO D 12 -22.66 -21.65 3.58
C PRO D 12 -21.19 -21.65 4.06
N PRO D 13 -20.66 -22.82 4.46
CA PRO D 13 -19.26 -22.87 4.93
C PRO D 13 -18.33 -22.51 3.76
N GLY D 14 -17.07 -22.24 4.10
CA GLY D 14 -16.10 -21.93 3.10
C GLY D 14 -14.74 -21.67 3.74
N PRO D 15 -13.68 -21.62 2.94
CA PRO D 15 -12.37 -21.36 3.53
C PRO D 15 -12.29 -19.94 4.14
N THR D 16 -11.50 -19.82 5.20
CA THR D 16 -11.39 -18.56 5.91
C THR D 16 -10.66 -17.56 5.03
N PRO D 17 -11.30 -16.38 4.79
CA PRO D 17 -10.68 -15.38 3.94
C PRO D 17 -9.81 -14.43 4.75
N LEU D 18 -9.02 -13.62 4.04
CA LEU D 18 -8.21 -12.60 4.70
C LEU D 18 -8.80 -11.22 4.30
N PRO D 19 -8.64 -10.17 5.15
CA PRO D 19 -9.17 -8.82 4.82
C PRO D 19 -8.77 -8.41 3.42
N PHE D 20 -9.73 -7.87 2.67
CA PHE D 20 -9.55 -7.39 1.30
C PHE D 20 -9.19 -8.39 0.20
N ILE D 21 -8.16 -9.23 0.40
CA ILE D 21 -7.81 -10.16 -0.66
C ILE D 21 -8.75 -11.41 -0.62
N GLY D 22 -9.66 -11.48 0.33
CA GLY D 22 -10.61 -12.59 0.36
C GLY D 22 -9.92 -13.95 0.36
N ASN D 23 -10.39 -14.88 -0.50
CA ASN D 23 -9.80 -16.24 -0.58
C ASN D 23 -8.76 -16.35 -1.70
N TYR D 24 -8.09 -15.24 -1.99
CA TYR D 24 -7.02 -15.22 -3.00
C TYR D 24 -6.01 -16.38 -2.80
N LEU D 25 -5.60 -16.64 -1.55
CA LEU D 25 -4.64 -17.74 -1.30
C LEU D 25 -5.20 -19.13 -1.72
N GLN D 26 -6.51 -19.29 -1.83
CA GLN D 26 -7.09 -20.61 -2.26
C GLN D 26 -7.61 -20.62 -3.70
N LEU D 27 -7.34 -19.54 -4.43
CA LEU D 27 -7.81 -19.40 -5.81
C LEU D 27 -6.65 -19.20 -6.80
N ASN D 28 -6.73 -19.91 -7.92
CA ASN D 28 -5.77 -19.77 -9.01
C ASN D 28 -6.59 -19.01 -10.05
N THR D 29 -6.27 -17.73 -10.26
CA THR D 29 -7.04 -16.91 -11.20
C THR D 29 -6.92 -17.39 -12.62
N GLU D 30 -5.90 -18.20 -12.91
CA GLU D 30 -5.80 -18.75 -14.25
C GLU D 30 -6.77 -19.92 -14.46
N GLN D 31 -7.25 -20.51 -13.37
CA GLN D 31 -8.18 -21.69 -13.44
C GLN D 31 -9.21 -21.49 -12.31
N MET D 32 -10.07 -20.50 -12.46
CA MET D 32 -11.03 -20.22 -11.41
C MET D 32 -11.96 -21.40 -11.24
N TYR D 33 -12.39 -21.97 -12.35
CA TYR D 33 -13.35 -23.09 -12.26
C TYR D 33 -12.71 -24.24 -11.45
N ASN D 34 -11.52 -24.70 -11.86
CA ASN D 34 -10.86 -25.80 -11.14
C ASN D 34 -10.64 -25.44 -9.68
N SER D 35 -10.25 -24.19 -9.38
CA SER D 35 -10.01 -23.79 -8.00
C SER D 35 -11.29 -23.89 -7.17
N LEU D 36 -12.41 -23.37 -7.71
CA LEU D 36 -13.70 -23.44 -7.00
C LEU D 36 -14.18 -24.88 -6.83
N MET D 37 -14.08 -25.71 -7.87
CA MET D 37 -14.46 -27.14 -7.73
C MET D 37 -13.56 -27.82 -6.67
N LYS D 38 -12.25 -27.50 -6.61
CA LYS D 38 -11.41 -28.12 -5.56
C LYS D 38 -11.87 -27.67 -4.15
N ILE D 39 -12.34 -26.43 -4.02
CA ILE D 39 -12.84 -25.96 -2.75
C ILE D 39 -14.17 -26.75 -2.44
N SER D 40 -14.99 -26.94 -3.47
CA SER D 40 -16.25 -27.71 -3.35
C SER D 40 -15.98 -29.15 -2.81
N GLU D 41 -14.90 -29.77 -3.27
CA GLU D 41 -14.56 -31.13 -2.81
C GLU D 41 -14.32 -31.18 -1.32
N ARG D 42 -13.87 -30.05 -0.77
CA ARG D 42 -13.60 -30.01 0.64
C ARG D 42 -14.80 -29.51 1.43
N TYR D 43 -15.63 -28.65 0.86
CA TYR D 43 -16.70 -28.05 1.66
C TYR D 43 -18.13 -28.41 1.35
N GLY D 44 -18.38 -28.95 0.17
CA GLY D 44 -19.77 -29.24 -0.15
C GLY D 44 -20.12 -28.46 -1.41
N PRO D 45 -21.24 -28.79 -2.06
CA PRO D 45 -21.73 -28.19 -3.28
C PRO D 45 -22.19 -26.75 -3.15
N VAL D 46 -22.43 -26.31 -1.92
CA VAL D 46 -22.85 -24.93 -1.69
C VAL D 46 -21.86 -24.36 -0.67
N PHE D 47 -21.09 -23.35 -1.11
CA PHE D 47 -20.08 -22.79 -0.24
C PHE D 47 -19.88 -21.32 -0.49
N THR D 48 -19.26 -20.64 0.49
CA THR D 48 -19.05 -19.20 0.41
C THR D 48 -17.60 -18.92 0.07
N ILE D 49 -17.39 -18.05 -0.90
CA ILE D 49 -16.02 -17.68 -1.33
C ILE D 49 -15.93 -16.14 -1.33
N HIS D 50 -14.71 -15.62 -1.17
CA HIS D 50 -14.55 -14.17 -1.21
C HIS D 50 -13.64 -13.88 -2.36
N LEU D 51 -14.19 -13.26 -3.41
CA LEU D 51 -13.41 -12.99 -4.59
C LEU D 51 -12.91 -11.60 -4.24
N GLY D 52 -11.77 -11.56 -3.56
CA GLY D 52 -11.28 -10.29 -3.06
C GLY D 52 -12.36 -9.87 -2.04
N PRO D 53 -12.81 -8.60 -2.07
CA PRO D 53 -13.83 -8.21 -1.08
C PRO D 53 -15.29 -8.65 -1.43
N ARG D 54 -15.53 -9.21 -2.63
CA ARG D 54 -16.88 -9.67 -3.09
C ARG D 54 -17.24 -11.04 -2.48
N ARG D 55 -18.24 -11.07 -1.61
CA ARG D 55 -18.63 -12.34 -1.01
C ARG D 55 -19.60 -13.01 -1.98
N VAL D 56 -19.27 -14.26 -2.32
CA VAL D 56 -20.09 -14.97 -3.27
C VAL D 56 -20.49 -16.38 -2.81
N VAL D 57 -21.73 -16.77 -3.06
CA VAL D 57 -22.13 -18.14 -2.73
C VAL D 57 -22.03 -18.93 -4.03
N VAL D 58 -21.24 -20.00 -4.02
CA VAL D 58 -20.99 -20.80 -5.19
C VAL D 58 -21.87 -22.06 -5.16
N LEU D 59 -22.54 -22.37 -6.26
CA LEU D 59 -23.41 -23.59 -6.33
C LEU D 59 -22.87 -24.56 -7.34
N CYS D 60 -22.53 -25.76 -6.90
CA CYS D 60 -21.98 -26.72 -7.79
C CYS D 60 -22.89 -27.95 -7.92
N GLY D 61 -22.84 -28.55 -9.10
CA GLY D 61 -23.65 -29.75 -9.34
C GLY D 61 -25.09 -29.44 -9.73
N HIS D 62 -25.70 -30.39 -10.44
CA HIS D 62 -27.07 -30.25 -10.89
C HIS D 62 -28.07 -29.87 -9.79
N ASP D 63 -28.09 -30.65 -8.71
CA ASP D 63 -29.07 -30.39 -7.65
C ASP D 63 -28.99 -29.01 -7.00
N ALA D 64 -27.77 -28.59 -6.65
CA ALA D 64 -27.69 -27.30 -5.99
C ALA D 64 -28.13 -26.15 -6.93
N VAL D 65 -27.69 -26.23 -8.19
CA VAL D 65 -27.99 -25.18 -9.15
C VAL D 65 -29.53 -25.20 -9.43
N ARG D 66 -30.11 -26.36 -9.68
CA ARG D 66 -31.55 -26.36 -9.98
C ARG D 66 -32.40 -25.99 -8.77
N GLU D 67 -32.10 -26.52 -7.58
CA GLU D 67 -32.83 -26.13 -6.39
C GLU D 67 -32.81 -24.63 -6.14
N ALA D 68 -31.70 -23.96 -6.50
CA ALA D 68 -31.69 -22.50 -6.29
C ALA D 68 -32.41 -21.73 -7.42
N LEU D 69 -31.89 -21.88 -8.64
CA LEU D 69 -32.40 -21.13 -9.78
C LEU D 69 -33.79 -21.52 -10.23
N VAL D 70 -34.20 -22.76 -9.99
CA VAL D 70 -35.54 -23.11 -10.42
C VAL D 70 -36.48 -23.27 -9.24
N ASP D 71 -36.19 -24.15 -8.27
CA ASP D 71 -37.11 -24.31 -7.16
C ASP D 71 -37.28 -23.05 -6.32
N GLN D 72 -36.27 -22.18 -6.28
CA GLN D 72 -36.42 -20.91 -5.58
C GLN D 72 -36.11 -19.79 -6.59
N ALA D 73 -36.66 -19.98 -7.79
CA ALA D 73 -36.39 -19.07 -8.91
C ALA D 73 -36.48 -17.59 -8.62
N GLU D 74 -37.57 -17.14 -7.99
CA GLU D 74 -37.73 -15.73 -7.70
C GLU D 74 -36.66 -15.14 -6.78
N GLU D 75 -36.35 -15.86 -5.71
CA GLU D 75 -35.34 -15.39 -4.75
C GLU D 75 -33.93 -15.27 -5.39
N PHE D 76 -33.61 -16.16 -6.32
CA PHE D 76 -32.30 -16.13 -6.97
C PHE D 76 -32.34 -15.39 -8.35
N SER D 77 -33.39 -14.61 -8.60
CA SER D 77 -33.51 -13.91 -9.89
C SER D 77 -32.83 -12.56 -10.01
N GLY D 78 -32.04 -12.15 -9.00
CA GLY D 78 -31.33 -10.89 -9.08
C GLY D 78 -30.11 -11.09 -9.99
N ARG D 79 -29.53 -10.02 -10.54
CA ARG D 79 -28.36 -10.12 -11.40
C ARG D 79 -27.14 -9.68 -10.60
N GLY D 80 -26.07 -10.47 -10.66
CA GLY D 80 -24.85 -10.17 -9.93
C GLY D 80 -23.92 -9.34 -10.79
N GLU D 81 -22.61 -9.37 -10.54
CA GLU D 81 -21.75 -8.52 -11.35
C GLU D 81 -20.74 -9.28 -12.20
N GLN D 82 -20.27 -8.63 -13.24
CA GLN D 82 -19.19 -9.19 -14.07
C GLN D 82 -18.46 -7.87 -14.21
N ALA D 83 -17.40 -7.71 -13.43
CA ALA D 83 -16.72 -6.42 -13.38
C ALA D 83 -16.24 -5.85 -14.73
N THR D 84 -15.71 -6.70 -15.63
CA THR D 84 -15.24 -6.17 -16.90
C THR D 84 -16.39 -5.61 -17.69
N PHE D 85 -17.47 -6.35 -17.83
CA PHE D 85 -18.60 -5.81 -18.60
C PHE D 85 -19.26 -4.61 -17.91
N ASP D 86 -19.27 -4.61 -16.58
CA ASP D 86 -19.90 -3.52 -15.81
C ASP D 86 -19.17 -2.20 -16.06
N TRP D 87 -17.89 -2.28 -16.42
CA TRP D 87 -17.12 -1.08 -16.73
C TRP D 87 -17.83 -0.28 -17.82
N VAL D 88 -18.50 -0.97 -18.74
CA VAL D 88 -19.19 -0.20 -19.78
C VAL D 88 -20.69 -0.10 -19.59
N PHE D 89 -21.29 -1.14 -19.04
CA PHE D 89 -22.72 -1.17 -18.88
C PHE D 89 -23.25 -0.38 -17.70
N LYS D 90 -22.50 -0.38 -16.61
CA LYS D 90 -22.84 0.34 -15.40
C LYS D 90 -24.28 0.09 -14.96
N GLY D 91 -24.73 -1.15 -15.02
CA GLY D 91 -26.08 -1.43 -14.56
C GLY D 91 -27.17 -1.11 -15.56
N TYR D 92 -26.80 -0.63 -16.75
CA TYR D 92 -27.77 -0.33 -17.83
C TYR D 92 -27.88 -1.49 -18.83
N GLY D 93 -28.96 -1.54 -19.61
CA GLY D 93 -29.13 -2.64 -20.57
C GLY D 93 -29.87 -3.83 -19.95
N VAL D 94 -30.39 -4.73 -20.77
CA VAL D 94 -31.15 -5.86 -20.29
C VAL D 94 -30.30 -6.89 -19.51
N VAL D 95 -29.05 -7.10 -19.90
CA VAL D 95 -28.27 -8.14 -19.21
C VAL D 95 -27.88 -7.86 -17.78
N PHE D 96 -27.26 -6.71 -17.55
CA PHE D 96 -26.80 -6.39 -16.21
C PHE D 96 -27.74 -5.55 -15.38
N SER D 97 -28.96 -5.31 -15.87
CA SER D 97 -29.91 -4.54 -15.09
C SER D 97 -30.58 -5.48 -14.04
N ASN D 98 -31.27 -4.88 -13.07
CA ASN D 98 -31.96 -5.60 -12.02
C ASN D 98 -33.31 -4.94 -11.84
N GLY D 99 -34.06 -5.38 -10.84
CA GLY D 99 -35.36 -4.80 -10.58
C GLY D 99 -36.24 -4.48 -11.78
N GLU D 100 -36.99 -3.40 -11.66
CA GLU D 100 -37.94 -2.97 -12.70
C GLU D 100 -37.29 -2.78 -14.05
N ARG D 101 -36.09 -2.23 -14.06
CA ARG D 101 -35.39 -2.01 -15.30
C ARG D 101 -35.27 -3.32 -16.07
N ALA D 102 -34.76 -4.34 -15.39
CA ALA D 102 -34.59 -5.65 -16.00
C ALA D 102 -35.96 -6.23 -16.40
N LYS D 103 -36.97 -6.08 -15.55
CA LYS D 103 -38.27 -6.63 -15.90
C LYS D 103 -38.79 -6.00 -17.19
N GLN D 104 -38.60 -4.69 -17.32
CA GLN D 104 -39.09 -3.98 -18.50
C GLN D 104 -38.25 -4.27 -19.76
N LEU D 105 -36.93 -4.20 -19.63
CA LEU D 105 -36.10 -4.40 -20.79
C LEU D 105 -36.15 -5.86 -21.25
N ARG D 106 -36.35 -6.82 -20.36
CA ARG D 106 -36.39 -8.21 -20.82
C ARG D 106 -37.70 -8.51 -21.56
N ARG D 107 -38.80 -8.07 -20.98
CA ARG D 107 -40.09 -8.29 -21.62
C ARG D 107 -40.09 -7.62 -23.00
N PHE D 108 -39.64 -6.38 -23.09
CA PHE D 108 -39.64 -5.73 -24.41
C PHE D 108 -38.72 -6.46 -25.40
N SER D 109 -37.49 -6.78 -24.97
CA SER D 109 -36.53 -7.48 -25.83
C SER D 109 -37.07 -8.80 -26.34
N ILE D 110 -37.66 -9.62 -25.47
CA ILE D 110 -38.20 -10.91 -25.90
C ILE D 110 -39.32 -10.73 -26.92
N ALA D 111 -40.16 -9.72 -26.70
CA ALA D 111 -41.27 -9.49 -27.62
C ALA D 111 -40.77 -8.95 -28.95
N THR D 112 -39.85 -7.99 -28.89
CA THR D 112 -39.27 -7.41 -30.10
C THR D 112 -38.43 -8.42 -30.96
N LEU D 113 -37.77 -9.38 -30.32
CA LEU D 113 -36.99 -10.39 -31.07
C LEU D 113 -37.99 -11.30 -31.79
N ARG D 114 -39.07 -11.61 -31.10
CA ARG D 114 -40.15 -12.44 -31.61
C ARG D 114 -40.73 -11.78 -32.89
N ASP D 115 -40.91 -10.46 -32.85
CA ASP D 115 -41.44 -9.68 -33.98
C ASP D 115 -40.56 -9.74 -35.22
N PHE D 116 -39.25 -9.72 -35.01
CA PHE D 116 -38.31 -9.74 -36.11
C PHE D 116 -37.88 -11.12 -36.52
N GLY D 117 -38.69 -12.12 -36.17
CA GLY D 117 -38.34 -13.47 -36.56
C GLY D 117 -37.98 -14.60 -35.62
N VAL D 118 -37.26 -14.36 -34.52
CA VAL D 118 -36.82 -15.45 -33.60
C VAL D 118 -37.85 -16.56 -33.37
N GLY D 119 -37.48 -17.78 -33.74
CA GLY D 119 -38.38 -18.92 -33.59
C GLY D 119 -39.49 -18.99 -34.65
N LYS D 120 -39.25 -18.34 -35.79
CA LYS D 120 -40.19 -18.28 -36.92
C LYS D 120 -39.51 -18.24 -38.31
N ARG D 121 -40.08 -19.01 -39.24
CA ARG D 121 -39.66 -19.13 -40.63
C ARG D 121 -38.89 -17.91 -41.17
N GLY D 122 -39.22 -16.71 -40.64
CA GLY D 122 -38.54 -15.50 -41.08
C GLY D 122 -37.05 -15.57 -40.72
N ILE D 123 -36.77 -15.74 -39.43
CA ILE D 123 -35.39 -15.83 -38.98
C ILE D 123 -34.77 -17.11 -39.53
N GLU D 124 -35.57 -18.17 -39.73
CA GLU D 124 -34.99 -19.41 -40.27
C GLU D 124 -34.43 -19.17 -41.70
N GLU D 125 -35.22 -18.57 -42.58
CA GLU D 125 -34.73 -18.27 -43.93
C GLU D 125 -33.54 -17.33 -43.85
N ARG D 126 -33.60 -16.34 -42.96
CA ARG D 126 -32.48 -15.42 -42.80
C ARG D 126 -31.18 -16.17 -42.39
N ILE D 127 -31.31 -17.22 -41.56
CA ILE D 127 -30.15 -18.01 -41.12
C ILE D 127 -29.71 -18.93 -42.25
N GLN D 128 -30.67 -19.49 -42.99
CA GLN D 128 -30.33 -20.37 -44.12
C GLN D 128 -29.57 -19.58 -45.19
N GLU D 129 -29.97 -18.33 -45.39
CA GLU D 129 -29.30 -17.51 -46.40
C GLU D 129 -27.90 -17.16 -45.90
N GLU D 130 -27.76 -16.86 -44.61
CA GLU D 130 -26.43 -16.56 -44.12
C GLU D 130 -25.54 -17.83 -44.17
N ALA D 131 -26.12 -19.01 -43.92
CA ALA D 131 -25.39 -20.28 -43.98
C ALA D 131 -24.88 -20.45 -45.43
N GLY D 132 -25.70 -20.00 -46.40
CA GLY D 132 -25.35 -20.08 -47.80
C GLY D 132 -24.12 -19.25 -48.06
N PHE D 133 -24.10 -18.05 -47.48
CA PHE D 133 -22.97 -17.14 -47.64
C PHE D 133 -21.69 -17.71 -46.98
N LEU D 134 -21.89 -18.44 -45.88
CA LEU D 134 -20.73 -19.04 -45.19
C LEU D 134 -20.19 -20.15 -46.12
N ILE D 135 -21.06 -21.00 -46.67
CA ILE D 135 -20.58 -22.02 -47.59
C ILE D 135 -19.84 -21.41 -48.78
N ASP D 136 -20.36 -20.32 -49.35
CA ASP D 136 -19.61 -19.74 -50.45
C ASP D 136 -18.27 -19.22 -49.97
N ALA D 137 -18.19 -18.65 -48.75
CA ALA D 137 -16.91 -18.13 -48.28
C ALA D 137 -15.90 -19.26 -48.03
N LEU D 138 -16.40 -20.40 -47.54
CA LEU D 138 -15.54 -21.57 -47.28
C LEU D 138 -15.06 -22.13 -48.63
N ARG D 139 -15.96 -22.28 -49.60
CA ARG D 139 -15.56 -22.78 -50.96
C ARG D 139 -14.46 -21.88 -51.50
N GLY D 140 -14.67 -20.58 -51.34
CA GLY D 140 -13.72 -19.58 -51.78
C GLY D 140 -12.31 -19.78 -51.28
N THR D 141 -12.15 -20.43 -50.13
CA THR D 141 -10.79 -20.67 -49.63
C THR D 141 -10.14 -21.82 -50.41
N GLY D 142 -10.92 -22.54 -51.22
CA GLY D 142 -10.37 -23.63 -52.01
C GLY D 142 -9.62 -24.71 -51.22
N GLY D 143 -10.08 -24.99 -50.01
CA GLY D 143 -9.41 -26.02 -49.23
C GLY D 143 -8.12 -25.61 -48.58
N ALA D 144 -7.71 -24.34 -48.61
CA ALA D 144 -6.49 -23.95 -47.93
C ALA D 144 -6.66 -24.10 -46.40
N ASN D 145 -5.54 -24.36 -45.72
CA ASN D 145 -5.52 -24.47 -44.25
C ASN D 145 -5.71 -23.02 -43.73
N ILE D 146 -6.84 -22.75 -43.09
CA ILE D 146 -7.10 -21.40 -42.61
C ILE D 146 -7.56 -21.37 -41.15
N ASP D 147 -7.50 -20.21 -40.54
CA ASP D 147 -8.02 -20.12 -39.17
C ASP D 147 -9.52 -19.84 -39.38
N PRO D 148 -10.42 -20.70 -38.87
CA PRO D 148 -11.86 -20.50 -39.06
C PRO D 148 -12.58 -19.45 -38.26
N THR D 149 -11.90 -18.88 -37.28
CA THR D 149 -12.44 -17.90 -36.32
C THR D 149 -13.35 -16.82 -36.91
N PHE D 150 -12.83 -16.02 -37.83
CA PHE D 150 -13.68 -14.98 -38.39
C PHE D 150 -14.64 -15.39 -39.48
N PHE D 151 -14.39 -16.51 -40.15
CA PHE D 151 -15.38 -16.95 -41.13
C PHE D 151 -16.64 -17.26 -40.33
N LEU D 152 -16.43 -17.92 -39.20
CA LEU D 152 -17.55 -18.30 -38.30
C LEU D 152 -18.25 -17.12 -37.64
N SER D 153 -17.47 -16.21 -37.06
CA SER D 153 -18.11 -15.12 -36.36
C SER D 153 -18.76 -14.13 -37.30
N ARG D 154 -18.22 -13.96 -38.51
CA ARG D 154 -18.87 -13.04 -39.46
C ARG D 154 -20.30 -13.55 -39.76
N THR D 155 -20.42 -14.85 -40.04
CA THR D 155 -21.69 -15.49 -40.35
C THR D 155 -22.64 -15.38 -39.15
N VAL D 156 -22.17 -15.82 -37.99
CA VAL D 156 -22.97 -15.73 -36.79
C VAL D 156 -23.44 -14.33 -36.47
N SER D 157 -22.55 -13.37 -36.44
CA SER D 157 -22.92 -12.02 -36.09
C SER D 157 -23.94 -11.45 -37.06
N ASN D 158 -23.84 -11.86 -38.32
CA ASN D 158 -24.77 -11.30 -39.29
C ASN D 158 -26.21 -11.69 -39.03
N VAL D 159 -26.42 -12.70 -38.19
CA VAL D 159 -27.79 -13.09 -37.92
C VAL D 159 -28.40 -12.16 -36.89
N ILE D 160 -27.75 -11.93 -35.75
CA ILE D 160 -28.34 -11.01 -34.78
C ILE D 160 -28.24 -9.57 -35.35
N SER D 161 -27.22 -9.31 -36.19
CA SER D 161 -27.05 -7.98 -36.79
C SER D 161 -28.25 -7.57 -37.68
N SER D 162 -28.78 -8.52 -38.45
CA SER D 162 -29.93 -8.27 -39.31
C SER D 162 -31.08 -7.83 -38.46
N ILE D 163 -31.22 -8.53 -37.33
CA ILE D 163 -32.30 -8.32 -36.38
C ILE D 163 -32.24 -6.97 -35.68
N VAL D 164 -31.03 -6.61 -35.23
CA VAL D 164 -30.81 -5.40 -34.48
C VAL D 164 -30.55 -4.17 -35.31
N PHE D 165 -29.80 -4.34 -36.40
CA PHE D 165 -29.48 -3.24 -37.26
C PHE D 165 -30.36 -3.16 -38.50
N GLY D 166 -31.12 -4.20 -38.81
CA GLY D 166 -31.96 -4.15 -40.00
C GLY D 166 -31.40 -4.91 -41.19
N ASP D 167 -30.08 -5.00 -41.30
CA ASP D 167 -29.50 -5.78 -42.38
C ASP D 167 -28.06 -6.23 -42.07
N ARG D 168 -27.55 -7.15 -42.86
CA ARG D 168 -26.24 -7.74 -42.63
C ARG D 168 -25.05 -6.87 -43.01
N PHE D 169 -23.87 -7.24 -42.54
CA PHE D 169 -22.64 -6.53 -42.92
C PHE D 169 -22.08 -7.32 -44.13
N ASP D 170 -21.28 -6.68 -44.98
CA ASP D 170 -20.64 -7.39 -46.09
C ASP D 170 -19.38 -8.07 -45.48
N TYR D 171 -19.10 -9.31 -45.87
CA TYR D 171 -17.94 -10.00 -45.31
C TYR D 171 -16.65 -9.26 -45.55
N LYS D 172 -16.62 -8.41 -46.56
CA LYS D 172 -15.39 -7.67 -46.82
C LYS D 172 -15.28 -6.39 -46.03
N ASP D 173 -16.32 -6.01 -45.29
CA ASP D 173 -16.32 -4.77 -44.52
C ASP D 173 -15.26 -4.84 -43.39
N LYS D 174 -14.29 -3.95 -43.45
CA LYS D 174 -13.21 -3.91 -42.47
C LYS D 174 -13.68 -3.48 -41.09
N GLU D 175 -14.70 -2.62 -41.04
CA GLU D 175 -15.21 -2.18 -39.75
C GLU D 175 -15.92 -3.35 -39.01
N PHE D 176 -16.66 -4.16 -39.75
CA PHE D 176 -17.35 -5.34 -39.21
C PHE D 176 -16.22 -6.23 -38.60
N LEU D 177 -15.13 -6.39 -39.33
CA LEU D 177 -14.06 -7.21 -38.79
C LEU D 177 -13.46 -6.68 -37.50
N SER D 178 -13.25 -5.37 -37.41
CA SER D 178 -12.69 -4.82 -36.19
C SER D 178 -13.70 -4.99 -35.03
N LEU D 179 -15.01 -4.88 -35.30
CA LEU D 179 -16.02 -5.10 -34.24
C LEU D 179 -15.91 -6.56 -33.76
N LEU D 180 -15.70 -7.51 -34.70
CA LEU D 180 -15.60 -8.94 -34.34
C LEU D 180 -14.37 -9.20 -33.49
N ARG D 181 -13.28 -8.50 -33.83
CA ARG D 181 -12.03 -8.64 -33.06
C ARG D 181 -12.21 -8.10 -31.60
N MET D 182 -12.98 -7.02 -31.44
CA MET D 182 -13.27 -6.44 -30.12
C MET D 182 -14.03 -7.48 -29.26
N MET D 183 -15.07 -8.04 -29.84
CA MET D 183 -15.83 -9.06 -29.11
C MET D 183 -14.93 -10.23 -28.72
N LEU D 184 -14.18 -10.76 -29.67
CA LEU D 184 -13.30 -11.88 -29.37
C LEU D 184 -12.29 -11.51 -28.27
N GLY D 185 -11.71 -10.30 -28.35
CA GLY D 185 -10.74 -9.87 -27.34
C GLY D 185 -11.35 -9.72 -25.94
N ILE D 186 -12.60 -9.25 -25.86
CA ILE D 186 -13.21 -9.11 -24.56
C ILE D 186 -13.51 -10.50 -23.99
N PHE D 187 -14.03 -11.41 -24.81
CA PHE D 187 -14.26 -12.79 -24.26
C PHE D 187 -12.93 -13.46 -23.86
N GLN D 188 -11.88 -13.20 -24.65
CA GLN D 188 -10.59 -13.82 -24.33
C GLN D 188 -10.08 -13.21 -22.99
N PHE D 189 -10.02 -11.86 -22.95
CA PHE D 189 -9.56 -11.18 -21.74
C PHE D 189 -10.27 -11.61 -20.47
N THR D 190 -11.61 -11.72 -20.50
CA THR D 190 -12.33 -12.08 -19.28
C THR D 190 -12.13 -13.56 -18.89
N SER D 191 -11.47 -14.33 -19.74
CA SER D 191 -11.22 -15.75 -19.43
C SER D 191 -9.75 -15.99 -19.06
N THR D 192 -8.97 -14.90 -19.03
CA THR D 192 -7.56 -14.99 -18.65
C THR D 192 -7.36 -14.79 -17.15
N SER D 193 -6.15 -15.09 -16.69
CA SER D 193 -5.85 -14.91 -15.31
C SER D 193 -6.07 -13.43 -14.87
N THR D 194 -5.60 -12.49 -15.69
CA THR D 194 -5.74 -11.09 -15.32
C THR D 194 -7.22 -10.72 -15.33
N GLY D 195 -7.99 -11.25 -16.29
CA GLY D 195 -9.43 -10.96 -16.30
C GLY D 195 -10.15 -11.45 -15.04
N GLN D 196 -9.73 -12.60 -14.48
CA GLN D 196 -10.37 -13.11 -13.27
C GLN D 196 -9.80 -12.41 -12.06
N LEU D 197 -8.55 -11.97 -12.12
CA LEU D 197 -8.04 -11.20 -10.99
C LEU D 197 -8.86 -9.85 -10.95
N TYR D 198 -9.20 -9.34 -12.14
CA TYR D 198 -9.97 -8.08 -12.24
C TYR D 198 -11.33 -8.22 -11.56
N GLU D 199 -11.91 -9.43 -11.60
CA GLU D 199 -13.19 -9.64 -10.93
C GLU D 199 -13.03 -9.51 -9.44
N MET D 200 -11.85 -9.80 -8.91
CA MET D 200 -11.65 -9.66 -7.49
C MET D 200 -11.25 -8.24 -7.07
N PHE D 201 -10.46 -7.61 -7.92
CA PHE D 201 -9.87 -6.35 -7.53
C PHE D 201 -10.14 -5.15 -8.42
N SER D 202 -11.27 -5.19 -9.12
CA SER D 202 -11.59 -4.08 -10.03
C SER D 202 -11.51 -2.65 -9.41
N SER D 203 -11.94 -2.46 -8.16
CA SER D 203 -11.91 -1.12 -7.56
C SER D 203 -10.51 -0.46 -7.63
N VAL D 204 -9.46 -1.29 -7.70
CA VAL D 204 -8.13 -0.77 -7.82
C VAL D 204 -7.63 -0.90 -9.27
N MET D 205 -7.76 -2.09 -9.86
CA MET D 205 -7.24 -2.35 -11.19
C MET D 205 -7.86 -1.51 -12.29
N LYS D 206 -9.05 -1.00 -12.09
CA LYS D 206 -9.63 -0.18 -13.16
C LYS D 206 -8.84 1.14 -13.27
N HIS D 207 -8.04 1.48 -12.26
CA HIS D 207 -7.22 2.70 -12.29
C HIS D 207 -5.76 2.46 -12.66
N LEU D 208 -5.42 1.20 -12.87
CA LEU D 208 -4.06 0.80 -13.18
C LEU D 208 -3.83 0.33 -14.62
N PRO D 209 -2.59 0.46 -15.10
CA PRO D 209 -2.21 0.04 -16.46
C PRO D 209 -2.26 -1.46 -16.46
N GLY D 210 -2.55 -2.02 -17.62
CA GLY D 210 -2.60 -3.47 -17.72
C GLY D 210 -3.54 -3.95 -18.80
N PRO D 211 -3.60 -5.26 -19.04
CA PRO D 211 -4.47 -5.81 -20.07
C PRO D 211 -5.90 -5.31 -19.92
N GLN D 212 -6.31 -4.99 -18.68
CA GLN D 212 -7.67 -4.48 -18.43
C GLN D 212 -7.97 -3.25 -19.26
N GLN D 213 -6.97 -2.35 -19.32
CA GLN D 213 -7.18 -1.09 -20.06
C GLN D 213 -7.46 -1.37 -21.53
N GLN D 214 -6.75 -2.32 -22.14
CA GLN D 214 -7.01 -2.66 -23.54
C GLN D 214 -8.41 -3.26 -23.73
N ALA D 215 -8.84 -4.08 -22.75
CA ALA D 215 -10.20 -4.64 -22.82
C ALA D 215 -11.21 -3.48 -22.70
N PHE D 216 -10.97 -2.49 -21.83
CA PHE D 216 -11.95 -1.40 -21.72
C PHE D 216 -12.07 -0.67 -23.07
N GLN D 217 -10.95 -0.48 -23.76
CA GLN D 217 -11.04 0.20 -25.07
C GLN D 217 -11.81 -0.66 -26.06
N LEU D 218 -11.63 -1.98 -26.00
CA LEU D 218 -12.44 -2.86 -26.87
C LEU D 218 -13.92 -2.60 -26.59
N LEU D 219 -14.30 -2.54 -25.31
CA LEU D 219 -15.68 -2.26 -24.93
C LEU D 219 -16.14 -0.88 -25.43
N GLN D 220 -15.29 0.11 -25.23
CA GLN D 220 -15.58 1.48 -25.66
C GLN D 220 -15.84 1.52 -27.18
N GLY D 221 -15.04 0.74 -27.94
CA GLY D 221 -15.19 0.71 -29.39
C GLY D 221 -16.55 0.16 -29.80
N LEU D 222 -16.96 -0.91 -29.11
CA LEU D 222 -18.25 -1.50 -29.43
C LEU D 222 -19.36 -0.55 -29.08
N GLU D 223 -19.25 0.12 -27.92
CA GLU D 223 -20.30 1.04 -27.54
C GLU D 223 -20.41 2.20 -28.54
N ASP D 224 -19.27 2.73 -28.96
CA ASP D 224 -19.23 3.86 -29.89
C ASP D 224 -19.97 3.53 -31.15
N PHE D 225 -19.73 2.33 -31.66
CA PHE D 225 -20.37 1.87 -32.88
C PHE D 225 -21.88 1.76 -32.71
N ILE D 226 -22.32 1.19 -31.60
CA ILE D 226 -23.75 1.06 -31.40
C ILE D 226 -24.43 2.45 -31.33
N ALA D 227 -23.80 3.39 -30.62
CA ALA D 227 -24.41 4.71 -30.46
C ALA D 227 -24.50 5.40 -31.82
N LYS D 228 -23.47 5.24 -32.65
CA LYS D 228 -23.46 5.84 -34.00
C LYS D 228 -24.61 5.26 -34.85
N LYS D 229 -24.80 3.94 -34.80
CA LYS D 229 -25.91 3.29 -35.52
C LYS D 229 -27.30 3.77 -35.04
N VAL D 230 -27.43 3.95 -33.73
CA VAL D 230 -28.69 4.43 -33.13
C VAL D 230 -28.99 5.85 -33.63
N GLU D 231 -27.93 6.65 -33.71
CA GLU D 231 -28.00 8.02 -34.21
C GLU D 231 -28.59 7.91 -35.62
N HIS D 232 -27.93 7.16 -36.49
CA HIS D 232 -28.47 7.03 -37.83
C HIS D 232 -29.94 6.61 -37.92
N ASN D 233 -30.34 5.58 -37.17
CA ASN D 233 -31.72 5.16 -37.24
C ASN D 233 -32.57 6.28 -36.75
N GLN D 234 -31.95 7.16 -35.97
CA GLN D 234 -32.58 8.34 -35.38
C GLN D 234 -33.15 9.24 -36.48
N ARG D 235 -32.27 9.64 -37.39
CA ARG D 235 -32.62 10.52 -38.51
C ARG D 235 -33.79 10.01 -39.35
N THR D 236 -33.71 8.76 -39.76
CA THR D 236 -34.71 8.20 -40.63
C THR D 236 -35.77 7.30 -40.05
N LEU D 237 -36.03 7.46 -38.77
CA LEU D 237 -37.04 6.62 -38.16
C LEU D 237 -38.44 6.88 -38.73
N ASP D 238 -39.16 5.80 -39.04
CA ASP D 238 -40.51 5.92 -39.53
C ASP D 238 -41.38 5.38 -38.41
N PRO D 239 -41.80 6.25 -37.47
CA PRO D 239 -42.64 5.83 -36.33
C PRO D 239 -43.69 4.78 -36.69
N ASN D 240 -44.07 4.73 -37.96
CA ASN D 240 -45.10 3.79 -38.40
C ASN D 240 -44.60 2.44 -38.87
N SER D 241 -43.34 2.37 -39.30
CA SER D 241 -42.80 1.10 -39.77
C SER D 241 -41.34 0.89 -39.33
N PRO D 242 -41.14 0.11 -38.24
CA PRO D 242 -39.80 -0.19 -37.67
C PRO D 242 -38.95 -1.09 -38.58
N ARG D 243 -37.69 -0.73 -38.75
CA ARG D 243 -36.83 -1.52 -39.60
C ARG D 243 -36.16 -2.65 -38.82
N ASP D 244 -35.92 -2.41 -37.55
CA ASP D 244 -35.21 -3.37 -36.71
C ASP D 244 -35.45 -3.13 -35.22
N PHE D 245 -34.70 -3.86 -34.40
CA PHE D 245 -34.81 -3.72 -32.96
C PHE D 245 -34.60 -2.29 -32.45
N ILE D 246 -33.64 -1.58 -33.02
CA ILE D 246 -33.34 -0.21 -32.58
C ILE D 246 -34.55 0.72 -32.86
N ASP D 247 -35.17 0.55 -34.02
CA ASP D 247 -36.33 1.36 -34.38
C ASP D 247 -37.47 1.12 -33.41
N SER D 248 -37.79 -0.13 -33.16
CA SER D 248 -38.86 -0.45 -32.24
C SER D 248 -38.61 0.21 -30.89
N PHE D 249 -37.41 0.02 -30.35
CA PHE D 249 -37.06 0.61 -29.07
C PHE D 249 -37.21 2.13 -29.16
N LEU D 250 -36.75 2.76 -30.24
CA LEU D 250 -36.86 4.22 -30.42
C LEU D 250 -38.30 4.74 -30.42
N ILE D 251 -39.20 3.91 -30.92
CA ILE D 251 -40.61 4.24 -30.97
C ILE D 251 -41.20 4.15 -29.55
N ARG D 252 -40.83 3.10 -28.84
CA ARG D 252 -41.27 2.90 -27.46
C ARG D 252 -40.75 4.13 -26.69
N MET D 253 -39.55 4.58 -27.00
CA MET D 253 -39.02 5.76 -26.33
C MET D 253 -39.96 6.95 -26.56
N GLN D 254 -40.51 7.10 -27.78
CA GLN D 254 -41.42 8.20 -28.09
C GLN D 254 -42.68 8.14 -27.23
N GLU D 255 -43.27 6.97 -27.17
CA GLU D 255 -44.50 6.76 -26.41
C GLU D 255 -44.32 6.93 -24.88
N GLU D 256 -43.08 6.78 -24.41
CA GLU D 256 -42.75 6.90 -22.99
C GLU D 256 -42.20 8.24 -22.59
N GLU D 257 -42.08 9.14 -23.56
CA GLU D 257 -41.55 10.48 -23.35
C GLU D 257 -42.28 11.20 -22.22
N LYS D 258 -43.56 10.84 -22.05
CA LYS D 258 -44.37 11.44 -21.02
C LYS D 258 -44.54 10.58 -19.78
N ASN D 259 -43.43 9.96 -19.36
CA ASN D 259 -43.39 9.13 -18.15
C ASN D 259 -41.98 9.35 -17.59
N PRO D 260 -41.89 10.20 -16.55
CA PRO D 260 -40.59 10.50 -15.94
C PRO D 260 -39.86 9.26 -15.38
N ASN D 261 -40.58 8.19 -15.12
CA ASN D 261 -39.95 6.99 -14.58
C ASN D 261 -39.81 5.88 -15.60
N THR D 262 -39.78 6.22 -16.88
CA THR D 262 -39.66 5.19 -17.89
C THR D 262 -38.26 4.55 -17.84
N GLU D 263 -38.16 3.29 -18.26
CA GLU D 263 -36.86 2.60 -18.35
C GLU D 263 -36.44 2.69 -19.82
N PHE D 264 -37.35 3.19 -20.67
CA PHE D 264 -37.07 3.30 -22.10
C PHE D 264 -36.46 4.66 -22.49
N TYR D 265 -35.14 4.73 -22.39
CA TYR D 265 -34.43 5.93 -22.76
C TYR D 265 -33.15 5.52 -23.44
N LEU D 266 -32.46 6.48 -24.03
CA LEU D 266 -31.25 6.19 -24.80
C LEU D 266 -30.20 5.22 -24.22
N LYS D 267 -29.76 5.42 -22.97
CA LYS D 267 -28.71 4.55 -22.42
C LYS D 267 -29.13 3.07 -22.39
N ASN D 268 -30.38 2.80 -22.01
CA ASN D 268 -30.88 1.44 -21.98
C ASN D 268 -31.01 0.88 -23.39
N LEU D 269 -31.24 1.75 -24.37
CA LEU D 269 -31.32 1.30 -25.76
C LEU D 269 -29.93 0.88 -26.22
N VAL D 270 -28.98 1.81 -26.09
CA VAL D 270 -27.63 1.54 -26.52
C VAL D 270 -27.03 0.29 -25.84
N MET D 271 -27.17 0.20 -24.53
CA MET D 271 -26.59 -0.92 -23.78
C MET D 271 -27.33 -2.20 -24.07
N THR D 272 -28.66 -2.17 -24.22
CA THR D 272 -29.39 -3.41 -24.55
C THR D 272 -28.99 -3.94 -25.93
N THR D 273 -28.88 -3.02 -26.90
CA THR D 273 -28.50 -3.42 -28.24
C THR D 273 -27.09 -4.06 -28.24
N LEU D 274 -26.19 -3.45 -27.49
CA LEU D 274 -24.81 -3.94 -27.38
C LEU D 274 -24.81 -5.37 -26.74
N ASN D 275 -25.62 -5.54 -25.70
CA ASN D 275 -25.79 -6.85 -25.03
C ASN D 275 -26.21 -7.88 -26.07
N LEU D 276 -27.14 -7.51 -26.96
CA LEU D 276 -27.62 -8.49 -27.93
C LEU D 276 -26.57 -8.76 -29.01
N PHE D 277 -25.90 -7.69 -29.45
CA PHE D 277 -24.87 -7.83 -30.47
C PHE D 277 -23.73 -8.74 -29.96
N ILE D 278 -23.33 -8.54 -28.69
CA ILE D 278 -22.24 -9.35 -28.12
C ILE D 278 -22.74 -10.75 -27.78
N GLY D 279 -23.81 -10.80 -27.01
CA GLY D 279 -24.36 -12.06 -26.57
C GLY D 279 -24.80 -12.97 -27.67
N GLY D 280 -25.24 -12.37 -28.74
CA GLY D 280 -25.71 -13.18 -29.84
C GLY D 280 -24.59 -13.52 -30.80
N THR D 281 -23.39 -12.96 -30.62
CA THR D 281 -22.29 -13.27 -31.55
C THR D 281 -21.24 -14.20 -30.95
N GLU D 282 -20.67 -13.78 -29.83
CA GLU D 282 -19.56 -14.53 -29.33
C GLU D 282 -19.81 -15.92 -28.75
N THR D 283 -20.98 -16.13 -28.15
CA THR D 283 -21.34 -17.43 -27.56
C THR D 283 -21.51 -18.49 -28.65
N VAL D 284 -22.31 -18.19 -29.70
CA VAL D 284 -22.51 -19.12 -30.79
C VAL D 284 -21.18 -19.28 -31.57
N SER D 285 -20.43 -18.19 -31.70
CA SER D 285 -19.21 -18.30 -32.49
C SER D 285 -18.23 -19.26 -31.83
N THR D 286 -18.10 -19.11 -30.54
CA THR D 286 -17.11 -19.94 -29.80
C THR D 286 -17.60 -21.37 -29.84
N THR D 287 -18.91 -21.57 -29.72
CA THR D 287 -19.45 -22.95 -29.77
C THR D 287 -19.17 -23.66 -31.11
N LEU D 288 -19.36 -22.96 -32.22
CA LEU D 288 -19.10 -23.53 -33.55
C LEU D 288 -17.61 -23.83 -33.68
N ARG D 289 -16.79 -22.86 -33.28
CA ARG D 289 -15.37 -23.02 -33.42
C ARG D 289 -14.85 -24.22 -32.60
N TYR D 290 -15.40 -24.40 -31.41
CA TYR D 290 -14.99 -25.51 -30.53
C TYR D 290 -15.51 -26.80 -31.15
N GLY D 291 -16.75 -26.73 -31.67
CA GLY D 291 -17.35 -27.89 -32.31
C GLY D 291 -16.56 -28.49 -33.49
N PHE D 292 -16.05 -27.67 -34.38
CA PHE D 292 -15.31 -28.21 -35.51
C PHE D 292 -13.99 -28.84 -35.06
N LEU D 293 -13.40 -28.27 -34.03
CA LEU D 293 -12.14 -28.83 -33.53
C LEU D 293 -12.45 -30.19 -32.92
N LEU D 294 -13.62 -30.30 -32.30
CA LEU D 294 -14.03 -31.57 -31.67
C LEU D 294 -14.32 -32.61 -32.75
N LEU D 295 -14.96 -32.20 -33.86
CA LEU D 295 -15.27 -33.17 -34.92
C LEU D 295 -13.96 -33.65 -35.58
N MET D 296 -12.94 -32.79 -35.72
CA MET D 296 -11.70 -33.29 -36.33
C MET D 296 -10.93 -34.23 -35.38
N LYS D 297 -11.13 -34.01 -34.08
CA LYS D 297 -10.52 -34.86 -33.06
C LYS D 297 -11.24 -36.23 -33.05
N HIS D 298 -12.50 -36.30 -33.48
CA HIS D 298 -13.24 -37.54 -33.47
C HIS D 298 -13.82 -37.84 -34.86
N PRO D 299 -12.95 -38.23 -35.80
CA PRO D 299 -13.34 -38.52 -37.18
C PRO D 299 -14.50 -39.51 -37.24
N GLU D 300 -14.57 -40.46 -36.31
CA GLU D 300 -15.69 -41.39 -36.34
C GLU D 300 -17.02 -40.69 -36.13
N VAL D 301 -17.00 -39.59 -35.36
CA VAL D 301 -18.24 -38.88 -35.09
C VAL D 301 -18.60 -38.10 -36.36
N GLU D 302 -17.60 -37.53 -37.01
CA GLU D 302 -17.83 -36.80 -38.23
C GLU D 302 -18.45 -37.74 -39.30
N ALA D 303 -17.92 -38.97 -39.38
CA ALA D 303 -18.41 -39.96 -40.35
C ALA D 303 -19.89 -40.32 -40.10
N LYS D 304 -20.29 -40.42 -38.83
CA LYS D 304 -21.67 -40.75 -38.53
C LYS D 304 -22.54 -39.56 -38.83
N VAL D 305 -22.04 -38.36 -38.59
CA VAL D 305 -22.81 -37.17 -38.90
C VAL D 305 -22.98 -37.09 -40.44
N HIS D 306 -21.92 -37.41 -41.17
CA HIS D 306 -22.04 -37.37 -42.63
C HIS D 306 -23.08 -38.38 -43.16
N GLU D 307 -23.07 -39.59 -42.56
CA GLU D 307 -24.00 -40.65 -42.93
C GLU D 307 -25.43 -40.16 -42.73
N GLU D 308 -25.72 -39.59 -41.58
CA GLU D 308 -27.07 -39.12 -41.29
C GLU D 308 -27.53 -37.96 -42.18
N ILE D 309 -26.67 -37.00 -42.41
CA ILE D 309 -27.07 -35.89 -43.24
C ILE D 309 -27.32 -36.35 -44.67
N ASP D 310 -26.45 -37.22 -45.18
CA ASP D 310 -26.59 -37.71 -46.55
C ASP D 310 -27.85 -38.51 -46.72
N ARG D 311 -28.24 -39.22 -45.66
CA ARG D 311 -29.43 -40.01 -45.75
C ARG D 311 -30.72 -39.23 -45.52
N VAL D 312 -30.75 -38.32 -44.55
CA VAL D 312 -31.98 -37.59 -44.27
C VAL D 312 -32.23 -36.35 -45.14
N ILE D 313 -31.12 -35.65 -45.45
CA ILE D 313 -31.14 -34.42 -46.22
C ILE D 313 -30.71 -34.45 -47.70
N GLY D 314 -29.61 -35.14 -48.00
CA GLY D 314 -29.12 -35.21 -49.36
C GLY D 314 -28.05 -34.16 -49.61
N LYS D 315 -27.65 -33.97 -50.87
CA LYS D 315 -26.59 -33.01 -51.19
C LYS D 315 -27.09 -31.80 -51.97
N ASN D 316 -28.39 -31.75 -52.26
CA ASN D 316 -28.91 -30.64 -53.05
C ASN D 316 -29.64 -29.57 -52.26
N ARG D 317 -30.57 -30.06 -51.43
CA ARG D 317 -31.44 -29.27 -50.56
C ARG D 317 -30.74 -28.58 -49.39
N GLN D 318 -31.09 -27.35 -49.05
CA GLN D 318 -30.41 -26.80 -47.89
C GLN D 318 -31.15 -27.28 -46.65
N PRO D 319 -30.42 -27.60 -45.58
CA PRO D 319 -31.08 -28.07 -44.35
C PRO D 319 -32.11 -27.05 -43.82
N LYS D 320 -33.16 -27.56 -43.19
CA LYS D 320 -34.22 -26.73 -42.57
C LYS D 320 -34.24 -27.15 -41.08
N PHE D 321 -34.62 -26.24 -40.18
CA PHE D 321 -34.61 -26.59 -38.75
C PHE D 321 -35.44 -27.88 -38.48
N GLU D 322 -36.56 -28.04 -39.17
CA GLU D 322 -37.40 -29.23 -39.01
C GLU D 322 -36.62 -30.58 -39.18
N ASP D 323 -35.54 -30.57 -39.99
CA ASP D 323 -34.76 -31.78 -40.22
C ASP D 323 -34.20 -32.39 -38.94
N ARG D 324 -34.17 -31.61 -37.86
CA ARG D 324 -33.59 -32.13 -36.62
C ARG D 324 -34.37 -33.33 -36.09
N ALA D 325 -35.66 -33.34 -36.35
CA ALA D 325 -36.54 -34.42 -35.88
C ALA D 325 -36.14 -35.79 -36.39
N LYS D 326 -35.45 -35.83 -37.51
CA LYS D 326 -35.00 -37.09 -38.11
C LYS D 326 -33.49 -37.29 -37.98
N MET D 327 -32.82 -36.34 -37.33
CA MET D 327 -31.37 -36.42 -37.17
C MET D 327 -30.98 -36.45 -35.70
N PRO D 328 -31.35 -37.52 -35.01
CA PRO D 328 -31.02 -37.61 -33.61
C PRO D 328 -29.49 -37.62 -33.38
N TYR D 329 -28.70 -38.17 -34.30
CA TYR D 329 -27.29 -38.18 -34.03
C TYR D 329 -26.72 -36.76 -34.11
N MET D 330 -27.11 -35.98 -35.12
CA MET D 330 -26.61 -34.61 -35.24
C MET D 330 -27.04 -33.83 -33.98
N GLU D 331 -28.29 -34.07 -33.57
CA GLU D 331 -28.79 -33.38 -32.42
C GLU D 331 -27.97 -33.79 -31.16
N ALA D 332 -27.61 -35.07 -31.05
CA ALA D 332 -26.80 -35.48 -29.90
C ALA D 332 -25.39 -34.85 -30.01
N VAL D 333 -24.86 -34.76 -31.21
CA VAL D 333 -23.55 -34.16 -31.42
C VAL D 333 -23.49 -32.68 -31.00
N ILE D 334 -24.51 -31.89 -31.38
CA ILE D 334 -24.54 -30.47 -31.06
C ILE D 334 -24.73 -30.29 -29.58
N HIS D 335 -25.55 -31.14 -28.97
CA HIS D 335 -25.77 -31.05 -27.51
C HIS D 335 -24.45 -31.40 -26.80
N GLU D 336 -23.76 -32.45 -27.27
CA GLU D 336 -22.49 -32.85 -26.66
C GLU D 336 -21.42 -31.77 -26.92
N ILE D 337 -21.53 -31.05 -28.03
CA ILE D 337 -20.54 -29.99 -28.25
C ILE D 337 -20.78 -28.86 -27.22
N GLN D 338 -22.03 -28.48 -26.98
CA GLN D 338 -22.30 -27.47 -25.99
C GLN D 338 -21.96 -27.98 -24.57
N ARG D 339 -22.18 -29.27 -24.33
CA ARG D 339 -21.91 -29.81 -23.02
C ARG D 339 -20.38 -29.83 -22.73
N PHE D 340 -19.62 -30.37 -23.67
CA PHE D 340 -18.18 -30.46 -23.54
C PHE D 340 -17.52 -29.10 -23.58
N GLY D 341 -18.03 -28.24 -24.47
CA GLY D 341 -17.52 -26.88 -24.70
C GLY D 341 -17.69 -25.97 -23.52
N ASP D 342 -18.82 -26.09 -22.80
CA ASP D 342 -19.06 -25.32 -21.57
C ASP D 342 -18.67 -23.85 -21.75
N VAL D 343 -19.21 -23.20 -22.76
CA VAL D 343 -18.83 -21.83 -23.10
C VAL D 343 -18.85 -20.75 -22.03
N ILE D 344 -19.85 -20.77 -21.14
CA ILE D 344 -19.97 -19.80 -20.05
C ILE D 344 -20.01 -20.74 -18.83
N PRO D 345 -18.84 -21.16 -18.34
CA PRO D 345 -18.75 -22.11 -17.22
C PRO D 345 -19.29 -21.74 -15.87
N MET D 346 -19.30 -20.45 -15.54
CA MET D 346 -19.84 -20.05 -14.25
C MET D 346 -21.05 -19.17 -14.49
N SER D 347 -21.68 -19.28 -15.66
CA SER D 347 -22.90 -18.51 -16.01
C SER D 347 -22.62 -17.02 -15.86
N LEU D 348 -23.70 -16.22 -15.80
CA LEU D 348 -23.54 -14.79 -15.46
C LEU D 348 -24.01 -14.83 -14.04
N ALA D 349 -23.29 -14.17 -13.14
CA ALA D 349 -23.67 -14.16 -11.74
C ALA D 349 -25.08 -13.73 -11.38
N ARG D 350 -25.70 -14.42 -10.41
CA ARG D 350 -27.03 -13.98 -9.96
C ARG D 350 -26.80 -13.29 -8.61
N ARG D 351 -27.90 -12.86 -7.98
CA ARG D 351 -27.88 -12.18 -6.70
C ARG D 351 -29.22 -12.53 -6.02
N VAL D 352 -29.27 -12.77 -4.71
CA VAL D 352 -30.59 -13.06 -4.10
C VAL D 352 -31.34 -11.76 -3.91
N LYS D 353 -32.62 -11.77 -4.29
CA LYS D 353 -33.48 -10.58 -4.25
C LYS D 353 -33.78 -10.05 -2.83
N LYS D 354 -33.93 -10.96 -1.88
CA LYS D 354 -34.20 -10.61 -0.47
C LYS D 354 -33.53 -11.65 0.43
N ASP D 355 -33.54 -11.41 1.73
CA ASP D 355 -32.97 -12.35 2.69
C ASP D 355 -33.57 -13.70 2.28
N THR D 356 -32.70 -14.71 2.14
CA THR D 356 -33.17 -16.02 1.68
C THR D 356 -32.70 -17.23 2.48
N LYS D 357 -33.61 -18.20 2.69
CA LYS D 357 -33.19 -19.46 3.35
C LYS D 357 -33.01 -20.46 2.22
N PHE D 358 -31.81 -21.03 2.07
CA PHE D 358 -31.55 -21.98 1.02
C PHE D 358 -30.89 -23.16 1.71
N ARG D 359 -31.50 -24.34 1.61
CA ARG D 359 -30.98 -25.51 2.30
C ARG D 359 -30.83 -25.13 3.76
N ASP D 360 -29.74 -25.43 4.42
CA ASP D 360 -29.73 -24.99 5.82
C ASP D 360 -29.01 -23.66 5.98
N PHE D 361 -28.99 -22.85 4.93
CA PHE D 361 -28.21 -21.60 5.03
C PHE D 361 -29.06 -20.36 4.95
N PHE D 362 -28.48 -19.24 5.38
CA PHE D 362 -29.16 -17.97 5.32
C PHE D 362 -28.33 -17.11 4.39
N LEU D 363 -28.99 -16.58 3.37
CA LEU D 363 -28.28 -15.73 2.41
C LEU D 363 -28.90 -14.34 2.45
N PRO D 364 -28.18 -13.34 3.04
CA PRO D 364 -28.63 -11.96 3.14
C PRO D 364 -28.97 -11.41 1.76
N LYS D 365 -29.99 -10.58 1.69
CA LYS D 365 -30.40 -9.93 0.43
C LYS D 365 -29.14 -9.26 -0.20
N GLY D 366 -28.95 -9.40 -1.51
CA GLY D 366 -27.80 -8.77 -2.11
C GLY D 366 -26.63 -9.72 -2.35
N THR D 367 -26.64 -10.87 -1.66
CA THR D 367 -25.55 -11.83 -1.82
C THR D 367 -25.42 -12.33 -3.27
N GLU D 368 -24.22 -12.21 -3.84
CA GLU D 368 -23.96 -12.67 -5.20
C GLU D 368 -23.90 -14.20 -5.22
N VAL D 369 -24.31 -14.76 -6.34
CA VAL D 369 -24.35 -16.20 -6.48
C VAL D 369 -23.70 -16.61 -7.78
N TYR D 370 -22.83 -17.62 -7.70
CA TYR D 370 -22.18 -18.16 -8.88
C TYR D 370 -22.77 -19.53 -9.19
N PRO D 371 -23.66 -19.64 -10.20
CA PRO D 371 -24.21 -20.98 -10.52
C PRO D 371 -23.16 -21.61 -11.44
N MET D 372 -22.50 -22.68 -10.98
CA MET D 372 -21.43 -23.27 -11.78
C MET D 372 -21.95 -24.21 -12.86
N LEU D 373 -22.36 -23.64 -14.00
CA LEU D 373 -22.95 -24.41 -15.08
C LEU D 373 -22.05 -25.53 -15.56
N GLY D 374 -20.76 -25.28 -15.58
CA GLY D 374 -19.85 -26.32 -16.00
C GLY D 374 -19.91 -27.57 -15.13
N SER D 375 -20.19 -27.41 -13.83
CA SER D 375 -20.27 -28.55 -12.89
C SER D 375 -21.54 -29.32 -13.09
N VAL D 376 -22.53 -28.70 -13.76
CA VAL D 376 -23.82 -29.37 -14.06
C VAL D 376 -23.59 -30.15 -15.37
N LEU D 377 -23.02 -29.45 -16.36
CA LEU D 377 -22.68 -30.05 -17.64
C LEU D 377 -21.75 -31.27 -17.41
N ARG D 378 -20.93 -31.25 -16.35
CA ARG D 378 -20.07 -32.43 -16.09
C ARG D 378 -20.52 -33.24 -14.86
N ASP D 379 -21.79 -33.11 -14.49
CA ASP D 379 -22.24 -33.82 -13.30
C ASP D 379 -22.18 -35.33 -13.50
N PRO D 380 -21.35 -36.02 -12.69
CA PRO D 380 -21.27 -37.47 -12.88
C PRO D 380 -22.54 -38.26 -12.63
N SER D 381 -23.54 -37.66 -11.99
CA SER D 381 -24.80 -38.38 -11.82
C SER D 381 -25.65 -38.27 -13.05
N PHE D 382 -25.22 -37.46 -14.04
CA PHE D 382 -26.01 -37.31 -15.27
C PHE D 382 -25.33 -37.73 -16.54
N PHE D 383 -24.01 -37.81 -16.53
CA PHE D 383 -23.25 -38.16 -17.72
C PHE D 383 -22.23 -39.21 -17.29
N SER D 384 -22.19 -40.34 -17.99
CA SER D 384 -21.26 -41.45 -17.64
C SER D 384 -19.76 -41.16 -17.79
N ASN D 385 -19.35 -40.34 -18.76
CA ASN D 385 -17.91 -40.02 -18.91
C ASN D 385 -17.85 -38.50 -19.17
N PRO D 386 -18.26 -37.71 -18.17
CA PRO D 386 -18.28 -36.26 -18.27
C PRO D 386 -17.02 -35.57 -18.79
N GLN D 387 -15.85 -36.18 -18.63
CA GLN D 387 -14.62 -35.56 -19.15
C GLN D 387 -14.36 -35.93 -20.61
N ASP D 388 -15.16 -36.83 -21.16
CA ASP D 388 -14.98 -37.25 -22.53
C ASP D 388 -15.98 -36.59 -23.49
N PHE D 389 -15.58 -36.43 -24.76
CA PHE D 389 -16.51 -35.91 -25.77
C PHE D 389 -17.18 -37.20 -26.29
N ASN D 390 -18.46 -37.39 -25.96
CA ASN D 390 -19.15 -38.61 -26.39
C ASN D 390 -20.64 -38.35 -26.64
N PRO D 391 -21.06 -38.27 -27.92
CA PRO D 391 -22.47 -38.03 -28.26
C PRO D 391 -23.45 -39.01 -27.66
N GLN D 392 -22.97 -40.19 -27.26
CA GLN D 392 -23.86 -41.18 -26.62
C GLN D 392 -24.48 -40.58 -25.35
N HIS D 393 -23.88 -39.51 -24.80
CA HIS D 393 -24.45 -38.92 -23.59
C HIS D 393 -25.87 -38.44 -23.83
N PHE D 394 -26.25 -38.18 -25.08
CA PHE D 394 -27.60 -37.72 -25.48
C PHE D 394 -28.36 -38.68 -26.42
N LEU D 395 -28.04 -39.97 -26.36
CA LEU D 395 -28.72 -40.95 -27.20
C LEU D 395 -29.26 -42.11 -26.37
N ASN D 396 -30.31 -42.74 -26.90
CA ASN D 396 -30.95 -43.94 -26.31
C ASN D 396 -30.11 -45.13 -26.70
N GLU D 397 -30.54 -46.30 -26.22
CA GLU D 397 -29.91 -47.55 -26.56
C GLU D 397 -30.50 -47.77 -27.96
N LYS D 398 -31.70 -47.22 -28.16
CA LYS D 398 -32.43 -47.26 -29.42
C LYS D 398 -31.81 -46.25 -30.39
N GLY D 399 -30.90 -45.40 -29.91
CA GLY D 399 -30.32 -44.41 -30.79
C GLY D 399 -31.19 -43.19 -31.02
N GLN D 400 -32.21 -42.97 -30.18
CA GLN D 400 -33.03 -41.75 -30.34
C GLN D 400 -32.44 -40.66 -29.42
N PHE D 401 -32.79 -39.41 -29.69
CA PHE D 401 -32.27 -38.32 -28.87
C PHE D 401 -32.83 -38.34 -27.43
N LYS D 402 -31.94 -38.13 -26.45
CA LYS D 402 -32.32 -38.15 -25.03
C LYS D 402 -31.92 -36.85 -24.29
N LYS D 403 -32.92 -36.08 -23.85
CA LYS D 403 -32.72 -34.85 -23.12
C LYS D 403 -32.05 -35.18 -21.76
N SER D 404 -31.48 -34.15 -21.12
CA SER D 404 -30.87 -34.32 -19.80
C SER D 404 -31.26 -33.10 -18.98
N ASP D 405 -31.68 -33.27 -17.73
CA ASP D 405 -32.00 -32.14 -16.89
C ASP D 405 -30.64 -31.44 -16.55
N ALA D 406 -29.51 -32.08 -16.83
CA ALA D 406 -28.20 -31.44 -16.57
C ALA D 406 -27.65 -30.65 -17.77
N PHE D 407 -28.45 -30.57 -18.85
CA PHE D 407 -28.03 -29.78 -20.03
C PHE D 407 -28.51 -28.36 -19.77
N VAL D 408 -27.61 -27.57 -19.22
CA VAL D 408 -27.93 -26.22 -18.84
C VAL D 408 -26.95 -25.13 -19.35
N PRO D 409 -26.48 -25.22 -20.61
CA PRO D 409 -25.55 -24.20 -21.12
C PRO D 409 -26.11 -22.77 -21.22
N PHE D 410 -27.44 -22.65 -21.28
CA PHE D 410 -28.13 -21.37 -21.36
C PHE D 410 -28.65 -21.00 -19.99
N SER D 411 -28.20 -21.75 -18.99
CA SER D 411 -28.64 -21.57 -17.63
C SER D 411 -30.12 -21.93 -17.53
N ILE D 412 -30.73 -21.63 -16.40
CA ILE D 412 -32.13 -21.95 -16.16
C ILE D 412 -32.70 -20.91 -15.20
N GLY D 413 -34.02 -20.90 -15.02
CA GLY D 413 -34.55 -19.94 -14.11
C GLY D 413 -35.00 -18.63 -14.74
N LYS D 414 -35.36 -17.67 -13.90
CA LYS D 414 -35.90 -16.37 -14.32
C LYS D 414 -35.07 -15.39 -15.16
N ARG D 415 -33.74 -15.50 -15.13
CA ARG D 415 -32.93 -14.60 -15.96
C ARG D 415 -32.09 -15.46 -16.89
N ASN D 416 -32.66 -16.60 -17.30
CA ASN D 416 -31.97 -17.54 -18.18
C ASN D 416 -31.84 -16.88 -19.52
N CYS D 417 -31.07 -17.50 -20.37
CA CYS D 417 -30.84 -16.93 -21.68
C CYS D 417 -32.11 -16.89 -22.53
N PHE D 418 -32.53 -15.68 -22.95
CA PHE D 418 -33.68 -15.66 -23.84
C PHE D 418 -33.25 -15.68 -25.31
N GLY D 419 -31.95 -15.86 -25.55
CA GLY D 419 -31.48 -15.98 -26.92
C GLY D 419 -31.39 -17.47 -27.26
N GLU D 420 -31.79 -18.33 -26.32
CA GLU D 420 -31.68 -19.77 -26.56
C GLU D 420 -32.31 -20.33 -27.84
N GLY D 421 -33.53 -19.90 -28.16
CA GLY D 421 -34.18 -20.39 -29.38
C GLY D 421 -33.38 -20.05 -30.63
N LEU D 422 -33.00 -18.79 -30.72
CA LEU D 422 -32.20 -18.31 -31.83
C LEU D 422 -30.88 -19.13 -31.88
N ALA D 423 -30.20 -19.26 -30.75
CA ALA D 423 -28.93 -20.01 -30.73
C ALA D 423 -29.06 -21.46 -31.20
N ARG D 424 -30.08 -22.14 -30.72
CA ARG D 424 -30.31 -23.55 -31.14
C ARG D 424 -30.53 -23.64 -32.64
N MET D 425 -31.26 -22.68 -33.19
CA MET D 425 -31.54 -22.68 -34.62
C MET D 425 -30.25 -22.39 -35.39
N GLU D 426 -29.48 -21.42 -34.91
CA GLU D 426 -28.22 -21.09 -35.55
C GLU D 426 -27.29 -22.30 -35.48
N LEU D 427 -27.15 -22.91 -34.30
CA LEU D 427 -26.24 -24.08 -34.19
C LEU D 427 -26.63 -25.27 -35.08
N PHE D 428 -27.89 -25.65 -35.05
CA PHE D 428 -28.34 -26.72 -35.93
C PHE D 428 -28.12 -26.35 -37.41
N LEU D 429 -28.57 -25.18 -37.85
CA LEU D 429 -28.39 -24.86 -39.26
C LEU D 429 -26.97 -24.68 -39.73
N PHE D 430 -26.12 -24.02 -38.94
CA PHE D 430 -24.73 -23.82 -39.34
C PHE D 430 -23.94 -25.12 -39.32
N PHE D 431 -24.09 -25.93 -38.27
CA PHE D 431 -23.32 -27.19 -38.27
C PHE D 431 -23.73 -28.12 -39.39
N THR D 432 -25.03 -28.26 -39.61
CA THR D 432 -25.47 -29.19 -40.65
C THR D 432 -25.16 -28.70 -42.07
N THR D 433 -25.33 -27.39 -42.33
CA THR D 433 -25.04 -26.89 -43.68
C THR D 433 -23.54 -27.00 -43.99
N VAL D 434 -22.71 -26.71 -43.00
CA VAL D 434 -21.30 -26.83 -43.24
C VAL D 434 -20.95 -28.31 -43.42
N MET D 435 -21.39 -29.18 -42.51
CA MET D 435 -21.01 -30.63 -42.64
C MET D 435 -21.56 -31.26 -43.90
N GLN D 436 -22.76 -30.82 -44.31
CA GLN D 436 -23.31 -31.35 -45.57
C GLN D 436 -22.36 -31.04 -46.74
N ASN D 437 -21.78 -29.85 -46.74
CA ASN D 437 -20.94 -29.46 -47.85
C ASN D 437 -19.47 -29.74 -47.77
N PHE D 438 -18.95 -29.93 -46.57
CA PHE D 438 -17.50 -30.14 -46.45
C PHE D 438 -17.10 -31.26 -45.47
N ARG D 439 -15.91 -31.80 -45.66
CA ARG D 439 -15.38 -32.75 -44.71
C ARG D 439 -14.26 -31.95 -44.06
N LEU D 440 -13.95 -32.23 -42.81
CA LEU D 440 -12.93 -31.46 -42.11
C LEU D 440 -11.53 -32.08 -42.15
N LYS D 441 -10.52 -31.25 -42.42
CA LYS D 441 -9.16 -31.77 -42.41
C LYS D 441 -8.28 -30.85 -41.57
N SER D 442 -7.64 -31.41 -40.54
CA SER D 442 -6.77 -30.62 -39.67
C SER D 442 -5.35 -30.69 -40.14
N SER D 443 -4.56 -29.75 -39.66
CA SER D 443 -3.15 -29.71 -40.00
C SER D 443 -2.35 -30.71 -39.15
N GLN D 444 -2.99 -31.35 -38.18
CA GLN D 444 -2.33 -32.34 -37.31
C GLN D 444 -3.16 -33.62 -37.33
N SER D 445 -2.67 -34.73 -36.75
CA SER D 445 -3.46 -35.98 -36.75
C SER D 445 -4.38 -35.95 -35.53
N PRO D 446 -5.51 -36.67 -35.55
CA PRO D 446 -6.45 -36.67 -34.43
C PRO D 446 -5.77 -36.82 -33.07
N LYS D 447 -4.98 -37.88 -32.93
CA LYS D 447 -4.25 -38.15 -31.70
C LYS D 447 -3.51 -36.92 -31.16
N ASP D 448 -2.97 -36.07 -32.04
CA ASP D 448 -2.25 -34.89 -31.56
C ASP D 448 -3.10 -33.60 -31.36
N ILE D 449 -4.37 -33.63 -31.72
CA ILE D 449 -5.18 -32.42 -31.55
C ILE D 449 -5.51 -32.21 -30.05
N ASP D 450 -5.24 -31.00 -29.56
CA ASP D 450 -5.49 -30.65 -28.18
C ASP D 450 -6.81 -29.87 -28.06
N VAL D 451 -7.79 -30.57 -27.52
CA VAL D 451 -9.17 -30.16 -27.29
C VAL D 451 -9.40 -29.51 -25.88
N SER D 452 -8.36 -29.51 -25.03
CA SER D 452 -8.45 -28.85 -23.72
C SER D 452 -8.42 -27.35 -24.04
N PRO D 453 -9.12 -26.54 -23.23
CA PRO D 453 -9.19 -25.09 -23.46
C PRO D 453 -7.91 -24.29 -23.35
N LYS D 454 -7.85 -23.24 -24.14
CA LYS D 454 -6.72 -22.36 -24.09
C LYS D 454 -6.87 -21.50 -22.82
N HIS D 455 -8.10 -21.01 -22.57
CA HIS D 455 -8.40 -20.16 -21.39
C HIS D 455 -9.76 -20.56 -20.83
N VAL D 456 -9.93 -20.40 -19.52
CA VAL D 456 -11.22 -20.64 -18.87
C VAL D 456 -11.35 -19.65 -17.73
N GLY D 457 -12.40 -18.83 -17.77
CA GLY D 457 -12.67 -17.88 -16.72
C GLY D 457 -14.17 -17.58 -16.93
N PHE D 458 -14.46 -16.39 -17.42
CA PHE D 458 -15.83 -16.06 -17.73
C PHE D 458 -16.33 -17.01 -18.85
N ALA D 459 -15.50 -17.26 -19.85
CA ALA D 459 -15.90 -18.17 -20.91
C ALA D 459 -14.84 -19.25 -20.98
N THR D 460 -15.10 -20.28 -21.78
CA THR D 460 -14.14 -21.35 -22.07
C THR D 460 -13.68 -21.10 -23.53
N ILE D 461 -12.40 -20.88 -23.75
CA ILE D 461 -11.91 -20.57 -25.10
C ILE D 461 -11.09 -21.70 -25.68
N PRO D 462 -11.43 -22.19 -26.88
CA PRO D 462 -10.62 -23.31 -27.42
C PRO D 462 -9.32 -22.79 -27.93
N ARG D 463 -8.32 -23.67 -27.98
CA ARG D 463 -7.01 -23.26 -28.50
C ARG D 463 -7.08 -22.79 -29.96
N ASN D 464 -6.09 -21.97 -30.32
CA ASN D 464 -5.98 -21.49 -31.70
C ASN D 464 -5.66 -22.67 -32.61
N TYR D 465 -6.25 -22.69 -33.80
CA TYR D 465 -5.99 -23.78 -34.74
C TYR D 465 -6.36 -23.35 -36.14
N THR D 466 -5.88 -24.13 -37.12
CA THR D 466 -6.17 -23.92 -38.53
C THR D 466 -6.68 -25.26 -39.02
N MET D 467 -7.38 -25.22 -40.14
CA MET D 467 -7.96 -26.44 -40.69
C MET D 467 -8.34 -26.18 -42.14
N SER D 468 -8.73 -27.24 -42.85
CA SER D 468 -9.17 -27.12 -44.23
C SER D 468 -10.57 -27.68 -44.36
N PHE D 469 -11.40 -26.98 -45.15
CA PHE D 469 -12.75 -27.42 -45.44
C PHE D 469 -12.67 -27.96 -46.87
N LEU D 470 -12.84 -29.26 -47.03
CA LEU D 470 -12.71 -29.91 -48.34
C LEU D 470 -14.08 -30.21 -48.90
N PRO D 471 -14.39 -29.73 -50.11
CA PRO D 471 -15.72 -30.02 -50.65
C PRO D 471 -15.92 -31.52 -50.68
N ARG D 472 -17.11 -31.97 -50.29
CA ARG D 472 -17.45 -33.38 -50.23
C ARG D 472 -17.87 -33.90 -51.59
#